data_3L5N
#
_entry.id   3L5N
#
_cell.length_a   128.026
_cell.length_b   128.026
_cell.length_c   468.591
_cell.angle_alpha   90.00
_cell.angle_beta   90.00
_cell.angle_gamma   90.00
#
_symmetry.space_group_name_H-M   'P 41 21 2'
#
loop_
_entity.id
_entity.type
_entity.pdbx_description
1 polymer 'Complement C3'
2 polymer 'Complement C3'
3 polymer 'Staphylococcal complement inhibitor'
4 non-polymer 2-acetamido-2-deoxy-beta-D-glucopyranose
5 non-polymer alpha-D-mannopyranose
#
loop_
_entity_poly.entity_id
_entity_poly.type
_entity_poly.pdbx_seq_one_letter_code
_entity_poly.pdbx_strand_id
1 'polypeptide(L)'
;SPMYSIITPNILRLESEETMVLEAHDAQGDVPVTVTVHDFPGKKLVLSSEKTVLTPATNHMGNVTFTIPANREFKSEKGR
NKFVTVQATFGTQVVEKVVLVSLQSGYLFIQTDKTIYTPGSTVLYRIFTVNHKLLPVGRTVMVNIENPEGIPVKQDSLSS
QNQLGVLPLSWDIPELVNMGQWKIRAYYENSPQQVFSTEFEVKEYVLPSFEVIVEPTEKFYYIYNEKGLEVTITARFLYG
KKVEGTAFVIFGIQDGEQRISLPESLKRIPIEDGSGEVVLSRKVLLDGVQNPRAEDLVGKSLYVSATVILHSGSDMVQAE
RSGIPIVTSPYQIHFTKTPKYFKPGMPFDLMVFVTNPDGSPAYRVPVAVQGEDTVQSLTQGDGVAKLSINTHPSQKPLSI
TVRTKKQELSEAEQATRTMQALPYSTVGNSNNYLHLSVLRTELRPGETLNVNFLLRMDRAHEAKIRYYTYLIMNKGRLLK
AGRQVREPGQDLVVLPLSITTDFIPSFRLVAYYTLIGASGQREVVADSVWVDVKDSCVGSLVVKSGQSEDRQPVPGQQMT
LKIEGDHGARVVLVAVDKGVFVLNKKNKLTQSKIWDVVEKADIGCTPGSGKDYAGVFSDAGLTFTSSSGQQTAQRAELQC
PQPAA
;
A
2 'polypeptide(L)'
;SNLDEDIIAEENIVSRSEFPESWLWNVEDLKEPPKNGISTKLMNIFLKDSITTWEILAVSMSDKKGICVADPFEVTVMQD
FFIDLRLPYSVVRNEQVEIRAVLYNYRQNQELKVRVELLHNPAFCSLATTKRRHQQTVTIPPKSSLSVPYVIVPLKTGLQ
EVEVKAAVYHHFISDGVRKSLKVVPEGIRMNKTVAVRTLDPERLGREGVQKEDIPPADLSDQVPDTESETRILLQGTPVA
QMTEDAVDAERLKHLIVTPSGCGEQNMIGMTPTVIAVHYLDETEQWEKFGLEKRQGALELIKKGYTQQLAFRQPSSAFAA
FVKRAPSTWLTAYVVKVFSLAVNLIAIDSQVLCGAVKWLILEKQKPDGVFQEDAPVIHQEMIGGLRNNNEKDMALTAFVL
ISLQEAKDICEEQVNSLPGSITKAGDFLEANYMNLQRSYTVAIAGYALAQMGRLKGPLLNKFLTTAKDKNRWEDPGKQLY
NVEATSYALLALLQLKDFDFVPPVVRWLNEQRYYGGGYGSTQATFMVFQALAQYQKDAPDHQELNLDVSLQLPSRSSKIT
HRIHWESASLLRSEETKENEGFTVTAEGKGQGTLSVVTMYHAKAKDQLTCNKFDLKVTIKPAPETEKRPQDAKNTMILEI
CTRYRGDQDATMSILDISMMTGFAPDTDDLKQLANGVDRYISKYELDKAFSDRNTLIIYLDKVSHSEDDCLAFKVHQYFN
VELIQPGAVKVYAYYNLEESCTRFYHPEKEDGKLNKLCRDELCRCAEENCFIQKSDDKVTLEERLDKACEPGVDYVYKTR
LVKVQLSNDFDEYIMAIEQTIKSGSDEVQVGQQRTFISPIKCREALKLEEKKHYLMWGLSSDFWGEKPNLSYIIGKDTWV
EHWPEEDECQDEENQKQCQDLGAFTESMVVFGCPN
;
B
3 'polypeptide(L)'
;GSTSTSLPTSNEYQNEKLANELKSLLDELNVNELATGSLNTYYKRTIKISGQKAMYALKSKDFKKMSEAKYQLQKIYNEI
DEALKSKY
;
M
#
# COMPACT_ATOMS: atom_id res chain seq x y z
N SER A 1 -40.43 -36.17 -24.04
CA SER A 1 -39.73 -35.95 -22.78
C SER A 1 -39.04 -34.58 -22.72
N PRO A 2 -39.75 -33.50 -23.10
CA PRO A 2 -39.13 -32.18 -22.97
C PRO A 2 -38.75 -31.87 -21.53
N MET A 3 -37.44 -31.68 -21.31
CA MET A 3 -36.90 -31.35 -20.01
C MET A 3 -36.11 -30.05 -20.10
N TYR A 4 -36.09 -29.29 -19.00
CA TYR A 4 -35.51 -27.95 -19.03
C TYR A 4 -34.36 -27.77 -18.03
N SER A 5 -33.15 -27.63 -18.56
CA SER A 5 -31.96 -27.48 -17.77
C SER A 5 -31.48 -26.04 -17.79
N ILE A 6 -30.50 -25.72 -16.95
CA ILE A 6 -30.09 -24.34 -16.75
C ILE A 6 -28.81 -24.18 -15.89
N ILE A 7 -27.95 -23.24 -16.28
CA ILE A 7 -26.66 -23.07 -15.63
C ILE A 7 -26.29 -21.60 -15.39
N THR A 8 -25.20 -21.38 -14.68
CA THR A 8 -24.73 -20.06 -14.30
C THR A 8 -23.36 -20.21 -13.70
N PRO A 9 -22.76 -19.08 -13.24
CA PRO A 9 -21.50 -19.15 -12.49
C PRO A 9 -21.68 -19.75 -11.07
N ASN A 10 -20.60 -20.22 -10.47
CA ASN A 10 -20.63 -20.88 -9.16
C ASN A 10 -20.83 -19.90 -8.00
N ILE A 11 -20.05 -18.84 -8.01
CA ILE A 11 -20.17 -17.75 -7.04
C ILE A 11 -20.45 -16.43 -7.77
N LEU A 12 -21.67 -15.91 -7.62
CA LEU A 12 -22.08 -14.69 -8.30
C LEU A 12 -21.35 -13.45 -7.78
N ARG A 13 -21.73 -12.30 -8.31
CA ARG A 13 -21.07 -11.06 -7.93
C ARG A 13 -22.05 -9.91 -7.97
N LEU A 14 -21.55 -8.74 -7.66
CA LEU A 14 -22.41 -7.61 -7.39
C LEU A 14 -22.03 -6.41 -8.23
N GLU A 15 -23.05 -5.75 -8.74
CA GLU A 15 -22.87 -4.60 -9.63
C GLU A 15 -22.00 -5.03 -10.81
N SER A 16 -22.14 -6.31 -11.14
CA SER A 16 -21.38 -6.94 -12.22
C SER A 16 -22.30 -7.70 -13.14
N GLU A 17 -21.75 -8.22 -14.23
CA GLU A 17 -22.58 -8.96 -15.19
C GLU A 17 -22.23 -10.45 -15.31
N GLU A 18 -23.10 -11.29 -14.74
CA GLU A 18 -22.98 -12.74 -14.83
C GLU A 18 -24.01 -13.23 -15.82
N THR A 19 -23.68 -14.27 -16.57
CA THR A 19 -24.61 -14.78 -17.57
C THR A 19 -25.34 -16.01 -17.03
N MET A 20 -25.70 -16.92 -17.93
CA MET A 20 -26.56 -18.06 -17.58
C MET A 20 -27.20 -18.68 -18.85
N VAL A 21 -27.53 -19.97 -18.79
CA VAL A 21 -27.88 -20.72 -20.01
C VAL A 21 -29.23 -21.41 -20.05
N LEU A 22 -30.21 -20.76 -20.70
CA LEU A 22 -31.52 -21.36 -20.90
C LEU A 22 -31.42 -22.59 -21.79
N GLU A 23 -32.48 -23.39 -21.80
CA GLU A 23 -32.51 -24.55 -22.68
C GLU A 23 -33.84 -25.28 -22.75
N ALA A 24 -34.06 -25.93 -23.89
CA ALA A 24 -35.24 -26.75 -24.10
C ALA A 24 -35.01 -27.84 -25.12
N HIS A 25 -34.42 -28.95 -24.69
CA HIS A 25 -34.14 -30.07 -25.57
C HIS A 25 -35.41 -30.88 -25.84
N ASP A 26 -35.54 -31.37 -27.07
CA ASP A 26 -36.71 -32.15 -27.46
C ASP A 26 -37.98 -31.32 -27.42
N ALA A 27 -37.81 -30.01 -27.25
CA ALA A 27 -38.95 -29.09 -27.19
C ALA A 27 -39.59 -28.93 -28.56
N GLN A 28 -40.87 -28.58 -28.56
CA GLN A 28 -41.61 -28.38 -29.81
C GLN A 28 -41.94 -26.91 -30.11
N GLY A 29 -41.26 -26.34 -31.10
CA GLY A 29 -41.55 -24.98 -31.57
C GLY A 29 -40.97 -23.86 -30.71
N ASP A 30 -41.84 -22.96 -30.27
CA ASP A 30 -41.46 -21.83 -29.42
C ASP A 30 -41.59 -22.13 -27.92
N VAL A 31 -41.20 -21.16 -27.09
CA VAL A 31 -41.36 -21.26 -25.64
C VAL A 31 -40.94 -19.97 -24.91
N PRO A 32 -41.92 -19.13 -24.53
CA PRO A 32 -41.71 -17.82 -23.89
C PRO A 32 -41.24 -17.99 -22.46
N VAL A 33 -40.01 -17.61 -22.20
CA VAL A 33 -39.45 -17.73 -20.88
C VAL A 33 -39.41 -16.35 -20.20
N THR A 34 -39.49 -16.36 -18.87
CA THR A 34 -39.37 -15.15 -18.08
C THR A 34 -38.52 -15.45 -16.86
N VAL A 35 -37.38 -14.78 -16.74
CA VAL A 35 -36.41 -15.07 -15.71
C VAL A 35 -36.50 -14.03 -14.60
N THR A 36 -36.00 -14.38 -13.41
CA THR A 36 -36.17 -13.53 -12.24
C THR A 36 -35.20 -13.87 -11.09
N VAL A 37 -34.98 -12.89 -10.21
CA VAL A 37 -34.14 -13.05 -9.02
C VAL A 37 -34.83 -12.40 -7.79
N HIS A 38 -35.13 -13.20 -6.78
CA HIS A 38 -35.66 -12.72 -5.51
C HIS A 38 -34.63 -12.95 -4.41
N ASP A 39 -34.32 -11.92 -3.61
CA ASP A 39 -33.40 -12.12 -2.48
C ASP A 39 -33.89 -13.27 -1.57
N PHE A 40 -33.02 -13.78 -0.71
CA PHE A 40 -33.32 -14.99 0.07
C PHE A 40 -33.10 -14.81 1.58
N PRO A 41 -34.11 -15.19 2.39
CA PRO A 41 -35.41 -15.74 1.96
C PRO A 41 -36.52 -14.69 1.68
N GLY A 42 -37.55 -15.10 0.93
CA GLY A 42 -38.72 -14.27 0.73
C GLY A 42 -38.89 -13.72 -0.69
N LYS A 43 -39.39 -12.50 -0.77
CA LYS A 43 -39.62 -11.83 -2.04
C LYS A 43 -39.31 -10.34 -1.93
N LYS A 44 -38.31 -9.89 -2.68
CA LYS A 44 -37.98 -8.46 -2.73
C LYS A 44 -37.95 -7.93 -4.17
N LEU A 45 -37.79 -8.86 -5.12
CA LEU A 45 -37.76 -8.58 -6.57
C LEU A 45 -36.51 -7.75 -6.97
N VAL A 46 -35.37 -8.42 -7.16
CA VAL A 46 -34.11 -7.70 -7.41
C VAL A 46 -33.75 -7.52 -8.89
N LEU A 47 -33.91 -8.57 -9.69
CA LEU A 47 -33.75 -8.45 -11.14
C LEU A 47 -34.58 -9.48 -11.88
N SER A 48 -35.75 -9.04 -12.33
CA SER A 48 -36.70 -9.88 -13.05
C SER A 48 -36.73 -9.42 -14.50
N SER A 49 -35.77 -8.57 -14.86
CA SER A 49 -35.80 -7.84 -16.12
C SER A 49 -35.80 -8.75 -17.36
N GLU A 50 -35.07 -9.85 -17.28
CA GLU A 50 -34.78 -10.65 -18.48
C GLU A 50 -35.98 -11.36 -19.12
N LYS A 51 -35.93 -11.47 -20.45
CA LYS A 51 -36.89 -12.25 -21.24
C LYS A 51 -36.19 -12.90 -22.43
N THR A 52 -36.80 -13.97 -22.98
CA THR A 52 -36.26 -14.66 -24.18
C THR A 52 -37.22 -15.77 -24.71
N VAL A 53 -36.93 -16.29 -25.92
CA VAL A 53 -37.71 -17.37 -26.54
C VAL A 53 -36.81 -18.29 -27.38
N LEU A 54 -36.81 -19.59 -27.04
CA LEU A 54 -35.91 -20.57 -27.65
C LEU A 54 -36.37 -21.07 -29.02
N THR A 55 -35.99 -20.39 -30.09
CA THR A 55 -36.42 -20.78 -31.43
C THR A 55 -36.08 -22.25 -31.68
N PRO A 56 -36.76 -22.89 -32.64
CA PRO A 56 -36.11 -24.12 -33.10
C PRO A 56 -34.91 -23.74 -33.99
N ALA A 57 -34.59 -22.43 -34.04
CA ALA A 57 -33.49 -21.87 -34.84
C ALA A 57 -32.17 -21.73 -34.06
N THR A 58 -32.25 -21.23 -32.83
CA THR A 58 -31.09 -21.29 -31.92
C THR A 58 -31.11 -22.63 -31.16
N ASN A 59 -31.38 -23.71 -31.91
CA ASN A 59 -31.43 -25.11 -31.45
C ASN A 59 -32.08 -25.41 -30.08
N HIS A 60 -33.03 -24.56 -29.67
CA HIS A 60 -33.61 -24.63 -28.33
C HIS A 60 -32.57 -24.12 -27.34
N MET A 61 -31.92 -23.02 -27.68
CA MET A 61 -30.90 -22.39 -26.84
C MET A 61 -31.13 -20.89 -26.69
N GLY A 62 -31.51 -20.49 -25.48
CA GLY A 62 -31.79 -19.11 -25.18
C GLY A 62 -30.77 -18.54 -24.22
N ASN A 63 -30.67 -17.21 -24.18
CA ASN A 63 -29.52 -16.55 -23.58
C ASN A 63 -29.75 -15.12 -23.11
N VAL A 64 -29.20 -14.80 -21.93
CA VAL A 64 -29.48 -13.54 -21.22
C VAL A 64 -28.38 -13.08 -20.24
N THR A 65 -28.16 -11.77 -20.19
CA THR A 65 -27.18 -11.21 -19.27
C THR A 65 -27.87 -10.16 -18.43
N PHE A 66 -27.50 -10.09 -17.17
CA PHE A 66 -28.17 -9.22 -16.21
C PHE A 66 -27.17 -8.42 -15.41
N THR A 67 -27.69 -7.46 -14.64
CA THR A 67 -26.88 -6.72 -13.69
C THR A 67 -27.55 -6.76 -12.32
N ILE A 68 -27.09 -7.64 -11.44
CA ILE A 68 -27.58 -7.64 -10.07
C ILE A 68 -27.22 -6.30 -9.45
N PRO A 69 -28.23 -5.42 -9.26
CA PRO A 69 -27.96 -4.04 -8.79
C PRO A 69 -27.32 -4.02 -7.40
N LYS A 78 -23.55 -9.06 10.14
CA LYS A 78 -23.74 -10.21 9.26
C LYS A 78 -22.76 -11.32 9.60
N GLY A 79 -21.69 -11.44 8.82
CA GLY A 79 -20.66 -12.42 9.08
C GLY A 79 -21.01 -13.77 8.49
N ARG A 80 -22.29 -13.92 8.16
CA ARG A 80 -22.82 -15.06 7.43
C ARG A 80 -23.09 -14.64 5.98
N ASN A 81 -22.92 -15.56 5.04
CA ASN A 81 -23.19 -15.28 3.62
C ASN A 81 -24.69 -15.12 3.33
N LYS A 82 -25.04 -14.23 2.41
CA LYS A 82 -26.42 -14.09 1.94
C LYS A 82 -26.52 -14.73 0.54
N PHE A 83 -27.71 -15.20 0.17
CA PHE A 83 -27.91 -15.95 -1.08
C PHE A 83 -28.97 -15.28 -2.00
N VAL A 84 -29.03 -15.71 -3.27
CA VAL A 84 -30.01 -15.21 -4.25
C VAL A 84 -30.93 -16.28 -4.90
N THR A 85 -32.21 -16.24 -4.54
CA THR A 85 -33.25 -17.10 -5.12
C THR A 85 -33.47 -16.80 -6.60
N VAL A 86 -33.06 -17.71 -7.49
CA VAL A 86 -33.18 -17.44 -8.92
C VAL A 86 -34.14 -18.39 -9.65
N GLN A 87 -34.94 -17.81 -10.53
CA GLN A 87 -36.12 -18.45 -11.07
C GLN A 87 -36.19 -18.34 -12.58
N ALA A 88 -36.63 -19.43 -13.20
CA ALA A 88 -36.84 -19.44 -14.64
C ALA A 88 -38.11 -20.20 -14.95
N THR A 89 -38.95 -19.61 -15.79
CA THR A 89 -40.22 -20.22 -16.15
C THR A 89 -40.32 -20.48 -17.66
N PHE A 90 -40.34 -21.75 -18.04
CA PHE A 90 -40.36 -22.16 -19.45
C PHE A 90 -41.77 -22.42 -19.97
N GLY A 91 -42.48 -21.34 -20.29
CA GLY A 91 -43.86 -21.45 -20.70
C GLY A 91 -44.71 -21.64 -19.45
N THR A 92 -44.77 -22.88 -18.98
CA THR A 92 -45.47 -23.21 -17.73
C THR A 92 -44.52 -23.96 -16.77
N GLN A 93 -43.61 -24.73 -17.34
CA GLN A 93 -42.68 -25.55 -16.57
C GLN A 93 -41.55 -24.71 -15.94
N VAL A 94 -41.73 -24.33 -14.68
CA VAL A 94 -40.80 -23.44 -13.99
C VAL A 94 -39.76 -24.22 -13.17
N VAL A 95 -38.51 -23.74 -13.16
CA VAL A 95 -37.45 -24.34 -12.38
C VAL A 95 -36.62 -23.26 -11.66
N GLU A 96 -36.29 -23.50 -10.38
CA GLU A 96 -35.58 -22.53 -9.55
C GLU A 96 -34.60 -23.19 -8.56
N LYS A 97 -33.76 -22.36 -7.94
CA LYS A 97 -32.70 -22.81 -7.03
C LYS A 97 -31.94 -21.60 -6.48
N VAL A 98 -31.04 -21.85 -5.53
CA VAL A 98 -30.28 -20.80 -4.83
C VAL A 98 -28.77 -20.84 -5.16
N VAL A 99 -28.10 -19.68 -5.20
CA VAL A 99 -26.63 -19.63 -5.40
C VAL A 99 -25.94 -18.56 -4.54
N LEU A 100 -24.75 -18.90 -4.01
CA LEU A 100 -23.99 -18.02 -3.09
C LEU A 100 -23.58 -16.69 -3.73
N VAL A 101 -23.66 -15.60 -2.96
CA VAL A 101 -23.26 -14.30 -3.48
C VAL A 101 -22.00 -13.77 -2.80
N SER A 102 -21.13 -13.13 -3.58
CA SER A 102 -19.89 -12.58 -3.07
C SER A 102 -19.97 -11.05 -3.03
N LEU A 103 -19.57 -10.47 -1.90
CA LEU A 103 -19.63 -9.02 -1.66
C LEU A 103 -18.74 -8.22 -2.62
N GLN A 104 -17.75 -8.89 -3.20
CA GLN A 104 -16.76 -8.22 -4.06
C GLN A 104 -17.38 -7.66 -5.34
N SER A 105 -17.20 -6.36 -5.53
CA SER A 105 -17.75 -5.65 -6.67
C SER A 105 -16.67 -5.42 -7.71
N GLY A 106 -15.48 -5.97 -7.41
CA GLY A 106 -14.38 -5.93 -8.35
C GLY A 106 -13.03 -5.99 -7.67
N TYR A 107 -12.11 -5.19 -8.20
CA TYR A 107 -10.76 -5.08 -7.67
C TYR A 107 -10.34 -3.58 -7.54
N LEU A 108 -9.34 -3.30 -6.70
CA LEU A 108 -8.85 -1.93 -6.43
C LEU A 108 -7.34 -1.88 -6.30
N PHE A 109 -6.73 -0.79 -6.80
CA PHE A 109 -5.30 -0.88 -7.12
C PHE A 109 -4.43 0.32 -6.82
N ILE A 110 -3.20 0.06 -6.42
CA ILE A 110 -2.32 1.13 -5.99
C ILE A 110 -0.91 1.12 -6.53
N GLN A 111 -0.36 2.32 -6.66
CA GLN A 111 0.98 2.53 -7.17
C GLN A 111 1.52 3.77 -6.47
N THR A 112 2.55 3.59 -5.67
CA THR A 112 3.19 4.72 -5.01
C THR A 112 4.37 5.25 -5.84
N ASP A 113 4.34 6.54 -6.17
CA ASP A 113 5.32 7.15 -7.09
C ASP A 113 6.76 6.89 -6.67
N LYS A 114 6.96 6.71 -5.37
CA LYS A 114 8.25 6.31 -4.85
C LYS A 114 8.06 5.07 -3.99
N THR A 115 9.17 4.34 -3.78
CA THR A 115 9.12 3.11 -3.03
C THR A 115 9.54 3.36 -1.58
N ILE A 116 10.25 4.47 -1.37
CA ILE A 116 10.66 4.92 -0.04
C ILE A 116 10.63 6.46 0.00
N TYR A 117 10.08 7.04 1.09
CA TYR A 117 9.91 8.50 1.18
C TYR A 117 10.60 9.14 2.39
N THR A 118 11.34 10.22 2.14
CA THR A 118 11.92 11.05 3.20
C THR A 118 10.82 11.90 3.86
N PRO A 119 10.72 11.85 5.21
CA PRO A 119 9.70 12.64 5.90
C PRO A 119 9.78 14.12 5.55
N GLY A 120 8.82 14.60 4.76
CA GLY A 120 8.79 15.98 4.35
C GLY A 120 8.45 16.09 2.87
N SER A 121 8.92 15.12 2.11
CA SER A 121 8.57 14.99 0.71
C SER A 121 7.10 14.57 0.62
N THR A 122 6.56 14.59 -0.61
CA THR A 122 5.16 14.21 -0.83
C THR A 122 5.09 12.81 -1.41
N VAL A 123 3.96 12.18 -1.21
CA VAL A 123 3.68 10.88 -1.81
C VAL A 123 2.60 11.04 -2.87
N LEU A 124 2.83 10.47 -4.05
CA LEU A 124 1.86 10.55 -5.15
C LEU A 124 1.32 9.18 -5.53
N TYR A 125 0.35 8.69 -4.76
CA TYR A 125 -0.30 7.46 -5.18
C TYR A 125 -1.35 7.72 -6.26
N ARG A 126 -1.84 6.63 -6.85
CA ARG A 126 -2.88 6.70 -7.86
C ARG A 126 -3.59 5.35 -7.93
N ILE A 127 -4.93 5.37 -7.88
CA ILE A 127 -5.72 4.12 -7.85
C ILE A 127 -6.67 3.95 -9.02
N PHE A 128 -6.98 2.70 -9.31
CA PHE A 128 -7.64 2.40 -10.54
C PHE A 128 -8.75 1.41 -10.28
N THR A 129 -9.95 1.89 -10.47
CA THR A 129 -11.14 1.11 -10.26
C THR A 129 -11.35 0.23 -11.47
N VAL A 130 -11.93 -0.95 -11.26
CA VAL A 130 -12.34 -1.85 -12.34
C VAL A 130 -13.31 -2.93 -11.83
N ASN A 131 -13.93 -3.69 -12.74
CA ASN A 131 -14.83 -4.77 -12.34
C ASN A 131 -14.20 -6.15 -12.55
N HIS A 132 -15.03 -7.20 -12.48
CA HIS A 132 -14.55 -8.58 -12.60
C HIS A 132 -14.22 -8.93 -14.04
N LYS A 133 -13.80 -7.93 -14.79
CA LYS A 133 -13.72 -8.05 -16.23
C LYS A 133 -12.62 -7.16 -16.89
N LEU A 134 -12.07 -6.23 -16.12
CA LEU A 134 -10.93 -5.37 -16.52
C LEU A 134 -11.26 -4.04 -17.24
N LEU A 135 -12.53 -3.64 -17.17
CA LEU A 135 -12.97 -2.38 -17.78
C LEU A 135 -13.15 -1.30 -16.73
N PRO A 136 -13.25 -0.06 -17.19
CA PRO A 136 -13.46 1.10 -16.31
C PRO A 136 -14.86 1.15 -15.72
N VAL A 137 -14.98 1.75 -14.53
CA VAL A 137 -16.27 1.86 -13.83
C VAL A 137 -16.32 3.08 -12.92
N GLY A 138 -17.51 3.55 -12.63
CA GLY A 138 -17.66 4.71 -11.77
C GLY A 138 -18.49 4.40 -10.55
N ARG A 139 -17.84 4.03 -9.45
CA ARG A 139 -18.53 3.86 -8.16
C ARG A 139 -17.95 4.79 -7.13
N THR A 140 -17.86 4.31 -5.91
CA THR A 140 -17.41 5.15 -4.82
C THR A 140 -16.51 4.41 -3.87
N VAL A 141 -15.67 5.16 -3.17
CA VAL A 141 -14.50 4.58 -2.54
C VAL A 141 -13.96 5.33 -1.34
N MET A 142 -13.24 4.60 -0.50
CA MET A 142 -12.66 5.11 0.74
C MET A 142 -11.15 4.85 0.74
N VAL A 143 -10.36 5.88 1.05
CA VAL A 143 -8.90 5.75 1.04
C VAL A 143 -8.23 6.37 2.27
N ASN A 144 -7.72 5.51 3.16
CA ASN A 144 -6.99 5.93 4.35
C ASN A 144 -5.47 5.99 4.09
N ILE A 145 -4.70 6.19 5.16
CA ILE A 145 -3.24 6.12 5.14
C ILE A 145 -2.70 5.83 6.56
N GLU A 146 -2.37 4.57 6.84
CA GLU A 146 -1.94 4.16 8.18
C GLU A 146 -0.41 4.20 8.39
N ASN A 147 0.05 4.61 9.57
CA ASN A 147 1.49 4.55 9.92
C ASN A 147 1.98 3.12 10.27
N PRO A 148 3.29 2.94 10.60
CA PRO A 148 3.77 1.56 10.77
C PRO A 148 3.23 0.90 12.03
N GLU A 149 2.34 1.60 12.73
CA GLU A 149 1.77 1.16 14.00
C GLU A 149 0.28 0.81 13.90
N GLY A 150 -0.35 1.16 12.79
CA GLY A 150 -1.72 0.75 12.49
C GLY A 150 -2.79 1.77 12.80
N ILE A 151 -2.52 3.04 12.54
CA ILE A 151 -3.42 4.13 12.89
C ILE A 151 -3.72 5.08 11.72
N PRO A 152 -4.98 5.10 11.24
CA PRO A 152 -5.39 6.03 10.17
C PRO A 152 -5.08 7.49 10.51
N VAL A 153 -4.24 8.13 9.70
CA VAL A 153 -3.81 9.52 9.92
C VAL A 153 -4.53 10.53 9.02
N LYS A 154 -4.99 10.07 7.86
CA LYS A 154 -5.76 10.91 6.94
C LYS A 154 -6.52 10.02 5.96
N GLN A 155 -7.73 10.43 5.59
CA GLN A 155 -8.55 9.65 4.68
C GLN A 155 -9.31 10.53 3.66
N ASP A 156 -9.83 9.92 2.60
CA ASP A 156 -10.59 10.63 1.59
C ASP A 156 -11.74 9.81 1.05
N SER A 157 -12.55 10.42 0.21
CA SER A 157 -13.79 9.79 -0.22
C SER A 157 -14.25 10.31 -1.57
N LEU A 158 -13.37 10.35 -2.56
CA LEU A 158 -13.78 10.75 -3.90
C LEU A 158 -14.45 9.61 -4.67
N SER A 159 -14.96 9.92 -5.85
CA SER A 159 -15.64 8.95 -6.70
C SER A 159 -15.07 9.03 -8.12
N SER A 160 -14.88 7.87 -8.75
CA SER A 160 -14.30 7.81 -10.08
C SER A 160 -15.33 7.90 -11.19
N GLN A 161 -16.29 8.80 -11.04
CA GLN A 161 -17.34 8.96 -12.05
C GLN A 161 -16.93 9.98 -13.11
N ASN A 162 -17.10 9.60 -14.38
CA ASN A 162 -16.61 10.40 -15.50
C ASN A 162 -15.16 10.79 -15.33
N GLN A 163 -14.38 9.84 -14.82
CA GLN A 163 -12.95 10.02 -14.57
C GLN A 163 -12.19 9.03 -15.44
N LEU A 164 -12.91 7.99 -15.88
CA LEU A 164 -12.36 6.95 -16.73
C LEU A 164 -11.58 5.89 -15.96
N GLY A 165 -12.00 5.63 -14.71
CA GLY A 165 -11.43 4.56 -13.91
C GLY A 165 -10.21 4.97 -13.09
N VAL A 166 -9.54 6.02 -13.55
CA VAL A 166 -8.27 6.50 -12.99
C VAL A 166 -8.50 7.58 -11.92
N LEU A 167 -7.67 7.60 -10.87
CA LEU A 167 -7.78 8.64 -9.81
C LEU A 167 -6.46 9.29 -9.32
N PRO A 168 -6.43 10.62 -9.29
CA PRO A 168 -5.30 11.43 -8.76
C PRO A 168 -5.17 11.52 -7.22
N LEU A 169 -3.96 11.70 -6.69
CA LEU A 169 -3.76 11.87 -5.24
C LEU A 169 -2.47 12.57 -4.76
N SER A 170 -2.50 13.09 -3.52
CA SER A 170 -1.32 13.64 -2.82
C SER A 170 -1.44 13.84 -1.29
N TRP A 171 -0.57 13.17 -0.53
CA TRP A 171 -0.48 13.32 0.93
C TRP A 171 0.95 13.69 1.35
N ASP A 172 1.07 14.72 2.17
CA ASP A 172 2.36 15.17 2.69
C ASP A 172 2.74 14.43 3.95
N ILE A 173 3.99 13.96 4.01
CA ILE A 173 4.54 13.29 5.18
C ILE A 173 5.12 14.35 6.12
N PRO A 174 4.56 14.48 7.33
CA PRO A 174 4.99 15.52 8.30
C PRO A 174 6.46 15.34 8.73
N GLU A 175 7.13 16.44 9.11
CA GLU A 175 8.52 16.36 9.58
C GLU A 175 8.66 15.35 10.71
N LEU A 176 7.76 15.46 11.69
CA LEU A 176 7.68 14.49 12.76
C LEU A 176 6.59 13.46 12.44
N VAL A 177 7.00 12.25 12.10
CA VAL A 177 6.08 11.13 11.95
C VAL A 177 6.88 9.84 11.97
N ASN A 178 6.33 8.80 12.59
CA ASN A 178 7.04 7.55 12.79
C ASN A 178 7.61 6.95 11.50
N MET A 179 8.83 6.40 11.62
CA MET A 179 9.51 5.70 10.53
C MET A 179 9.34 4.17 10.65
N GLY A 180 9.40 3.49 9.51
CA GLY A 180 9.10 2.07 9.43
C GLY A 180 8.26 1.78 8.21
N GLN A 181 7.26 0.91 8.36
CA GLN A 181 6.44 0.57 7.20
C GLN A 181 5.00 1.11 7.26
N TRP A 182 4.80 2.28 6.66
CA TRP A 182 3.46 2.83 6.49
C TRP A 182 2.65 1.86 5.65
N LYS A 183 1.33 2.07 5.59
CA LYS A 183 0.44 1.22 4.80
C LYS A 183 -0.84 1.93 4.34
N ILE A 184 -0.96 2.14 3.03
CA ILE A 184 -2.16 2.75 2.45
C ILE A 184 -3.18 1.66 2.08
N ARG A 185 -4.46 1.95 2.24
CA ARG A 185 -5.50 0.95 2.04
C ARG A 185 -6.74 1.55 1.37
N ALA A 186 -7.55 0.70 0.74
CA ALA A 186 -8.73 1.19 0.03
C ALA A 186 -9.78 0.11 -0.06
N TYR A 187 -10.99 0.48 -0.44
CA TYR A 187 -12.07 -0.48 -0.59
C TYR A 187 -13.34 0.22 -1.08
N TYR A 188 -14.08 -0.44 -1.97
CA TYR A 188 -15.37 0.06 -2.44
C TYR A 188 -16.32 0.33 -1.25
N GLU A 189 -16.94 1.51 -1.21
CA GLU A 189 -17.86 1.81 -0.12
C GLU A 189 -18.98 0.81 -0.05
N ASN A 190 -19.39 0.32 -1.22
CA ASN A 190 -20.38 -0.73 -1.29
C ASN A 190 -19.93 -1.93 -0.44
N SER A 191 -18.70 -2.39 -0.65
CA SER A 191 -18.16 -3.45 0.19
C SER A 191 -17.03 -3.05 1.14
N PRO A 192 -17.39 -2.78 2.39
CA PRO A 192 -16.41 -2.38 3.41
C PRO A 192 -15.53 -3.46 4.03
N GLN A 193 -15.70 -4.69 3.58
CA GLN A 193 -14.96 -5.82 4.14
C GLN A 193 -13.85 -6.27 3.19
N GLN A 194 -14.02 -5.91 1.93
CA GLN A 194 -13.00 -6.17 0.93
C GLN A 194 -12.17 -4.91 0.84
N VAL A 195 -11.02 -4.93 1.51
CA VAL A 195 -10.08 -3.81 1.44
C VAL A 195 -8.69 -4.21 0.91
N PHE A 196 -8.03 -3.29 0.20
CA PHE A 196 -6.73 -3.53 -0.44
C PHE A 196 -5.54 -2.87 0.30
N SER A 197 -4.36 -3.48 0.23
CA SER A 197 -3.17 -3.02 0.99
C SER A 197 -1.93 -2.74 0.13
N THR A 198 -1.50 -1.47 0.06
CA THR A 198 -0.24 -1.10 -0.60
C THR A 198 0.66 -0.22 0.29
N GLU A 199 1.97 -0.43 0.21
CA GLU A 199 2.88 0.19 1.19
C GLU A 199 4.07 0.97 0.63
N PHE A 200 4.50 1.94 1.42
CA PHE A 200 5.69 2.73 1.13
C PHE A 200 6.47 2.94 2.44
N GLU A 201 7.76 2.65 2.45
CA GLU A 201 8.52 2.83 3.67
C GLU A 201 9.05 4.26 3.81
N VAL A 202 8.74 4.89 4.95
CA VAL A 202 9.25 6.22 5.22
C VAL A 202 10.53 6.05 6.03
N LYS A 203 11.59 6.72 5.58
CA LYS A 203 12.88 6.65 6.22
C LYS A 203 13.77 7.78 5.72
N GLU A 204 14.74 8.16 6.53
CA GLU A 204 15.62 9.29 6.20
C GLU A 204 16.84 8.83 5.41
N TYR A 205 16.83 9.10 4.11
CA TYR A 205 17.81 8.50 3.21
C TYR A 205 18.41 9.49 2.19
N VAL A 206 19.48 9.02 1.55
CA VAL A 206 20.08 9.72 0.43
C VAL A 206 20.35 8.72 -0.70
N LEU A 207 19.87 9.06 -1.89
CA LEU A 207 19.99 8.19 -3.06
C LEU A 207 21.42 7.85 -3.46
N PRO A 208 21.76 6.55 -3.45
CA PRO A 208 23.04 6.03 -3.98
C PRO A 208 23.10 6.13 -5.51
N SER A 209 24.30 6.19 -6.10
CA SER A 209 24.46 6.32 -7.56
C SER A 209 24.76 5.01 -8.29
N PHE A 210 24.77 3.89 -7.55
CA PHE A 210 25.02 2.58 -8.15
C PHE A 210 24.05 1.48 -7.67
N GLU A 211 24.20 0.28 -8.23
CA GLU A 211 23.35 -0.86 -7.91
C GLU A 211 24.21 -2.13 -7.68
N VAL A 212 23.70 -3.08 -6.90
CA VAL A 212 24.48 -4.26 -6.53
C VAL A 212 23.74 -5.61 -6.65
N ILE A 213 24.21 -6.48 -7.54
CA ILE A 213 23.57 -7.78 -7.74
C ILE A 213 24.30 -8.91 -6.99
N VAL A 214 23.55 -9.72 -6.26
CA VAL A 214 24.13 -10.85 -5.54
C VAL A 214 23.75 -12.17 -6.22
N GLU A 215 24.71 -12.80 -6.90
CA GLU A 215 24.44 -13.98 -7.74
C GLU A 215 25.33 -15.19 -7.47
N PRO A 216 24.88 -16.11 -6.60
CA PRO A 216 25.57 -17.40 -6.46
C PRO A 216 25.59 -18.16 -7.79
N THR A 217 26.56 -19.05 -7.98
CA THR A 217 26.59 -19.91 -9.16
C THR A 217 25.34 -20.76 -9.16
N GLU A 218 25.17 -21.52 -8.08
CA GLU A 218 23.99 -22.37 -7.89
C GLU A 218 22.76 -21.59 -7.41
N LYS A 219 21.60 -22.00 -7.90
CA LYS A 219 20.32 -21.54 -7.37
C LYS A 219 20.14 -22.06 -5.95
N PHE A 220 20.67 -23.26 -5.71
CA PHE A 220 20.43 -23.98 -4.46
C PHE A 220 21.72 -24.61 -3.97
N TYR A 221 21.77 -25.06 -2.72
CA TYR A 221 22.98 -25.68 -2.21
C TYR A 221 22.88 -27.18 -1.99
N TYR A 222 23.65 -27.94 -2.76
CA TYR A 222 23.77 -29.38 -2.58
C TYR A 222 24.45 -29.61 -1.22
N ILE A 223 23.88 -30.48 -0.39
CA ILE A 223 24.43 -30.74 0.95
C ILE A 223 25.84 -31.34 0.90
N TYR A 224 26.12 -32.16 -0.11
CA TYR A 224 27.40 -32.88 -0.24
C TYR A 224 28.36 -32.29 -1.29
N ASN A 225 28.16 -31.00 -1.56
CA ASN A 225 29.01 -30.21 -2.45
C ASN A 225 30.04 -29.48 -1.58
N GLU A 226 31.18 -30.14 -1.38
CA GLU A 226 32.24 -29.62 -0.51
C GLU A 226 32.50 -28.14 -0.78
N LYS A 227 32.62 -27.80 -2.06
CA LYS A 227 32.98 -26.45 -2.52
C LYS A 227 32.14 -25.36 -1.86
N GLY A 228 30.89 -25.68 -1.55
CA GLY A 228 30.02 -24.73 -0.92
C GLY A 228 29.35 -23.82 -1.95
N LEU A 229 28.34 -23.10 -1.48
CA LEU A 229 27.65 -22.15 -2.31
C LEU A 229 28.58 -20.97 -2.56
N GLU A 230 29.04 -20.82 -3.78
CA GLU A 230 29.86 -19.66 -4.13
C GLU A 230 28.93 -18.52 -4.53
N VAL A 231 29.46 -17.30 -4.60
CA VAL A 231 28.66 -16.12 -4.95
C VAL A 231 29.46 -15.03 -5.66
N THR A 232 28.96 -14.58 -6.80
CA THR A 232 29.57 -13.48 -7.55
C THR A 232 29.01 -12.13 -7.13
N ILE A 233 29.89 -11.17 -6.84
CA ILE A 233 29.48 -9.84 -6.39
C ILE A 233 29.74 -8.79 -7.46
N THR A 234 28.69 -8.34 -8.12
CA THR A 234 28.84 -7.41 -9.23
C THR A 234 28.22 -6.04 -8.97
N ALA A 235 29.06 -5.04 -8.75
CA ALA A 235 28.59 -3.67 -8.55
C ALA A 235 28.69 -2.88 -9.86
N ARG A 236 27.63 -2.14 -10.21
CA ARG A 236 27.64 -1.31 -11.41
C ARG A 236 26.87 -0.01 -11.18
N PHE A 237 27.42 1.11 -11.65
CA PHE A 237 26.76 2.41 -11.49
C PHE A 237 25.34 2.40 -12.09
N LEU A 238 24.53 3.39 -11.71
CA LEU A 238 23.18 3.47 -12.26
C LEU A 238 23.17 3.61 -13.79
N TYR A 239 24.10 4.40 -14.32
CA TYR A 239 24.17 4.68 -15.75
C TYR A 239 24.91 3.64 -16.60
N GLY A 240 25.29 2.53 -15.98
CA GLY A 240 25.88 1.43 -16.73
C GLY A 240 27.30 1.06 -16.32
N LYS A 241 28.20 2.05 -16.34
CA LYS A 241 29.64 1.83 -16.12
C LYS A 241 29.96 0.96 -14.89
N LYS A 242 31.24 0.64 -14.70
CA LYS A 242 31.62 -0.35 -13.70
C LYS A 242 32.22 0.21 -12.41
N VAL A 243 31.57 -0.14 -11.31
CA VAL A 243 31.91 0.36 -9.99
C VAL A 243 33.13 -0.30 -9.36
N GLU A 244 34.04 0.53 -8.87
CA GLU A 244 35.24 0.05 -8.19
C GLU A 244 35.15 0.32 -6.69
N GLY A 245 35.30 -0.73 -5.88
CA GLY A 245 35.24 -0.60 -4.44
C GLY A 245 35.60 -1.84 -3.64
N THR A 246 35.32 -1.81 -2.34
CA THR A 246 35.50 -2.97 -1.47
C THR A 246 34.22 -3.16 -0.68
N ALA A 247 33.84 -4.41 -0.45
CA ALA A 247 32.53 -4.69 0.12
C ALA A 247 32.58 -5.49 1.41
N PHE A 248 31.39 -5.75 1.95
CA PHE A 248 31.20 -6.50 3.18
C PHE A 248 29.97 -7.37 3.00
N VAL A 249 30.18 -8.68 3.06
CA VAL A 249 29.09 -9.63 2.91
C VAL A 249 29.01 -10.52 4.14
N ILE A 250 27.80 -10.96 4.45
CA ILE A 250 27.58 -11.83 5.59
C ILE A 250 26.45 -12.79 5.27
N PHE A 251 26.49 -13.98 5.85
CA PHE A 251 25.56 -15.02 5.49
C PHE A 251 24.60 -15.32 6.64
N GLY A 252 23.92 -16.45 6.58
CA GLY A 252 23.02 -16.82 7.67
C GLY A 252 22.00 -17.92 7.40
N ILE A 253 21.41 -18.41 8.48
CA ILE A 253 20.46 -19.53 8.43
C ILE A 253 19.03 -19.11 8.80
N GLN A 254 18.15 -19.05 7.81
CA GLN A 254 16.74 -18.77 8.06
C GLN A 254 16.02 -20.08 8.39
N ASP A 255 15.07 -19.99 9.30
CA ASP A 255 14.25 -21.15 9.65
C ASP A 255 12.78 -20.74 9.78
N GLY A 256 12.16 -20.50 8.65
CA GLY A 256 10.81 -19.96 8.60
C GLY A 256 10.84 -18.44 8.56
N GLU A 257 10.76 -17.81 9.73
CA GLU A 257 10.79 -16.36 9.86
C GLU A 257 11.96 -15.92 10.73
N GLN A 258 12.67 -16.91 11.27
CA GLN A 258 13.82 -16.68 12.16
C GLN A 258 15.13 -16.79 11.39
N ARG A 259 16.07 -15.91 11.70
CA ARG A 259 17.33 -15.83 10.95
C ARG A 259 18.58 -15.96 11.81
N ILE A 260 19.31 -17.07 11.59
CA ILE A 260 20.52 -17.42 12.33
C ILE A 260 21.76 -16.77 11.70
N SER A 261 22.12 -15.59 12.20
CA SER A 261 23.27 -14.83 11.71
C SER A 261 24.59 -15.60 11.97
N LEU A 262 25.41 -15.76 10.92
CA LEU A 262 26.72 -16.45 11.03
C LEU A 262 27.91 -15.47 11.00
N PRO A 263 28.40 -15.03 12.17
CA PRO A 263 29.54 -14.11 12.30
C PRO A 263 30.89 -14.77 11.98
N GLU A 264 30.86 -16.05 11.57
CA GLU A 264 32.08 -16.78 11.23
C GLU A 264 32.26 -16.89 9.72
N SER A 265 31.41 -16.18 8.98
CA SER A 265 31.41 -16.20 7.53
C SER A 265 31.58 -14.80 6.90
N LEU A 266 31.56 -13.77 7.75
CA LEU A 266 31.66 -12.37 7.33
C LEU A 266 32.95 -12.01 6.58
N LYS A 267 32.83 -11.78 5.27
CA LYS A 267 34.01 -11.60 4.39
C LYS A 267 34.28 -10.16 3.96
N ARG A 268 35.38 -9.98 3.23
CA ARG A 268 35.69 -8.71 2.57
C ARG A 268 36.70 -8.89 1.44
N ILE A 269 36.29 -8.54 0.23
CA ILE A 269 37.08 -8.74 -1.00
C ILE A 269 37.10 -7.45 -1.86
N PRO A 270 37.97 -7.37 -2.89
CA PRO A 270 38.03 -6.18 -3.74
C PRO A 270 37.07 -6.21 -4.92
N ILE A 271 35.94 -5.52 -4.79
CA ILE A 271 35.05 -5.28 -5.91
C ILE A 271 35.86 -4.53 -6.92
N GLU A 272 36.50 -5.27 -7.80
CA GLU A 272 37.18 -4.62 -8.90
C GLU A 272 36.32 -4.77 -10.13
N ASP A 273 36.21 -3.69 -10.90
CA ASP A 273 35.60 -3.74 -12.21
C ASP A 273 34.09 -4.05 -12.16
N GLY A 274 33.50 -3.96 -10.97
CA GLY A 274 32.11 -4.36 -10.82
C GLY A 274 31.97 -5.86 -10.94
N SER A 275 32.85 -6.58 -10.26
CA SER A 275 32.79 -8.03 -10.18
C SER A 275 33.80 -8.51 -9.15
N GLY A 276 33.28 -9.04 -8.05
CA GLY A 276 34.10 -9.55 -6.98
C GLY A 276 33.66 -10.96 -6.68
N GLU A 277 34.50 -11.72 -6.00
CA GLU A 277 34.19 -13.13 -5.77
C GLU A 277 34.28 -13.50 -4.29
N VAL A 278 33.18 -14.01 -3.76
CA VAL A 278 33.16 -14.53 -2.39
C VAL A 278 32.57 -15.93 -2.31
N VAL A 279 33.26 -16.80 -1.56
CA VAL A 279 32.81 -18.16 -1.35
C VAL A 279 32.62 -18.36 0.15
N LEU A 280 31.84 -19.36 0.52
CA LEU A 280 31.77 -19.76 1.91
C LEU A 280 31.97 -21.26 2.05
N SER A 281 32.93 -21.64 2.88
CA SER A 281 33.29 -23.03 3.06
C SER A 281 32.22 -23.81 3.85
N ARG A 282 32.21 -25.12 3.65
CA ARG A 282 31.21 -25.97 4.28
C ARG A 282 31.51 -26.27 5.75
N LYS A 283 32.67 -25.82 6.22
CA LYS A 283 33.06 -25.96 7.61
C LYS A 283 32.66 -24.75 8.46
N VAL A 284 32.71 -23.54 7.88
CA VAL A 284 32.15 -22.36 8.56
C VAL A 284 30.61 -22.45 8.58
N LEU A 285 30.10 -23.51 7.94
CA LEU A 285 28.67 -23.82 7.89
C LEU A 285 28.18 -24.81 8.97
N LEU A 286 29.01 -25.80 9.31
CA LEU A 286 28.60 -26.83 10.29
C LEU A 286 28.72 -26.38 11.75
N ASP A 287 29.61 -25.41 11.99
CA ASP A 287 30.00 -24.96 13.35
C ASP A 287 29.31 -23.66 13.77
N GLY A 288 28.44 -23.14 12.92
CA GLY A 288 27.50 -22.10 13.31
C GLY A 288 26.28 -22.76 13.94
N VAL A 289 26.22 -24.10 13.80
CA VAL A 289 25.18 -24.93 14.41
C VAL A 289 25.77 -26.22 15.03
N ARG A 293 24.89 -32.09 13.39
CA ARG A 293 24.38 -32.86 12.25
C ARG A 293 24.06 -31.98 11.04
N ALA A 294 23.71 -32.63 9.92
CA ALA A 294 23.45 -31.94 8.66
C ALA A 294 22.31 -32.51 7.80
N GLU A 295 21.66 -33.60 8.25
CA GLU A 295 20.41 -34.05 7.62
C GLU A 295 19.24 -33.29 8.23
N ASP A 296 19.58 -32.25 8.99
CA ASP A 296 18.61 -31.45 9.73
C ASP A 296 18.43 -30.07 9.10
N LEU A 297 19.54 -29.47 8.67
CA LEU A 297 19.50 -28.17 8.02
C LEU A 297 18.73 -28.25 6.69
N VAL A 298 18.30 -29.45 6.30
CA VAL A 298 17.55 -29.68 5.05
C VAL A 298 16.07 -29.29 5.14
N GLY A 299 15.67 -28.38 4.25
CA GLY A 299 14.37 -27.73 4.33
C GLY A 299 14.56 -26.24 4.54
N LYS A 300 15.50 -25.90 5.42
CA LYS A 300 15.84 -24.51 5.69
C LYS A 300 16.41 -23.82 4.45
N SER A 301 16.45 -22.49 4.48
CA SER A 301 17.10 -21.72 3.42
C SER A 301 18.12 -20.80 4.06
N LEU A 302 18.89 -20.10 3.25
CA LEU A 302 19.96 -19.25 3.75
C LEU A 302 19.70 -17.81 3.32
N TYR A 303 20.68 -16.93 3.52
CA TYR A 303 20.54 -15.55 3.05
C TYR A 303 21.83 -14.76 3.21
N VAL A 304 22.06 -13.89 2.22
CA VAL A 304 23.26 -13.06 2.14
C VAL A 304 22.94 -11.60 2.47
N SER A 305 23.99 -10.81 2.73
CA SER A 305 23.85 -9.38 2.99
C SER A 305 25.10 -8.60 2.57
N ALA A 306 25.13 -8.14 1.32
CA ALA A 306 26.26 -7.35 0.84
C ALA A 306 26.13 -5.89 1.29
N THR A 307 27.19 -5.13 1.12
CA THR A 307 27.23 -3.71 1.51
C THR A 307 28.40 -3.03 0.80
N VAL A 308 28.15 -2.38 -0.34
CA VAL A 308 29.22 -1.79 -1.17
C VAL A 308 29.50 -0.31 -0.93
N ILE A 309 30.73 -0.01 -0.49
CA ILE A 309 31.18 1.35 -0.23
C ILE A 309 32.38 1.69 -1.12
N LEU A 310 32.19 2.65 -2.02
CA LEU A 310 33.20 3.00 -3.02
C LEU A 310 34.58 3.33 -2.43
N HIS A 311 35.56 3.55 -3.31
CA HIS A 311 36.92 3.91 -2.90
C HIS A 311 37.07 5.42 -2.78
N SER A 312 35.94 6.12 -2.86
CA SER A 312 35.94 7.57 -2.69
C SER A 312 35.22 7.96 -1.40
N GLY A 313 34.52 7.00 -0.80
CA GLY A 313 33.88 7.20 0.50
C GLY A 313 32.69 8.12 0.53
N SER A 314 31.93 8.13 -0.56
CA SER A 314 30.78 9.03 -0.69
C SER A 314 29.45 8.30 -0.49
N ASP A 315 29.40 7.04 -0.93
CA ASP A 315 28.15 6.29 -0.96
C ASP A 315 28.23 4.84 -0.52
N MET A 316 27.14 4.35 0.08
CA MET A 316 27.03 2.95 0.49
C MET A 316 25.67 2.36 0.13
N VAL A 317 25.69 1.18 -0.48
CA VAL A 317 24.47 0.46 -0.85
C VAL A 317 24.40 -0.90 -0.15
N GLN A 318 23.20 -1.32 0.23
CA GLN A 318 23.02 -2.59 0.93
C GLN A 318 22.12 -3.59 0.17
N ALA A 319 22.74 -4.61 -0.41
CA ALA A 319 22.03 -5.62 -1.19
C ALA A 319 21.78 -6.89 -0.38
N GLU A 320 20.82 -7.70 -0.81
CA GLU A 320 20.46 -8.91 -0.07
C GLU A 320 19.62 -9.94 -0.82
N ARG A 321 20.14 -11.16 -0.87
CA ARG A 321 19.40 -12.31 -1.40
C ARG A 321 18.87 -13.14 -0.24
N SER A 322 17.69 -13.73 -0.41
CA SER A 322 17.10 -14.53 0.65
C SER A 322 16.26 -15.67 0.10
N GLY A 323 16.35 -16.83 0.74
CA GLY A 323 15.57 -17.98 0.33
C GLY A 323 16.28 -18.93 -0.63
N ILE A 324 17.56 -19.17 -0.37
CA ILE A 324 18.35 -20.18 -1.10
C ILE A 324 18.31 -21.54 -0.39
N PRO A 325 17.66 -22.53 -1.03
CA PRO A 325 17.40 -23.85 -0.44
C PRO A 325 18.57 -24.82 -0.48
N ILE A 326 18.73 -25.52 0.62
CA ILE A 326 19.76 -26.53 0.76
C ILE A 326 19.13 -27.84 0.33
N VAL A 327 18.90 -28.01 -0.97
CA VAL A 327 18.28 -29.24 -1.44
C VAL A 327 19.27 -30.10 -2.19
N THR A 328 19.47 -31.32 -1.70
CA THR A 328 20.30 -32.30 -2.38
C THR A 328 19.59 -32.65 -3.68
N SER A 329 18.27 -32.80 -3.60
CA SER A 329 17.45 -32.99 -4.80
C SER A 329 17.03 -31.66 -5.42
N PRO A 330 17.87 -31.16 -6.32
CA PRO A 330 17.69 -29.84 -6.94
C PRO A 330 16.24 -29.58 -7.33
N TYR A 331 15.67 -30.43 -8.16
CA TYR A 331 14.31 -30.20 -8.63
C TYR A 331 13.28 -30.83 -7.70
N GLN A 332 12.18 -30.10 -7.53
CA GLN A 332 11.02 -30.57 -6.76
C GLN A 332 9.97 -30.97 -7.79
N ILE A 333 8.92 -31.67 -7.38
CA ILE A 333 7.89 -32.13 -8.33
C ILE A 333 6.44 -31.83 -7.86
N HIS A 334 5.86 -30.76 -8.40
CA HIS A 334 4.51 -30.33 -8.03
C HIS A 334 3.43 -30.92 -8.93
N PHE A 335 2.31 -31.29 -8.32
CA PHE A 335 1.17 -31.76 -9.10
C PHE A 335 -0.04 -30.84 -9.02
N THR A 336 0.17 -29.53 -9.11
CA THR A 336 -0.93 -28.56 -8.88
C THR A 336 -1.54 -27.94 -10.14
N LYS A 337 -0.89 -28.16 -11.29
CA LYS A 337 -1.51 -27.79 -12.57
C LYS A 337 -2.16 -29.02 -13.13
N THR A 338 -2.15 -30.05 -12.30
CA THR A 338 -2.61 -31.35 -12.71
C THR A 338 -4.02 -31.60 -12.24
N PRO A 339 -4.86 -32.14 -13.14
CA PRO A 339 -6.21 -32.61 -12.83
C PRO A 339 -6.16 -33.64 -11.69
N LYS A 340 -7.25 -33.79 -10.91
CA LYS A 340 -7.26 -34.82 -9.86
C LYS A 340 -8.30 -35.93 -10.12
N TYR A 341 -8.83 -35.97 -11.34
CA TYR A 341 -9.78 -36.99 -11.78
C TYR A 341 -9.56 -37.43 -13.24
N PHE A 342 -10.03 -38.62 -13.59
CA PHE A 342 -9.92 -39.09 -14.95
C PHE A 342 -11.22 -39.65 -15.54
N LYS A 343 -11.16 -40.08 -16.79
CA LYS A 343 -12.30 -40.75 -17.43
C LYS A 343 -11.87 -42.12 -17.90
N PRO A 344 -12.59 -43.18 -17.47
CA PRO A 344 -12.17 -44.57 -17.66
C PRO A 344 -12.12 -45.04 -19.11
N GLY A 345 -10.90 -45.30 -19.61
CA GLY A 345 -10.70 -45.86 -20.94
C GLY A 345 -10.09 -44.88 -21.93
N MET A 346 -9.63 -43.74 -21.40
CA MET A 346 -9.14 -42.65 -22.23
C MET A 346 -7.87 -41.97 -21.69
N PRO A 347 -7.22 -41.18 -22.56
CA PRO A 347 -5.93 -40.56 -22.23
C PRO A 347 -6.01 -39.55 -21.11
N PHE A 348 -4.96 -39.53 -20.29
CA PHE A 348 -4.82 -38.55 -19.22
C PHE A 348 -3.59 -37.69 -19.55
N ASP A 349 -3.81 -36.39 -19.74
CA ASP A 349 -2.73 -35.42 -19.92
C ASP A 349 -2.07 -35.05 -18.58
N LEU A 350 -0.74 -35.05 -18.52
CA LEU A 350 -0.04 -34.69 -17.28
C LEU A 350 0.80 -33.40 -17.33
N MET A 351 0.42 -32.44 -16.49
CA MET A 351 1.07 -31.13 -16.43
C MET A 351 1.83 -30.96 -15.13
N VAL A 352 2.80 -31.83 -14.93
CA VAL A 352 3.71 -31.75 -13.80
C VAL A 352 4.16 -30.30 -13.65
N PHE A 353 4.53 -29.91 -12.44
CA PHE A 353 5.15 -28.60 -12.27
C PHE A 353 6.48 -28.65 -11.53
N VAL A 354 7.56 -28.79 -12.29
CA VAL A 354 8.91 -28.87 -11.73
C VAL A 354 9.43 -27.48 -11.37
N THR A 355 10.08 -27.38 -10.22
CA THR A 355 10.68 -26.14 -9.74
C THR A 355 12.10 -26.38 -9.27
N ASN A 356 12.99 -25.43 -9.56
CA ASN A 356 14.25 -25.38 -8.85
C ASN A 356 13.94 -25.22 -7.40
N PRO A 357 14.97 -25.24 -6.56
CA PRO A 357 14.64 -25.25 -5.14
C PRO A 357 14.02 -23.94 -4.61
N ASP A 358 14.34 -22.78 -5.19
CA ASP A 358 13.83 -21.50 -4.64
C ASP A 358 12.31 -21.25 -4.77
N GLY A 359 11.70 -21.79 -5.81
CA GLY A 359 10.30 -21.56 -6.13
C GLY A 359 10.11 -21.46 -7.64
N SER A 360 11.14 -20.97 -8.32
CA SER A 360 11.12 -20.81 -9.78
C SER A 360 11.07 -22.13 -10.53
N PRO A 361 10.41 -22.13 -11.68
CA PRO A 361 10.23 -23.32 -12.52
C PRO A 361 11.53 -23.84 -13.17
N ALA A 362 11.58 -25.16 -13.37
CA ALA A 362 12.73 -25.84 -13.98
C ALA A 362 12.77 -25.72 -15.52
N TYR A 363 13.90 -26.06 -16.13
CA TYR A 363 14.02 -25.99 -17.59
C TYR A 363 14.86 -27.10 -18.19
N ARG A 364 14.46 -27.57 -19.36
CA ARG A 364 15.23 -28.57 -20.09
C ARG A 364 15.52 -29.81 -19.24
N VAL A 365 14.51 -30.25 -18.48
CA VAL A 365 14.72 -31.37 -17.59
C VAL A 365 13.70 -32.46 -17.91
N PRO A 366 14.14 -33.50 -18.60
CA PRO A 366 13.30 -34.67 -18.90
C PRO A 366 12.65 -35.25 -17.63
N VAL A 367 11.41 -35.71 -17.73
CA VAL A 367 10.76 -36.48 -16.65
C VAL A 367 10.00 -37.66 -17.25
N ALA A 368 9.96 -38.79 -16.56
CA ALA A 368 9.31 -39.98 -17.11
C ALA A 368 8.30 -40.62 -16.17
N VAL A 369 7.39 -41.39 -16.74
CA VAL A 369 6.41 -42.17 -15.96
C VAL A 369 7.14 -43.18 -15.04
N GLN A 370 6.45 -43.67 -14.02
CA GLN A 370 7.01 -44.68 -13.10
C GLN A 370 7.33 -45.97 -13.86
N GLY A 371 6.34 -46.45 -14.62
CA GLY A 371 6.54 -47.51 -15.59
C GLY A 371 6.74 -46.83 -16.93
N GLU A 372 6.68 -47.59 -18.02
CA GLU A 372 6.87 -47.01 -19.35
C GLU A 372 8.18 -46.23 -19.39
N ASP A 373 9.29 -46.92 -19.19
CA ASP A 373 10.60 -46.27 -19.15
C ASP A 373 10.84 -45.43 -20.39
N THR A 374 10.23 -45.84 -21.49
CA THR A 374 10.39 -45.17 -22.77
C THR A 374 9.80 -43.77 -22.78
N VAL A 375 8.74 -43.58 -22.00
CA VAL A 375 8.04 -42.31 -21.98
C VAL A 375 8.90 -41.18 -21.41
N GLN A 376 8.82 -40.03 -22.05
CA GLN A 376 9.65 -38.88 -21.71
C GLN A 376 8.91 -37.56 -21.90
N SER A 377 9.42 -36.54 -21.24
CA SER A 377 8.93 -35.18 -21.35
C SER A 377 10.12 -34.25 -21.51
N LEU A 378 9.85 -33.07 -22.08
CA LEU A 378 10.84 -32.03 -22.30
C LEU A 378 10.40 -30.72 -21.64
N THR A 379 11.32 -30.07 -20.93
CA THR A 379 11.03 -28.82 -20.23
C THR A 379 10.66 -27.65 -21.14
N GLN A 380 9.71 -26.87 -20.65
CA GLN A 380 9.21 -25.64 -21.25
C GLN A 380 9.96 -24.49 -20.57
N GLY A 381 9.94 -23.30 -21.15
CA GLY A 381 10.70 -22.20 -20.58
C GLY A 381 10.00 -21.90 -19.27
N ASP A 382 8.90 -22.62 -19.02
CA ASP A 382 8.07 -22.35 -17.84
C ASP A 382 8.08 -23.33 -16.65
N GLY A 383 8.69 -24.49 -16.79
CA GLY A 383 8.69 -25.43 -15.67
C GLY A 383 7.48 -26.35 -15.69
N VAL A 384 7.01 -26.65 -16.90
CA VAL A 384 5.89 -27.56 -17.10
C VAL A 384 6.00 -28.21 -18.48
N ALA A 385 6.10 -29.54 -18.49
CA ALA A 385 6.29 -30.27 -19.74
C ALA A 385 4.99 -30.90 -20.24
N LYS A 386 5.10 -31.80 -21.22
CA LYS A 386 3.91 -32.46 -21.79
C LYS A 386 3.98 -34.02 -21.81
N LEU A 387 3.23 -34.67 -20.91
CA LEU A 387 3.17 -36.15 -20.81
C LEU A 387 1.75 -36.72 -20.91
N SER A 388 1.65 -37.99 -21.31
CA SER A 388 0.35 -38.67 -21.36
C SER A 388 0.50 -40.19 -21.21
N ILE A 389 -0.61 -40.83 -20.87
CA ILE A 389 -0.70 -42.29 -20.79
C ILE A 389 -2.15 -42.76 -20.94
N ASN A 390 -2.32 -43.89 -21.63
CA ASN A 390 -3.63 -44.54 -21.79
C ASN A 390 -4.13 -45.06 -20.44
N THR A 391 -5.42 -44.87 -20.15
CA THR A 391 -6.04 -45.44 -18.96
C THR A 391 -6.95 -46.63 -19.34
N HIS A 392 -6.75 -47.78 -18.69
CA HIS A 392 -7.57 -48.95 -18.97
C HIS A 392 -9.00 -48.70 -18.49
N PRO A 393 -9.99 -49.36 -19.12
CA PRO A 393 -11.40 -49.22 -18.76
C PRO A 393 -11.71 -49.63 -17.32
N SER A 394 -11.00 -49.06 -16.35
CA SER A 394 -11.23 -49.32 -14.93
C SER A 394 -11.69 -48.09 -14.15
N GLN A 395 -12.67 -48.28 -13.25
CA GLN A 395 -13.02 -47.25 -12.28
C GLN A 395 -11.99 -47.28 -11.13
N LYS A 396 -10.85 -47.92 -11.40
CA LYS A 396 -9.77 -48.14 -10.42
C LYS A 396 -8.82 -46.95 -10.30
N PRO A 397 -8.87 -46.24 -9.15
CA PRO A 397 -8.07 -45.04 -8.87
C PRO A 397 -6.63 -45.15 -9.43
N LEU A 398 -6.07 -44.04 -9.87
CA LEU A 398 -4.79 -44.08 -10.59
C LEU A 398 -3.62 -43.53 -9.77
N SER A 399 -2.70 -44.41 -9.40
CA SER A 399 -1.62 -44.03 -8.48
C SER A 399 -0.38 -43.71 -9.30
N ILE A 400 0.04 -42.46 -9.24
CA ILE A 400 1.04 -41.88 -10.14
C ILE A 400 2.35 -41.59 -9.44
N THR A 401 3.43 -42.28 -9.79
CA THR A 401 4.74 -41.97 -9.21
C THR A 401 5.76 -41.47 -10.24
N VAL A 402 5.67 -40.18 -10.56
CA VAL A 402 6.55 -39.55 -11.54
C VAL A 402 7.99 -39.55 -11.04
N ARG A 403 8.93 -39.76 -11.95
CA ARG A 403 10.34 -39.71 -11.63
C ARG A 403 11.09 -38.81 -12.60
N THR A 404 11.91 -37.91 -12.07
CA THR A 404 12.73 -37.04 -12.92
C THR A 404 13.93 -37.81 -13.50
N LYS A 405 14.21 -37.57 -14.78
CA LYS A 405 15.19 -38.38 -15.51
C LYS A 405 16.31 -37.57 -16.20
N LYS A 406 16.68 -36.43 -15.64
CA LYS A 406 17.75 -35.62 -16.23
C LYS A 406 19.11 -36.24 -15.89
N GLN A 407 19.91 -36.53 -16.93
CA GLN A 407 21.26 -37.04 -16.73
C GLN A 407 22.08 -36.05 -15.88
N GLU A 408 23.37 -36.31 -15.72
CA GLU A 408 24.23 -35.48 -14.86
C GLU A 408 24.06 -35.81 -13.37
N LEU A 409 22.96 -36.51 -13.04
CA LEU A 409 22.67 -36.84 -11.64
C LEU A 409 22.30 -38.32 -11.49
N SER A 410 22.05 -38.74 -10.26
CA SER A 410 21.73 -40.14 -10.00
C SER A 410 20.26 -40.33 -9.64
N GLU A 411 19.81 -41.58 -9.66
CA GLU A 411 18.45 -41.93 -9.23
C GLU A 411 18.37 -41.87 -7.71
N ALA A 412 19.22 -41.03 -7.15
CA ALA A 412 19.25 -40.77 -5.71
C ALA A 412 19.13 -39.26 -5.45
N GLU A 413 19.64 -38.47 -6.39
CA GLU A 413 19.49 -37.02 -6.34
C GLU A 413 18.24 -36.58 -7.09
N GLN A 414 17.57 -37.52 -7.73
CA GLN A 414 16.35 -37.22 -8.49
C GLN A 414 15.13 -37.17 -7.59
N ALA A 415 14.54 -35.99 -7.48
CA ALA A 415 13.30 -35.84 -6.72
C ALA A 415 12.13 -36.45 -7.48
N THR A 416 11.15 -36.91 -6.71
CA THR A 416 9.98 -37.58 -7.26
C THR A 416 8.76 -37.13 -6.45
N ARG A 417 7.56 -37.34 -6.99
CA ARG A 417 6.32 -36.96 -6.31
C ARG A 417 5.13 -37.82 -6.79
N THR A 418 4.36 -38.35 -5.84
CA THR A 418 3.23 -39.22 -6.15
C THR A 418 1.87 -38.53 -5.83
N MET A 419 1.04 -38.36 -6.86
CA MET A 419 -0.32 -37.78 -6.72
C MET A 419 -1.36 -38.86 -7.05
N GLN A 420 -2.65 -38.53 -6.99
CA GLN A 420 -3.68 -39.51 -7.40
C GLN A 420 -4.86 -38.93 -8.16
N ALA A 421 -5.22 -39.61 -9.25
CA ALA A 421 -6.39 -39.26 -10.05
C ALA A 421 -7.52 -40.24 -9.75
N LEU A 422 -8.76 -39.75 -9.75
CA LEU A 422 -9.92 -40.58 -9.40
C LEU A 422 -10.92 -40.67 -10.54
N PRO A 423 -11.66 -41.79 -10.60
CA PRO A 423 -12.67 -42.06 -11.65
C PRO A 423 -13.72 -40.96 -11.81
N TYR A 424 -14.40 -40.96 -12.95
CA TYR A 424 -15.49 -40.03 -13.22
C TYR A 424 -16.80 -40.83 -13.27
N SER A 425 -17.66 -40.60 -12.28
CA SER A 425 -18.91 -41.36 -12.12
C SER A 425 -20.02 -40.94 -13.10
N THR A 426 -20.37 -41.84 -14.01
CA THR A 426 -21.40 -41.56 -15.00
C THR A 426 -22.78 -41.96 -14.48
N VAL A 427 -23.77 -41.12 -14.76
CA VAL A 427 -25.13 -41.42 -14.32
C VAL A 427 -25.54 -42.69 -15.04
N GLY A 428 -26.21 -43.59 -14.33
CA GLY A 428 -26.58 -44.86 -14.92
C GLY A 428 -25.33 -45.68 -14.64
N ASN A 429 -24.19 -45.04 -14.87
CA ASN A 429 -22.92 -45.72 -14.78
C ASN A 429 -22.97 -46.79 -15.84
N SER A 430 -23.96 -46.64 -16.72
CA SER A 430 -24.22 -47.65 -17.73
C SER A 430 -22.92 -47.75 -18.47
N ASN A 431 -22.30 -46.60 -18.65
CA ASN A 431 -21.01 -46.55 -19.31
C ASN A 431 -20.98 -45.47 -20.39
N ASN A 432 -21.43 -44.26 -20.02
CA ASN A 432 -21.46 -43.09 -20.91
C ASN A 432 -20.48 -41.97 -20.50
N TYR A 433 -19.31 -41.96 -21.14
CA TYR A 433 -18.28 -40.96 -20.88
C TYR A 433 -18.16 -39.94 -22.02
N LEU A 434 -17.52 -38.82 -21.70
CA LEU A 434 -17.11 -37.87 -22.71
C LEU A 434 -15.69 -37.51 -22.36
N HIS A 435 -14.81 -37.49 -23.36
CA HIS A 435 -13.41 -37.10 -23.12
C HIS A 435 -12.96 -35.97 -24.06
N LEU A 436 -12.52 -34.87 -23.48
CA LEU A 436 -12.12 -33.69 -24.25
C LEU A 436 -10.59 -33.61 -24.37
N SER A 437 -10.11 -33.86 -25.59
CA SER A 437 -8.68 -33.82 -25.85
C SER A 437 -8.29 -32.51 -26.52
N VAL A 438 -7.26 -31.87 -26.00
CA VAL A 438 -6.83 -30.57 -26.50
C VAL A 438 -5.34 -30.42 -26.70
N LEU A 439 -4.98 -29.83 -27.83
CA LEU A 439 -3.61 -29.46 -28.10
C LEU A 439 -3.19 -28.39 -27.13
N ARG A 440 -2.87 -28.76 -25.90
CA ARG A 440 -2.34 -27.78 -24.96
C ARG A 440 -1.05 -27.21 -25.55
N THR A 441 -1.15 -26.02 -26.15
CA THR A 441 0.02 -25.27 -26.60
C THR A 441 0.10 -23.93 -25.86
N GLU A 442 1.28 -23.31 -25.79
CA GLU A 442 1.39 -21.97 -25.20
C GLU A 442 0.60 -21.02 -26.07
N LEU A 443 -0.71 -21.18 -26.06
CA LEU A 443 -1.60 -20.43 -26.93
C LEU A 443 -1.37 -18.93 -26.83
N ARG A 444 -1.35 -18.27 -27.98
CA ARG A 444 -1.19 -16.83 -28.01
C ARG A 444 -2.42 -16.21 -28.66
N PRO A 445 -2.74 -14.96 -28.28
CA PRO A 445 -3.85 -14.23 -28.92
C PRO A 445 -3.73 -14.24 -30.44
N GLY A 446 -4.74 -14.78 -31.12
CA GLY A 446 -4.74 -14.83 -32.58
C GLY A 446 -4.57 -16.23 -33.16
N GLU A 447 -4.40 -17.22 -32.28
CA GLU A 447 -4.23 -18.60 -32.72
C GLU A 447 -5.55 -19.35 -32.84
N THR A 448 -5.50 -20.52 -33.47
CA THR A 448 -6.69 -21.38 -33.58
C THR A 448 -6.47 -22.67 -32.78
N LEU A 449 -7.29 -22.89 -31.75
CA LEU A 449 -7.14 -24.11 -30.95
C LEU A 449 -8.25 -25.13 -31.15
N ASN A 450 -7.82 -26.31 -31.58
CA ASN A 450 -8.72 -27.42 -31.83
C ASN A 450 -9.33 -27.94 -30.55
N VAL A 451 -10.47 -28.58 -30.69
CA VAL A 451 -11.25 -29.00 -29.55
C VAL A 451 -11.84 -30.35 -29.88
N ASN A 452 -11.39 -31.35 -29.16
CA ASN A 452 -11.65 -32.73 -29.57
C ASN A 452 -12.68 -33.43 -28.67
N PHE A 453 -13.65 -34.07 -29.32
CA PHE A 453 -14.79 -34.68 -28.64
C PHE A 453 -14.80 -36.18 -28.82
N LEU A 454 -14.47 -36.91 -27.77
CA LEU A 454 -14.41 -38.37 -27.82
C LEU A 454 -15.54 -39.03 -27.02
N LEU A 455 -16.68 -39.24 -27.66
CA LEU A 455 -17.89 -39.83 -27.05
C LEU A 455 -17.62 -41.26 -26.57
N ARG A 456 -18.50 -41.78 -25.70
CA ARG A 456 -18.29 -43.13 -25.18
C ARG A 456 -19.60 -43.84 -24.84
N MET A 457 -20.23 -44.45 -25.84
CA MET A 457 -21.51 -45.11 -25.62
C MET A 457 -21.79 -46.24 -26.62
N ASP A 458 -22.53 -47.26 -26.19
CA ASP A 458 -23.07 -48.27 -27.11
C ASP A 458 -23.73 -47.62 -28.35
N ARG A 459 -24.04 -48.41 -29.40
CA ARG A 459 -24.49 -47.81 -30.67
C ARG A 459 -26.00 -47.87 -30.93
N ALA A 460 -26.78 -47.90 -29.86
CA ALA A 460 -28.21 -47.76 -29.99
C ALA A 460 -28.67 -46.37 -29.51
N HIS A 461 -27.77 -45.65 -28.85
CA HIS A 461 -28.06 -44.32 -28.31
C HIS A 461 -27.05 -43.25 -28.79
N GLU A 462 -26.43 -43.49 -29.95
CA GLU A 462 -25.49 -42.52 -30.52
C GLU A 462 -26.08 -41.92 -31.79
N ALA A 463 -27.30 -42.35 -32.10
CA ALA A 463 -28.11 -41.79 -33.18
C ALA A 463 -29.04 -40.72 -32.61
N LYS A 464 -28.76 -40.34 -31.36
CA LYS A 464 -29.58 -39.39 -30.61
C LYS A 464 -28.82 -38.13 -30.16
N ILE A 465 -27.49 -38.20 -30.21
CA ILE A 465 -26.66 -37.09 -29.76
C ILE A 465 -26.32 -36.18 -30.94
N ARG A 466 -27.07 -35.10 -31.07
CA ARG A 466 -26.96 -34.26 -32.26
C ARG A 466 -26.29 -32.93 -32.02
N TYR A 467 -26.02 -32.63 -30.76
CA TYR A 467 -25.30 -31.42 -30.44
C TYR A 467 -24.73 -31.51 -29.05
N TYR A 468 -23.47 -31.10 -28.92
CA TYR A 468 -22.85 -30.92 -27.62
C TYR A 468 -23.09 -29.46 -27.17
N THR A 469 -22.98 -29.18 -25.88
CA THR A 469 -23.10 -27.81 -25.37
C THR A 469 -21.97 -27.49 -24.39
N TYR A 470 -21.53 -26.24 -24.38
CA TYR A 470 -20.25 -25.90 -23.78
C TYR A 470 -20.12 -24.46 -23.34
N LEU A 471 -18.99 -24.15 -22.70
CA LEU A 471 -18.78 -22.84 -22.13
C LEU A 471 -17.31 -22.47 -21.93
N ILE A 472 -17.03 -21.19 -21.78
CA ILE A 472 -15.67 -20.72 -21.55
C ILE A 472 -15.52 -19.81 -20.32
N MET A 473 -14.87 -20.31 -19.27
CA MET A 473 -14.55 -19.53 -18.06
C MET A 473 -13.40 -18.53 -18.32
N ASN A 474 -13.20 -17.58 -17.42
CA ASN A 474 -12.24 -16.48 -17.64
C ASN A 474 -12.19 -15.43 -16.50
N LYS A 475 -11.32 -15.65 -15.49
CA LYS A 475 -11.17 -14.76 -14.32
C LYS A 475 -12.29 -14.88 -13.29
N GLY A 476 -13.28 -15.71 -13.60
CA GLY A 476 -14.44 -15.88 -12.75
C GLY A 476 -15.79 -15.69 -13.43
N ARG A 477 -15.78 -15.08 -14.63
CA ARG A 477 -17.01 -14.82 -15.39
C ARG A 477 -17.19 -15.78 -16.58
N LEU A 478 -18.38 -15.75 -17.18
CA LEU A 478 -18.65 -16.55 -18.37
C LEU A 478 -18.50 -15.71 -19.65
N LEU A 479 -17.71 -16.23 -20.58
CA LEU A 479 -17.25 -15.46 -21.73
C LEU A 479 -18.14 -15.64 -22.96
N LYS A 480 -18.43 -16.89 -23.31
CA LYS A 480 -19.08 -17.19 -24.58
C LYS A 480 -19.76 -18.57 -24.62
N ALA A 481 -20.85 -18.69 -25.39
CA ALA A 481 -21.54 -19.98 -25.52
C ALA A 481 -22.47 -20.15 -26.73
N GLY A 482 -22.79 -21.41 -27.01
CA GLY A 482 -23.60 -21.80 -28.15
C GLY A 482 -23.73 -23.32 -28.27
N ARG A 483 -23.47 -23.86 -29.47
CA ARG A 483 -23.56 -25.30 -29.70
C ARG A 483 -22.55 -25.79 -30.74
N GLN A 484 -22.32 -27.10 -30.79
CA GLN A 484 -21.58 -27.75 -31.88
C GLN A 484 -22.38 -28.94 -32.42
N VAL A 485 -22.19 -29.27 -33.71
CA VAL A 485 -22.96 -30.32 -34.39
C VAL A 485 -22.20 -31.64 -34.56
N ARG A 486 -22.87 -32.75 -34.24
CA ARG A 486 -22.33 -34.11 -34.37
C ARG A 486 -23.32 -35.03 -35.09
N GLU A 487 -22.90 -35.63 -36.21
CA GLU A 487 -23.75 -36.53 -36.98
C GLU A 487 -23.64 -38.00 -36.53
N PRO A 488 -24.75 -38.76 -36.61
CA PRO A 488 -24.80 -40.17 -36.18
C PRO A 488 -23.74 -41.00 -36.86
N GLY A 489 -22.82 -41.53 -36.08
CA GLY A 489 -21.69 -42.28 -36.60
C GLY A 489 -20.38 -41.53 -36.40
N GLN A 490 -20.46 -40.34 -35.80
CA GLN A 490 -19.28 -39.54 -35.49
C GLN A 490 -19.11 -39.47 -34.00
N ASP A 491 -18.28 -40.36 -33.48
CA ASP A 491 -17.90 -40.32 -32.08
C ASP A 491 -16.85 -39.22 -31.87
N LEU A 492 -16.55 -38.44 -32.91
CA LEU A 492 -15.60 -37.33 -32.81
C LEU A 492 -15.86 -36.18 -33.81
N VAL A 493 -15.99 -34.97 -33.29
CA VAL A 493 -16.07 -33.78 -34.10
C VAL A 493 -15.12 -32.77 -33.50
N VAL A 494 -14.32 -32.11 -34.33
CA VAL A 494 -13.39 -31.08 -33.84
C VAL A 494 -14.12 -29.74 -33.70
N LEU A 495 -13.62 -28.85 -32.84
CA LEU A 495 -14.18 -27.48 -32.72
C LEU A 495 -13.14 -26.36 -32.80
N PRO A 496 -13.04 -25.71 -33.99
CA PRO A 496 -12.07 -24.65 -34.23
C PRO A 496 -12.44 -23.46 -33.38
N LEU A 497 -11.55 -23.09 -32.49
CA LEU A 497 -11.76 -21.87 -31.74
C LEU A 497 -10.55 -20.96 -31.84
N SER A 498 -10.83 -19.68 -32.08
CA SER A 498 -9.81 -18.65 -32.19
C SER A 498 -9.59 -17.89 -30.87
N ILE A 499 -8.32 -17.62 -30.56
CA ILE A 499 -7.95 -16.95 -29.32
C ILE A 499 -7.93 -15.42 -29.46
N THR A 500 -8.61 -14.74 -28.54
CA THR A 500 -8.51 -13.28 -28.42
C THR A 500 -7.69 -12.92 -27.16
N THR A 501 -7.58 -11.62 -26.84
CA THR A 501 -6.72 -11.15 -25.75
C THR A 501 -7.32 -11.34 -24.34
N ASP A 502 -8.51 -11.94 -24.30
CA ASP A 502 -9.37 -11.91 -23.13
C ASP A 502 -9.24 -13.14 -22.24
N PHE A 503 -9.05 -14.29 -22.85
CA PHE A 503 -8.91 -15.55 -22.12
C PHE A 503 -7.69 -15.48 -21.21
N ILE A 504 -6.73 -14.65 -21.62
CA ILE A 504 -5.59 -14.33 -20.79
C ILE A 504 -6.10 -13.80 -19.46
N PRO A 505 -5.59 -14.35 -18.34
CA PRO A 505 -4.55 -15.38 -18.29
C PRO A 505 -5.02 -16.81 -18.57
N SER A 506 -5.73 -17.42 -17.63
CA SER A 506 -6.18 -18.79 -17.80
C SER A 506 -7.69 -18.87 -18.02
N PHE A 507 -8.11 -19.91 -18.74
CA PHE A 507 -9.52 -20.09 -19.04
C PHE A 507 -9.84 -21.56 -19.11
N ARG A 508 -11.00 -21.93 -18.58
CA ARG A 508 -11.41 -23.31 -18.63
C ARG A 508 -12.24 -23.60 -19.87
N LEU A 509 -13.04 -24.65 -19.79
CA LEU A 509 -13.99 -24.97 -20.82
C LEU A 509 -14.73 -26.23 -20.44
N VAL A 510 -16.06 -26.16 -20.48
CA VAL A 510 -16.89 -27.28 -20.14
C VAL A 510 -17.80 -27.63 -21.32
N ALA A 511 -18.11 -28.92 -21.48
CA ALA A 511 -18.95 -29.41 -22.56
C ALA A 511 -19.78 -30.59 -22.10
N TYR A 512 -20.75 -31.02 -22.92
CA TYR A 512 -21.65 -32.10 -22.53
C TYR A 512 -22.81 -32.24 -23.51
N TYR A 513 -23.59 -33.31 -23.33
CA TYR A 513 -24.76 -33.56 -24.17
C TYR A 513 -25.97 -33.97 -23.31
N THR A 514 -27.14 -34.06 -23.93
CA THR A 514 -28.26 -34.73 -23.26
C THR A 514 -28.99 -35.67 -24.20
N LEU A 515 -29.43 -36.78 -23.63
CA LEU A 515 -30.18 -37.81 -24.32
C LEU A 515 -30.94 -38.61 -23.28
N ILE A 516 -31.96 -39.34 -23.71
CA ILE A 516 -32.63 -40.24 -22.79
C ILE A 516 -32.37 -41.67 -23.27
N GLY A 517 -31.68 -42.44 -22.43
CA GLY A 517 -31.30 -43.82 -22.70
C GLY A 517 -31.25 -44.76 -21.51
N ALA A 518 -31.29 -46.05 -21.80
CA ALA A 518 -31.31 -47.13 -20.80
C ALA A 518 -32.73 -47.64 -20.54
N SER A 519 -33.46 -46.95 -19.68
CA SER A 519 -34.83 -47.33 -19.30
C SER A 519 -35.59 -46.13 -18.72
N GLY A 520 -35.99 -45.19 -19.59
CA GLY A 520 -36.74 -44.01 -19.18
C GLY A 520 -35.90 -42.95 -18.47
N GLN A 521 -34.58 -43.01 -18.70
CA GLN A 521 -33.61 -42.25 -17.92
C GLN A 521 -32.89 -41.17 -18.71
N ARG A 522 -33.34 -39.93 -18.55
CA ARG A 522 -32.62 -38.82 -19.14
C ARG A 522 -31.25 -38.88 -18.46
N GLU A 523 -30.20 -38.73 -19.26
CA GLU A 523 -28.83 -38.88 -18.79
C GLU A 523 -28.02 -37.62 -18.99
N VAL A 524 -27.08 -37.38 -18.08
CA VAL A 524 -26.19 -36.22 -18.18
C VAL A 524 -24.74 -36.59 -17.93
N VAL A 525 -23.94 -36.48 -18.98
CA VAL A 525 -22.51 -36.66 -18.85
C VAL A 525 -21.85 -35.39 -19.36
N ALA A 526 -20.72 -35.00 -18.74
CA ALA A 526 -20.02 -33.76 -19.09
C ALA A 526 -18.51 -33.89 -18.85
N ASP A 527 -17.74 -32.86 -19.16
CA ASP A 527 -16.30 -32.88 -18.88
C ASP A 527 -15.61 -31.51 -19.04
N SER A 528 -15.01 -31.01 -17.96
CA SER A 528 -14.37 -29.68 -17.94
C SER A 528 -12.89 -29.73 -18.33
N VAL A 529 -12.24 -28.56 -18.36
CA VAL A 529 -10.84 -28.47 -18.79
C VAL A 529 -10.25 -27.04 -18.69
N TRP A 530 -8.96 -26.96 -18.35
CA TRP A 530 -8.28 -25.70 -18.00
C TRP A 530 -6.96 -25.47 -18.76
N VAL A 531 -6.86 -24.33 -19.44
CA VAL A 531 -5.63 -23.98 -20.15
C VAL A 531 -5.17 -22.54 -19.84
N ASP A 532 -3.86 -22.38 -19.62
CA ASP A 532 -3.30 -21.06 -19.36
C ASP A 532 -2.86 -20.50 -20.70
N VAL A 533 -3.42 -19.35 -21.07
CA VAL A 533 -3.04 -18.66 -22.31
C VAL A 533 -2.12 -17.50 -21.97
N LYS A 534 -1.18 -17.21 -22.87
CA LYS A 534 -0.11 -16.22 -22.63
C LYS A 534 -0.57 -14.93 -21.94
N ASP A 535 0.02 -14.65 -20.77
CA ASP A 535 -0.27 -13.47 -19.94
C ASP A 535 0.14 -12.14 -20.59
N SER A 536 -0.82 -11.42 -21.18
CA SER A 536 -0.53 -10.14 -21.80
C SER A 536 -1.57 -9.07 -21.48
N CYS A 537 -1.15 -7.80 -21.47
CA CYS A 537 -2.11 -6.74 -21.27
C CYS A 537 -2.96 -6.89 -22.52
N VAL A 538 -4.27 -6.80 -22.37
CA VAL A 538 -5.12 -7.09 -23.52
C VAL A 538 -5.00 -6.18 -24.73
N GLY A 539 -4.93 -4.87 -24.57
CA GLY A 539 -4.79 -4.11 -25.80
C GLY A 539 -3.35 -4.03 -26.27
N SER A 540 -2.73 -2.86 -26.09
CA SER A 540 -1.31 -2.71 -26.36
C SER A 540 -0.77 -1.35 -25.88
N LEU A 541 0.49 -1.33 -25.47
CA LEU A 541 1.13 -0.11 -25.01
C LEU A 541 2.66 -0.23 -24.85
N VAL A 542 3.39 0.72 -25.43
CA VAL A 542 4.83 0.79 -25.27
C VAL A 542 5.32 2.23 -25.16
N VAL A 543 6.40 2.39 -24.42
CA VAL A 543 7.08 3.65 -24.29
C VAL A 543 8.49 3.48 -24.80
N LYS A 544 8.85 4.30 -25.77
CA LYS A 544 10.22 4.32 -26.28
C LYS A 544 10.71 5.75 -26.44
N SER A 545 11.95 5.89 -26.95
CA SER A 545 12.58 7.19 -27.13
C SER A 545 12.25 7.74 -28.52
N GLY A 546 11.55 8.88 -28.55
CA GLY A 546 11.04 9.45 -29.79
C GLY A 546 12.04 9.54 -30.93
N GLN A 547 13.14 10.25 -30.66
CA GLN A 547 14.27 10.31 -31.58
C GLN A 547 14.51 8.93 -32.21
N SER A 548 14.86 8.90 -33.49
CA SER A 548 15.18 7.64 -34.14
C SER A 548 16.63 7.21 -33.84
N GLU A 549 17.47 8.18 -33.50
CA GLU A 549 18.85 7.90 -33.06
C GLU A 549 19.06 8.25 -31.58
N ASP A 550 19.40 7.27 -30.75
CA ASP A 550 19.58 7.53 -29.31
C ASP A 550 21.04 7.79 -28.89
N ARG A 551 21.26 8.99 -28.33
CA ARG A 551 22.47 9.32 -27.58
C ARG A 551 22.03 9.81 -26.20
N GLN A 552 22.81 9.48 -25.18
CA GLN A 552 22.48 9.82 -23.80
C GLN A 552 22.28 11.33 -23.59
N PRO A 553 21.02 11.79 -23.42
CA PRO A 553 20.77 13.22 -23.19
C PRO A 553 21.36 13.72 -21.86
N VAL A 554 22.00 14.89 -21.88
CA VAL A 554 22.60 15.47 -20.69
C VAL A 554 21.47 16.15 -19.91
N PRO A 555 21.64 16.36 -18.59
CA PRO A 555 20.59 16.91 -17.72
C PRO A 555 20.00 18.25 -18.16
N GLY A 556 18.73 18.24 -18.55
CA GLY A 556 18.02 19.42 -18.98
C GLY A 556 17.54 19.43 -20.43
N GLN A 557 18.07 18.52 -21.25
CA GLN A 557 17.82 18.59 -22.69
C GLN A 557 16.46 18.05 -23.11
N GLN A 558 16.03 18.48 -24.30
CA GLN A 558 14.76 18.04 -24.86
C GLN A 558 14.89 16.73 -25.64
N MET A 559 14.11 15.73 -25.25
CA MET A 559 13.97 14.51 -26.04
C MET A 559 12.50 14.12 -26.23
N THR A 560 12.04 14.19 -27.48
CA THR A 560 10.69 13.79 -27.82
C THR A 560 10.49 12.35 -27.37
N LEU A 561 9.33 12.02 -26.77
CA LEU A 561 9.09 10.66 -26.31
C LEU A 561 7.83 10.00 -26.92
N LYS A 562 8.07 9.00 -27.77
CA LYS A 562 7.05 8.35 -28.56
C LYS A 562 6.28 7.31 -27.75
N ILE A 563 5.04 7.05 -28.16
CA ILE A 563 4.19 6.15 -27.41
C ILE A 563 3.04 5.62 -28.22
N GLU A 564 2.71 4.36 -27.98
CA GLU A 564 1.79 3.63 -28.83
C GLU A 564 0.81 2.84 -27.98
N GLY A 565 -0.46 3.20 -28.05
CA GLY A 565 -1.49 2.51 -27.29
C GLY A 565 -2.81 2.44 -28.04
N ASP A 566 -3.88 2.07 -27.32
CA ASP A 566 -5.23 1.97 -27.89
C ASP A 566 -5.90 3.33 -28.01
N HIS A 567 -6.70 3.51 -29.06
CA HIS A 567 -7.32 4.83 -29.31
C HIS A 567 -8.44 5.13 -28.33
N GLY A 568 -8.63 6.41 -28.02
CA GLY A 568 -9.61 6.86 -27.05
C GLY A 568 -9.20 6.57 -25.61
N ALA A 569 -8.10 5.85 -25.46
CA ALA A 569 -7.59 5.50 -24.14
C ALA A 569 -6.94 6.69 -23.46
N ARG A 570 -7.16 6.80 -22.17
CA ARG A 570 -6.46 7.75 -21.34
C ARG A 570 -5.13 7.14 -20.92
N VAL A 571 -4.11 7.96 -20.67
CA VAL A 571 -2.78 7.46 -20.28
C VAL A 571 -2.10 8.30 -19.19
N VAL A 572 -1.49 7.62 -18.22
CA VAL A 572 -0.80 8.29 -17.10
C VAL A 572 0.70 7.94 -17.05
N LEU A 573 1.53 8.92 -16.71
CA LEU A 573 2.98 8.74 -16.84
C LEU A 573 3.80 9.40 -15.75
N VAL A 574 4.87 8.73 -15.35
CA VAL A 574 5.72 9.21 -14.28
C VAL A 574 7.11 8.63 -14.43
N ALA A 575 8.12 9.47 -14.23
CA ALA A 575 9.51 9.02 -14.24
C ALA A 575 10.02 8.77 -12.82
N VAL A 576 11.08 7.99 -12.69
CA VAL A 576 11.69 7.70 -11.38
C VAL A 576 13.21 7.46 -11.44
N ASP A 577 13.97 8.18 -10.61
CA ASP A 577 15.42 8.00 -10.52
C ASP A 577 15.76 6.55 -10.15
N LYS A 578 16.71 5.94 -10.86
CA LYS A 578 17.15 4.59 -10.55
C LYS A 578 18.01 4.57 -9.29
N GLY A 579 18.03 5.70 -8.60
CA GLY A 579 18.75 5.82 -7.35
C GLY A 579 17.84 5.69 -6.13
N VAL A 580 16.56 5.45 -6.37
CA VAL A 580 15.60 5.23 -5.28
C VAL A 580 15.34 3.75 -5.18
N PHE A 581 15.54 3.05 -6.30
CA PHE A 581 15.39 1.60 -6.36
C PHE A 581 16.75 0.93 -6.14
N VAL A 582 17.55 1.51 -5.26
CA VAL A 582 18.80 0.85 -4.84
C VAL A 582 18.89 0.87 -3.30
N LEU A 583 17.88 1.44 -2.67
CA LEU A 583 17.65 1.23 -1.24
C LEU A 583 16.40 0.38 -1.06
N ASN A 584 15.46 0.53 -2.00
CA ASN A 584 14.18 -0.15 -1.92
C ASN A 584 13.52 -0.25 -3.29
N LYS A 585 13.25 -1.48 -3.73
CA LYS A 585 12.60 -1.69 -5.02
C LYS A 585 11.44 -2.68 -4.93
N LYS A 586 10.77 -2.70 -3.78
CA LYS A 586 9.60 -3.52 -3.54
C LYS A 586 8.35 -2.62 -3.45
N ASN A 587 7.16 -3.21 -3.27
CA ASN A 587 5.92 -2.41 -3.19
C ASN A 587 5.58 -1.66 -4.48
N LYS A 588 6.37 -1.91 -5.53
CA LYS A 588 6.11 -1.38 -6.87
C LYS A 588 4.97 -2.16 -7.55
N LEU A 589 4.74 -1.88 -8.82
CA LEU A 589 3.61 -2.46 -9.52
C LEU A 589 4.06 -3.25 -10.74
N THR A 590 3.58 -4.48 -10.81
CA THR A 590 3.86 -5.35 -11.93
C THR A 590 2.54 -5.71 -12.58
N GLN A 591 2.48 -5.59 -13.91
CA GLN A 591 1.29 -5.99 -14.61
C GLN A 591 1.20 -7.45 -14.25
N SER A 592 2.37 -8.06 -14.17
CA SER A 592 2.50 -9.47 -13.77
C SER A 592 2.04 -9.69 -12.33
N LYS A 593 2.04 -8.63 -11.53
CA LYS A 593 1.43 -8.69 -10.20
C LYS A 593 -0.04 -8.32 -10.36
N ILE A 594 -0.37 -7.89 -11.58
CA ILE A 594 -1.73 -7.57 -11.95
C ILE A 594 -2.54 -8.84 -12.21
N TRP A 595 -2.15 -9.60 -13.24
CA TRP A 595 -2.81 -10.86 -13.54
C TRP A 595 -2.65 -11.86 -12.40
N ASP A 596 -1.51 -11.78 -11.71
CA ASP A 596 -1.19 -12.70 -10.61
C ASP A 596 -2.26 -12.62 -9.52
N VAL A 597 -3.04 -11.54 -9.55
CA VAL A 597 -4.10 -11.35 -8.58
C VAL A 597 -5.48 -11.63 -9.19
N VAL A 598 -5.64 -11.42 -10.49
CA VAL A 598 -6.92 -11.67 -11.16
C VAL A 598 -7.14 -13.16 -11.39
N GLU A 599 -6.16 -13.95 -11.01
CA GLU A 599 -6.28 -15.40 -11.09
C GLU A 599 -6.62 -15.94 -9.70
N LYS A 600 -5.94 -15.42 -8.69
CA LYS A 600 -6.19 -15.77 -7.30
C LYS A 600 -7.67 -15.57 -6.97
N ALA A 601 -8.31 -14.75 -7.79
CA ALA A 601 -9.74 -14.48 -7.66
C ALA A 601 -10.53 -15.14 -8.78
N ASP A 602 -10.37 -16.45 -8.89
CA ASP A 602 -11.14 -17.25 -9.83
C ASP A 602 -12.12 -18.07 -8.98
N ILE A 603 -13.17 -18.57 -9.60
CA ILE A 603 -14.12 -19.41 -8.89
C ILE A 603 -13.91 -20.87 -9.26
N GLY A 604 -13.13 -21.10 -10.32
CA GLY A 604 -12.72 -22.45 -10.66
C GLY A 604 -11.53 -22.83 -9.82
N CYS A 605 -11.50 -24.07 -9.33
CA CYS A 605 -10.48 -24.45 -8.35
C CYS A 605 -9.69 -25.74 -8.63
N THR A 606 -10.37 -26.80 -9.08
CA THR A 606 -9.68 -28.00 -9.61
C THR A 606 -9.83 -28.00 -11.09
N PRO A 607 -9.03 -27.16 -11.75
CA PRO A 607 -9.19 -26.91 -13.17
C PRO A 607 -9.12 -28.23 -13.88
N GLY A 608 -8.28 -29.10 -13.35
CA GLY A 608 -7.95 -30.34 -14.04
C GLY A 608 -9.08 -31.28 -14.42
N SER A 609 -10.03 -31.52 -13.52
CA SER A 609 -11.00 -32.59 -13.71
C SER A 609 -12.32 -32.46 -12.94
N GLY A 610 -13.05 -33.57 -12.93
CA GLY A 610 -14.30 -33.68 -12.21
C GLY A 610 -14.60 -35.09 -11.73
N LYS A 611 -15.14 -35.16 -10.51
CA LYS A 611 -15.58 -36.41 -9.90
C LYS A 611 -16.80 -37.00 -10.58
N ASP A 612 -17.85 -36.21 -10.66
CA ASP A 612 -19.04 -36.60 -11.38
C ASP A 612 -19.50 -35.36 -12.13
N TYR A 613 -20.48 -35.54 -13.01
CA TYR A 613 -20.89 -34.49 -13.93
C TYR A 613 -21.22 -33.18 -13.24
N ALA A 614 -21.48 -33.25 -11.94
CA ALA A 614 -21.76 -32.06 -11.15
C ALA A 614 -20.48 -31.47 -10.54
N GLY A 615 -19.56 -32.36 -10.17
CA GLY A 615 -18.28 -31.97 -9.62
C GLY A 615 -17.46 -31.18 -10.62
N VAL A 616 -17.48 -31.60 -11.87
CA VAL A 616 -16.82 -30.86 -12.94
C VAL A 616 -17.30 -29.40 -13.06
N PHE A 617 -18.51 -29.13 -12.58
CA PHE A 617 -19.08 -27.78 -12.60
C PHE A 617 -18.61 -26.88 -11.45
N SER A 618 -18.68 -27.39 -10.23
CA SER A 618 -18.14 -26.67 -9.07
C SER A 618 -16.61 -26.63 -9.11
N ASP A 619 -16.04 -27.52 -9.92
CA ASP A 619 -14.60 -27.63 -10.13
C ASP A 619 -14.18 -26.90 -11.43
N ALA A 620 -14.81 -25.76 -11.68
CA ALA A 620 -14.50 -24.87 -12.81
C ALA A 620 -15.13 -23.50 -12.52
N GLY A 621 -16.09 -23.49 -11.59
CA GLY A 621 -16.81 -22.28 -11.21
C GLY A 621 -18.21 -22.16 -11.81
N LEU A 622 -19.03 -23.21 -11.66
CA LEU A 622 -20.38 -23.26 -12.26
C LEU A 622 -21.41 -24.11 -11.48
N THR A 623 -22.68 -23.70 -11.48
CA THR A 623 -23.78 -24.49 -10.91
C THR A 623 -24.78 -24.96 -11.95
N PHE A 624 -24.87 -26.28 -12.13
CA PHE A 624 -25.86 -26.88 -13.03
C PHE A 624 -27.19 -27.14 -12.32
N THR A 625 -28.28 -27.14 -13.10
CA THR A 625 -29.62 -27.40 -12.58
C THR A 625 -30.58 -27.66 -13.74
N SER A 626 -31.65 -28.37 -13.47
CA SER A 626 -32.52 -28.78 -14.56
C SER A 626 -33.93 -29.08 -14.12
N SER A 627 -34.70 -29.69 -15.02
CA SER A 627 -36.10 -29.97 -14.78
C SER A 627 -36.37 -31.47 -14.72
N SER A 628 -35.41 -32.23 -14.19
CA SER A 628 -35.65 -33.63 -13.84
C SER A 628 -34.69 -34.13 -12.75
N GLY A 629 -34.26 -33.22 -11.87
CA GLY A 629 -33.61 -33.59 -10.63
C GLY A 629 -32.11 -33.38 -10.51
N GLN A 630 -31.40 -33.62 -11.60
CA GLN A 630 -29.95 -33.56 -11.60
C GLN A 630 -29.47 -32.13 -11.39
N GLN A 631 -28.51 -31.97 -10.49
CA GLN A 631 -27.94 -30.66 -10.20
C GLN A 631 -26.59 -30.75 -9.48
N THR A 632 -25.85 -29.64 -9.52
CA THR A 632 -24.50 -29.57 -8.96
C THR A 632 -24.46 -29.24 -7.47
N ALA A 633 -23.25 -29.33 -6.91
CA ALA A 633 -23.03 -29.05 -5.51
C ALA A 633 -23.30 -27.59 -5.16
N GLN A 634 -24.02 -27.39 -4.06
CA GLN A 634 -24.30 -26.05 -3.56
C GLN A 634 -23.02 -25.47 -2.96
N ARG A 635 -22.40 -24.52 -3.66
CA ARG A 635 -21.17 -23.91 -3.16
C ARG A 635 -21.44 -22.66 -2.34
N ALA A 636 -21.22 -22.78 -1.03
CA ALA A 636 -21.37 -21.67 -0.11
C ALA A 636 -19.98 -21.18 0.31
N GLU A 637 -18.97 -21.79 -0.28
CA GLU A 637 -17.57 -21.51 0.10
C GLU A 637 -16.95 -20.43 -0.81
N LEU A 638 -16.90 -19.19 -0.32
CA LEU A 638 -16.24 -18.08 -1.04
C LEU A 638 -14.82 -18.51 -1.45
N GLN A 639 -13.91 -18.53 -0.49
CA GLN A 639 -12.54 -19.04 -0.72
C GLN A 639 -12.56 -20.52 -1.10
N CYS A 640 -11.96 -20.86 -2.23
CA CYS A 640 -11.92 -22.25 -2.71
C CYS A 640 -11.56 -23.26 -1.60
N PRO A 641 -11.68 -24.59 -1.91
CA PRO A 641 -11.25 -25.59 -0.93
C PRO A 641 -9.84 -25.30 -0.42
N GLN A 642 -9.71 -24.66 0.75
CA GLN A 642 -8.41 -24.46 1.38
C GLN A 642 -7.53 -25.68 1.07
N PRO A 643 -6.49 -25.48 0.24
CA PRO A 643 -5.66 -26.58 -0.25
C PRO A 643 -5.22 -27.52 0.89
N ALA A 644 -5.65 -28.78 0.83
CA ALA A 644 -5.32 -29.77 1.84
C ALA A 644 -3.98 -30.51 1.56
N ALA A 645 -2.98 -29.74 1.14
CA ALA A 645 -1.65 -30.26 0.76
C ALA A 645 -1.71 -31.48 -0.17
N LEU B 3 38.67 34.42 -17.23
CA LEU B 3 37.74 34.16 -18.32
C LEU B 3 38.45 33.65 -19.58
N ASP B 4 39.67 34.12 -19.81
CA ASP B 4 40.38 33.80 -21.05
C ASP B 4 41.27 32.57 -20.91
N GLU B 5 41.11 31.82 -19.81
CA GLU B 5 41.85 30.58 -19.60
C GLU B 5 41.30 29.45 -20.46
N ASP B 6 42.07 28.38 -20.59
CA ASP B 6 41.62 27.19 -21.28
C ASP B 6 40.72 26.37 -20.35
N ILE B 7 39.48 26.84 -20.15
CA ILE B 7 38.59 26.28 -19.12
C ILE B 7 37.20 26.93 -19.13
N ILE B 8 36.47 26.78 -18.04
CA ILE B 8 35.18 27.45 -17.88
C ILE B 8 35.03 28.03 -16.47
N ALA B 9 35.02 29.36 -16.37
CA ALA B 9 34.90 30.04 -15.09
C ALA B 9 33.67 29.54 -14.33
N GLU B 10 33.54 29.93 -13.08
CA GLU B 10 32.37 29.55 -12.32
C GLU B 10 31.11 30.21 -12.90
N GLU B 11 31.30 31.10 -13.87
CA GLU B 11 30.23 31.98 -14.37
C GLU B 11 29.25 31.39 -15.39
N ASN B 12 29.43 30.14 -15.77
CA ASN B 12 28.58 29.56 -16.81
C ASN B 12 28.24 28.10 -16.53
N ILE B 13 28.91 27.55 -15.53
CA ILE B 13 28.67 26.18 -15.09
C ILE B 13 27.34 26.08 -14.35
N VAL B 14 26.25 25.99 -15.10
CA VAL B 14 24.94 25.86 -14.47
C VAL B 14 24.88 24.60 -13.61
N SER B 15 24.30 24.73 -12.42
CA SER B 15 24.44 23.73 -11.36
C SER B 15 23.33 22.68 -11.31
N ARG B 16 23.71 21.43 -11.05
CA ARG B 16 22.79 20.29 -11.08
C ARG B 16 21.99 20.10 -9.78
N SER B 17 20.82 20.71 -9.78
CA SER B 17 19.99 20.84 -8.59
C SER B 17 18.82 19.88 -8.60
N GLU B 18 18.82 18.94 -9.55
CA GLU B 18 17.76 17.95 -9.63
C GLU B 18 18.06 16.78 -8.72
N PHE B 19 18.12 17.05 -7.42
CA PHE B 19 18.35 16.02 -6.42
C PHE B 19 17.20 15.01 -6.39
N PRO B 20 15.99 15.53 -6.54
CA PRO B 20 14.76 14.73 -6.41
C PRO B 20 14.57 13.60 -7.42
N GLU B 21 14.06 12.50 -6.89
CA GLU B 21 13.67 11.29 -7.64
C GLU B 21 12.37 11.36 -8.46
N SER B 22 11.31 11.91 -7.88
CA SER B 22 10.05 12.02 -8.60
C SER B 22 9.91 13.32 -9.39
N TRP B 23 9.49 13.16 -10.64
CA TRP B 23 9.29 14.23 -11.59
C TRP B 23 8.48 13.66 -12.76
N LEU B 24 8.12 14.48 -13.75
CA LEU B 24 7.37 14.02 -14.93
C LEU B 24 6.15 13.15 -14.62
N TRP B 25 5.45 13.49 -13.55
CA TRP B 25 4.21 12.84 -13.19
C TRP B 25 3.07 13.49 -13.98
N ASN B 26 3.06 13.28 -15.29
CA ASN B 26 2.10 13.94 -16.18
C ASN B 26 0.94 13.03 -16.58
N VAL B 27 -0.15 13.61 -17.07
CA VAL B 27 -1.25 12.79 -17.60
C VAL B 27 -1.69 13.21 -19.02
N GLU B 28 -1.53 12.27 -19.97
CA GLU B 28 -1.73 12.55 -21.39
C GLU B 28 -2.55 11.48 -22.12
N ASP B 29 -3.50 11.90 -22.94
CA ASP B 29 -4.38 10.98 -23.64
C ASP B 29 -3.99 10.76 -25.10
N LEU B 30 -4.60 9.74 -25.71
CA LEU B 30 -4.37 9.47 -27.13
C LEU B 30 -5.32 10.26 -28.02
N LYS B 31 -4.99 11.53 -28.19
CA LYS B 31 -5.82 12.43 -29.01
C LYS B 31 -5.69 12.18 -30.50
N GLU B 32 -4.45 12.11 -30.95
CA GLU B 32 -4.16 11.92 -32.37
C GLU B 32 -5.05 10.81 -32.93
N PRO B 33 -5.44 10.95 -34.21
CA PRO B 33 -6.17 9.92 -34.94
C PRO B 33 -5.36 8.63 -35.15
N PRO B 34 -6.00 7.48 -34.86
CA PRO B 34 -5.31 6.18 -34.79
C PRO B 34 -5.44 5.34 -36.05
N LYS B 35 -4.35 4.67 -36.41
CA LYS B 35 -4.35 3.72 -37.51
C LYS B 35 -4.19 2.31 -36.97
N ASN B 36 -5.21 1.47 -37.17
CA ASN B 36 -5.22 0.09 -36.67
C ASN B 36 -5.31 0.02 -35.14
N GLY B 37 -6.01 0.99 -34.55
CA GLY B 37 -6.16 1.07 -33.10
C GLY B 37 -4.86 1.33 -32.36
N ILE B 38 -4.01 2.18 -32.93
CA ILE B 38 -2.70 2.52 -32.33
C ILE B 38 -2.37 4.01 -32.50
N SER B 39 -2.32 4.75 -31.39
CA SER B 39 -2.11 6.19 -31.43
C SER B 39 -0.71 6.63 -31.03
N THR B 40 -0.20 7.63 -31.72
CA THR B 40 1.17 8.10 -31.54
C THR B 40 1.23 9.46 -30.89
N LYS B 41 1.85 9.54 -29.72
CA LYS B 41 2.03 10.85 -29.06
C LYS B 41 3.50 11.23 -28.92
N LEU B 42 3.82 12.48 -29.27
CA LEU B 42 5.17 13.01 -29.12
C LEU B 42 5.22 14.10 -28.05
N MET B 43 6.04 13.89 -27.02
CA MET B 43 6.23 14.88 -25.98
C MET B 43 7.69 15.31 -25.82
N ASN B 44 7.91 16.62 -25.72
CA ASN B 44 9.26 17.20 -25.58
C ASN B 44 9.55 17.50 -24.10
N ILE B 45 10.15 16.54 -23.40
CA ILE B 45 10.47 16.68 -21.97
C ILE B 45 11.85 17.28 -21.72
N PHE B 46 11.98 17.96 -20.59
CA PHE B 46 13.24 18.57 -20.19
C PHE B 46 13.88 17.76 -19.05
N LEU B 47 14.76 16.83 -19.42
CA LEU B 47 15.41 15.91 -18.47
C LEU B 47 15.89 16.60 -17.17
N LYS B 48 15.49 16.06 -16.02
CA LYS B 48 15.98 16.62 -14.76
C LYS B 48 17.50 16.64 -14.74
N ASP B 49 18.06 17.33 -13.75
CA ASP B 49 19.50 17.53 -13.68
C ASP B 49 20.29 16.31 -13.17
N SER B 50 19.65 15.39 -12.45
CA SER B 50 20.36 14.19 -11.95
C SER B 50 21.02 13.36 -13.05
N ILE B 51 22.29 13.01 -12.84
CA ILE B 51 23.08 12.24 -13.80
C ILE B 51 23.17 10.77 -13.36
N THR B 52 22.15 10.01 -13.74
CA THR B 52 22.06 8.59 -13.45
C THR B 52 21.31 7.97 -14.63
N THR B 53 20.39 7.04 -14.38
CA THR B 53 19.57 6.47 -15.46
C THR B 53 18.09 6.41 -15.10
N TRP B 54 17.35 7.43 -15.51
CA TRP B 54 15.91 7.46 -15.26
C TRP B 54 15.24 6.24 -15.87
N GLU B 55 14.45 5.55 -15.05
CA GLU B 55 13.66 4.38 -15.44
C GLU B 55 12.20 4.82 -15.48
N ILE B 56 11.44 4.34 -16.46
CA ILE B 56 10.07 4.78 -16.67
C ILE B 56 9.02 3.93 -15.94
N LEU B 57 7.83 3.87 -16.55
CA LEU B 57 6.68 3.18 -15.97
C LEU B 57 5.39 3.93 -16.28
N ALA B 58 4.47 3.26 -16.99
CA ALA B 58 3.17 3.87 -17.37
C ALA B 58 1.99 2.90 -17.45
N VAL B 59 0.77 3.42 -17.32
CA VAL B 59 -0.45 2.60 -17.40
C VAL B 59 -1.53 3.18 -18.34
N SER B 60 -2.02 2.36 -19.27
CA SER B 60 -3.05 2.77 -20.24
C SER B 60 -4.41 2.23 -19.86
N MET B 61 -5.36 3.13 -19.67
CA MET B 61 -6.73 2.71 -19.43
C MET B 61 -7.59 3.05 -20.63
N SER B 62 -7.91 2.02 -21.41
CA SER B 62 -8.82 2.19 -22.53
C SER B 62 -10.18 1.61 -22.17
N ASP B 63 -11.24 2.38 -22.37
CA ASP B 63 -12.59 1.91 -22.08
C ASP B 63 -12.88 0.61 -22.83
N LYS B 64 -12.42 0.56 -24.08
CA LYS B 64 -12.48 -0.66 -24.89
C LYS B 64 -11.47 -1.67 -24.37
N LYS B 65 -10.20 -1.30 -24.43
CA LYS B 65 -9.08 -2.20 -24.13
C LYS B 65 -8.65 -2.17 -22.65
N GLY B 66 -9.61 -2.41 -21.75
CA GLY B 66 -9.37 -2.44 -20.32
C GLY B 66 -8.09 -1.74 -19.88
N ILE B 67 -7.17 -2.50 -19.32
CA ILE B 67 -5.91 -1.94 -18.84
C ILE B 67 -4.65 -2.67 -19.36
N CYS B 68 -3.59 -1.91 -19.58
CA CYS B 68 -2.31 -2.45 -20.05
C CYS B 68 -1.17 -1.88 -19.21
N VAL B 69 -0.07 -2.61 -19.14
CA VAL B 69 1.11 -2.09 -18.49
C VAL B 69 2.15 -1.89 -19.57
N ALA B 70 2.36 -0.65 -19.98
CA ALA B 70 3.40 -0.36 -20.94
C ALA B 70 4.61 -0.21 -20.06
N ASP B 71 5.15 -1.31 -19.57
CA ASP B 71 6.27 -1.22 -18.62
C ASP B 71 7.42 -0.40 -19.17
N PRO B 72 7.97 0.46 -18.30
CA PRO B 72 9.03 1.42 -18.64
C PRO B 72 10.38 0.82 -19.02
N PHE B 73 11.09 1.53 -19.90
CA PHE B 73 12.41 1.10 -20.37
C PHE B 73 13.55 1.75 -19.59
N GLU B 74 14.28 2.65 -20.25
CA GLU B 74 15.46 3.28 -19.63
C GLU B 74 16.20 4.30 -20.51
N VAL B 75 16.20 5.57 -20.09
CA VAL B 75 17.01 6.58 -20.75
C VAL B 75 18.17 6.95 -19.84
N THR B 76 19.37 6.47 -20.19
CA THR B 76 20.56 6.76 -19.39
C THR B 76 20.99 8.19 -19.62
N VAL B 77 21.33 8.87 -18.54
CA VAL B 77 21.74 10.26 -18.60
C VAL B 77 23.17 10.34 -18.09
N MET B 78 24.11 10.60 -19.00
CA MET B 78 25.47 10.76 -18.57
C MET B 78 26.15 11.88 -19.31
N GLN B 79 27.32 12.25 -18.81
CA GLN B 79 28.14 13.27 -19.45
C GLN B 79 29.63 12.95 -19.22
N ASP B 80 30.51 13.76 -19.80
CA ASP B 80 31.94 13.50 -19.82
C ASP B 80 32.59 13.80 -18.49
N PHE B 81 31.93 14.64 -17.72
CA PHE B 81 32.45 15.05 -16.44
C PHE B 81 31.35 15.75 -15.69
N PHE B 82 31.05 15.23 -14.51
CA PHE B 82 30.06 15.83 -13.64
C PHE B 82 30.48 15.74 -12.17
N ILE B 83 29.57 16.08 -11.27
CA ILE B 83 29.85 16.08 -9.84
C ILE B 83 28.68 15.44 -9.06
N ASP B 84 28.97 14.43 -8.25
CA ASP B 84 27.95 13.69 -7.47
C ASP B 84 27.86 14.21 -6.03
N LEU B 85 27.38 15.44 -5.85
CA LEU B 85 27.30 16.09 -4.53
C LEU B 85 26.46 15.27 -3.54
N ARG B 86 27.15 14.51 -2.68
CA ARG B 86 26.50 13.58 -1.75
C ARG B 86 26.18 14.20 -0.39
N LEU B 87 24.99 14.80 -0.28
CA LEU B 87 24.55 15.48 0.93
C LEU B 87 23.61 14.60 1.76
N PRO B 88 23.75 14.64 3.10
CA PRO B 88 22.93 13.80 4.00
C PRO B 88 21.53 14.35 4.02
N TYR B 89 20.58 13.58 4.56
CA TYR B 89 19.23 14.08 4.64
C TYR B 89 19.12 15.31 5.56
N SER B 90 20.08 15.44 6.48
CA SER B 90 20.20 16.66 7.30
C SER B 90 21.53 16.76 8.06
N VAL B 91 21.87 17.98 8.50
CA VAL B 91 23.06 18.25 9.33
C VAL B 91 22.78 19.31 10.43
N VAL B 92 23.16 19.01 11.67
CA VAL B 92 22.85 19.87 12.81
C VAL B 92 23.51 21.25 12.71
N ARG B 93 22.89 22.27 13.29
CA ARG B 93 23.50 23.59 13.27
C ARG B 93 24.52 23.75 14.42
N ASN B 94 25.71 24.25 14.07
CA ASN B 94 26.80 24.53 15.01
C ASN B 94 27.89 23.43 15.06
N GLU B 95 27.60 22.29 14.44
CA GLU B 95 28.55 21.17 14.38
C GLU B 95 29.35 21.11 13.06
N GLN B 96 30.67 20.89 13.15
CA GLN B 96 31.49 20.69 11.94
C GLN B 96 31.44 19.25 11.38
N VAL B 97 31.19 19.14 10.07
CA VAL B 97 30.96 17.84 9.42
C VAL B 97 31.97 17.55 8.29
N GLU B 98 31.60 16.68 7.33
CA GLU B 98 32.45 16.40 6.15
C GLU B 98 31.68 15.84 4.92
N ILE B 99 31.31 16.71 3.96
CA ILE B 99 30.57 16.32 2.76
C ILE B 99 31.44 15.61 1.72
N ARG B 100 30.86 14.72 0.93
CA ARG B 100 31.60 14.09 -0.15
C ARG B 100 31.12 14.56 -1.52
N ALA B 101 32.06 14.78 -2.44
CA ALA B 101 31.75 15.26 -3.79
C ALA B 101 32.58 14.56 -4.87
N VAL B 102 32.08 13.43 -5.37
CA VAL B 102 32.79 12.57 -6.33
C VAL B 102 32.83 13.15 -7.76
N LEU B 103 34.03 13.37 -8.30
CA LEU B 103 34.21 13.87 -9.68
C LEU B 103 34.48 12.75 -10.71
N TYR B 104 33.42 12.06 -11.14
CA TYR B 104 33.60 10.91 -12.04
C TYR B 104 34.06 11.33 -13.44
N ASN B 105 35.20 10.79 -13.85
CA ASN B 105 35.74 11.01 -15.19
C ASN B 105 35.70 9.73 -16.04
N TYR B 106 34.69 9.61 -16.90
CA TYR B 106 34.53 8.41 -17.72
C TYR B 106 35.20 8.53 -19.09
N ARG B 107 36.17 9.44 -19.18
CA ARG B 107 36.95 9.60 -20.40
C ARG B 107 37.59 8.29 -20.80
N GLN B 108 37.64 8.05 -22.10
CA GLN B 108 38.23 6.83 -22.66
C GLN B 108 39.59 6.53 -22.04
N ASN B 109 40.58 7.33 -22.42
CA ASN B 109 41.90 7.25 -21.80
C ASN B 109 42.47 8.65 -21.54
N GLN B 110 41.57 9.62 -21.39
CA GLN B 110 41.94 11.01 -21.11
C GLN B 110 41.61 11.35 -19.67
N GLU B 111 42.61 11.21 -18.80
CA GLU B 111 42.44 11.62 -17.42
C GLU B 111 42.29 13.15 -17.40
N LEU B 112 41.41 13.65 -16.54
CA LEU B 112 41.07 15.08 -16.50
C LEU B 112 41.79 15.91 -15.43
N LYS B 113 42.45 16.97 -15.87
CA LYS B 113 43.05 17.95 -14.97
C LYS B 113 41.96 18.92 -14.52
N VAL B 114 41.41 18.66 -13.34
CA VAL B 114 40.22 19.38 -12.87
C VAL B 114 40.56 20.61 -12.02
N ARG B 115 39.55 21.47 -11.80
CA ARG B 115 39.64 22.65 -10.93
C ARG B 115 38.35 22.80 -10.07
N VAL B 116 38.35 22.19 -8.88
CA VAL B 116 37.15 22.14 -8.03
C VAL B 116 37.13 23.21 -6.92
N GLU B 117 36.10 24.07 -6.94
CA GLU B 117 36.05 25.27 -6.09
C GLU B 117 34.76 25.40 -5.25
N LEU B 118 34.92 25.35 -3.94
CA LEU B 118 33.80 25.57 -3.02
C LEU B 118 33.55 27.08 -2.85
N LEU B 119 32.38 27.53 -3.28
CA LEU B 119 31.99 28.94 -3.19
C LEU B 119 31.53 29.26 -1.75
N HIS B 120 31.55 30.53 -1.35
CA HIS B 120 31.13 30.92 0.01
C HIS B 120 29.61 30.87 0.16
N ASN B 121 29.17 30.61 1.37
CA ASN B 121 27.77 30.74 1.71
C ASN B 121 27.70 31.24 3.14
N PRO B 122 27.13 32.44 3.36
CA PRO B 122 26.93 33.01 4.69
C PRO B 122 26.00 32.16 5.59
N ALA B 123 25.76 30.92 5.19
CA ALA B 123 25.01 29.96 6.01
C ALA B 123 25.93 28.85 6.48
N PHE B 124 27.21 28.95 6.09
CA PHE B 124 28.20 27.90 6.29
C PHE B 124 29.65 28.45 6.43
N CYS B 125 30.16 28.40 7.67
CA CYS B 125 31.48 28.95 8.01
C CYS B 125 32.58 28.02 7.55
N SER B 126 33.02 28.20 6.31
CA SER B 126 34.00 27.29 5.71
C SER B 126 35.33 27.98 5.38
N LEU B 127 36.22 27.24 4.72
CA LEU B 127 37.53 27.74 4.33
C LEU B 127 37.43 28.76 3.20
N ALA B 128 36.21 28.93 2.69
CA ALA B 128 35.93 29.94 1.68
C ALA B 128 35.13 31.10 2.30
N THR B 129 35.76 32.27 2.40
CA THR B 129 35.05 33.48 2.83
C THR B 129 34.73 34.39 1.64
N THR B 130 34.26 35.60 1.91
CA THR B 130 33.67 36.45 0.86
C THR B 130 34.64 36.95 -0.23
N LYS B 131 35.94 37.01 0.09
CA LYS B 131 36.96 37.41 -0.89
C LYS B 131 37.86 36.23 -1.27
N ARG B 132 37.94 35.25 -0.38
CA ARG B 132 38.81 34.10 -0.54
C ARG B 132 38.07 32.94 -1.20
N ARG B 133 38.76 32.21 -2.07
CA ARG B 133 38.21 31.02 -2.70
C ARG B 133 38.95 29.79 -2.19
N HIS B 134 38.22 28.70 -1.97
CA HIS B 134 38.84 27.44 -1.57
C HIS B 134 38.80 26.42 -2.71
N GLN B 135 39.69 26.60 -3.68
CA GLN B 135 39.75 25.70 -4.83
C GLN B 135 41.06 24.89 -4.84
N GLN B 136 41.04 23.73 -5.48
CA GLN B 136 42.22 22.87 -5.59
C GLN B 136 42.47 22.42 -7.06
N THR B 137 43.48 21.57 -7.28
CA THR B 137 43.83 21.10 -8.64
C THR B 137 44.22 19.60 -8.72
N VAL B 138 43.23 18.72 -8.94
CA VAL B 138 43.43 17.27 -8.93
C VAL B 138 43.62 16.60 -10.31
N THR B 139 44.11 15.36 -10.31
CA THR B 139 44.39 14.60 -11.54
C THR B 139 43.74 13.20 -11.49
N ILE B 140 42.48 13.11 -11.93
CA ILE B 140 41.73 11.85 -11.94
C ILE B 140 42.12 10.93 -13.09
N PRO B 141 42.80 9.81 -12.80
CA PRO B 141 43.13 8.84 -13.87
C PRO B 141 41.90 8.50 -14.72
N PRO B 142 42.09 7.87 -15.89
CA PRO B 142 41.00 7.58 -16.84
C PRO B 142 40.02 6.48 -16.35
N LYS B 143 38.72 6.69 -16.54
CA LYS B 143 37.65 5.75 -16.15
C LYS B 143 37.53 5.48 -14.64
N SER B 144 37.74 6.54 -13.84
CA SER B 144 37.87 6.43 -12.37
C SER B 144 37.02 7.40 -11.54
N SER B 145 36.87 7.05 -10.26
CA SER B 145 36.19 7.90 -9.29
C SER B 145 37.18 8.51 -8.28
N LEU B 146 37.22 9.84 -8.23
CA LEU B 146 38.08 10.59 -7.30
C LEU B 146 37.28 11.48 -6.31
N SER B 147 37.62 11.40 -5.02
CA SER B 147 36.91 12.14 -3.98
C SER B 147 37.60 13.44 -3.55
N VAL B 148 36.86 14.32 -2.88
CA VAL B 148 37.34 15.65 -2.49
C VAL B 148 36.61 16.18 -1.23
N PRO B 149 37.20 16.01 -0.03
CA PRO B 149 36.65 16.49 1.25
C PRO B 149 36.49 18.03 1.39
N TYR B 150 35.38 18.49 1.96
CA TYR B 150 35.07 19.93 2.15
C TYR B 150 34.47 20.18 3.54
N VAL B 151 35.19 20.85 4.46
CA VAL B 151 34.66 21.10 5.82
C VAL B 151 33.83 22.40 6.01
N ILE B 152 32.75 22.32 6.80
CA ILE B 152 31.82 23.45 7.03
C ILE B 152 31.16 23.46 8.44
N VAL B 153 30.45 24.54 8.77
CA VAL B 153 29.75 24.68 10.06
C VAL B 153 28.39 25.42 9.92
N PRO B 154 27.29 24.69 9.60
CA PRO B 154 25.98 25.32 9.38
C PRO B 154 25.58 26.27 10.50
N LEU B 155 25.69 27.57 10.25
CA LEU B 155 25.42 28.56 11.28
C LEU B 155 23.94 28.93 11.30
N LYS B 156 23.22 28.45 10.29
CA LYS B 156 21.77 28.69 10.22
C LYS B 156 20.92 27.46 9.89
N THR B 157 19.76 27.37 10.56
CA THR B 157 18.76 26.34 10.33
C THR B 157 17.94 26.60 9.06
N GLY B 158 17.01 25.71 8.75
CA GLY B 158 16.22 25.86 7.55
C GLY B 158 16.98 25.37 6.32
N LEU B 159 16.24 25.17 5.23
CA LEU B 159 16.78 24.65 3.98
C LEU B 159 17.95 25.51 3.49
N GLN B 160 19.17 25.03 3.68
CA GLN B 160 20.36 25.79 3.28
C GLN B 160 20.83 25.43 1.86
N GLU B 161 22.00 25.95 1.46
CA GLU B 161 22.47 25.76 0.09
C GLU B 161 23.97 25.47 -0.08
N VAL B 162 24.26 24.40 -0.81
CA VAL B 162 25.64 23.96 -1.12
C VAL B 162 25.82 23.74 -2.64
N GLU B 163 26.97 24.17 -3.18
CA GLU B 163 27.17 24.25 -4.63
C GLU B 163 28.64 24.13 -5.11
N VAL B 164 29.01 22.97 -5.65
CA VAL B 164 30.35 22.76 -6.21
C VAL B 164 30.34 22.72 -7.76
N LYS B 165 31.15 23.59 -8.37
CA LYS B 165 31.30 23.65 -9.83
C LYS B 165 32.74 23.37 -10.24
N ALA B 166 32.93 22.47 -11.20
CA ALA B 166 34.28 22.09 -11.61
C ALA B 166 34.49 22.20 -13.12
N ALA B 167 35.66 22.70 -13.53
CA ALA B 167 36.03 22.81 -14.95
C ALA B 167 37.47 22.36 -15.24
N VAL B 168 37.61 21.50 -16.25
CA VAL B 168 38.92 20.92 -16.57
C VAL B 168 39.83 21.90 -17.32
N TYR B 169 41.13 21.77 -17.12
CA TYR B 169 42.11 22.58 -17.86
C TYR B 169 42.38 21.98 -19.23
N HIS B 170 42.53 22.84 -20.24
CA HIS B 170 42.79 22.41 -21.61
C HIS B 170 41.54 21.84 -22.33
N HIS B 171 40.75 21.03 -21.62
CA HIS B 171 39.43 20.61 -22.10
C HIS B 171 38.39 21.62 -21.61
N PHE B 172 37.33 21.82 -22.39
CA PHE B 172 36.32 22.83 -22.05
C PHE B 172 35.05 22.26 -21.39
N ILE B 173 35.18 21.33 -20.44
CA ILE B 173 34.00 20.73 -19.78
C ILE B 173 33.66 21.42 -18.45
N SER B 174 32.37 21.45 -18.09
CA SER B 174 31.93 22.11 -16.85
C SER B 174 30.50 21.74 -16.40
N ASP B 175 30.34 21.45 -15.10
CA ASP B 175 29.09 20.96 -14.52
C ASP B 175 29.14 21.05 -12.98
N GLY B 176 28.22 21.81 -12.38
CA GLY B 176 28.10 21.89 -10.94
C GLY B 176 26.91 21.10 -10.43
N VAL B 177 26.72 21.04 -9.11
CA VAL B 177 25.56 20.35 -8.54
C VAL B 177 25.02 21.02 -7.29
N ARG B 178 23.95 21.79 -7.46
CA ARG B 178 23.40 22.56 -6.36
C ARG B 178 22.38 21.74 -5.56
N LYS B 179 22.89 20.95 -4.60
CA LYS B 179 22.01 20.19 -3.73
C LYS B 179 21.82 20.93 -2.39
N SER B 180 20.60 20.92 -1.85
CA SER B 180 20.26 21.68 -0.64
C SER B 180 19.95 20.77 0.56
N LEU B 181 20.52 21.09 1.72
CA LEU B 181 20.36 20.22 2.89
C LEU B 181 19.59 20.89 4.03
N LYS B 182 18.77 20.11 4.73
CA LYS B 182 17.92 20.60 5.79
C LYS B 182 18.64 20.75 7.14
N VAL B 183 19.32 21.89 7.36
CA VAL B 183 20.07 22.14 8.61
C VAL B 183 19.15 22.24 9.84
N VAL B 184 18.97 21.12 10.53
CA VAL B 184 18.00 21.04 11.63
C VAL B 184 18.68 21.36 12.98
N PRO B 185 17.93 22.00 13.91
CA PRO B 185 18.42 22.25 15.26
C PRO B 185 18.57 20.93 16.03
N GLU B 186 19.73 20.69 16.65
CA GLU B 186 19.96 19.43 17.37
C GLU B 186 18.73 19.06 18.23
N GLY B 187 18.38 17.77 18.29
CA GLY B 187 17.18 17.33 19.00
C GLY B 187 16.89 15.84 19.14
N ILE B 188 15.85 15.52 19.91
CA ILE B 188 15.45 14.13 20.15
C ILE B 188 13.95 13.88 19.90
N ARG B 189 13.63 13.11 18.86
CA ARG B 189 12.23 12.77 18.55
C ARG B 189 11.49 12.12 19.71
N MET B 190 10.56 12.87 20.32
CA MET B 190 9.78 12.36 21.44
C MET B 190 8.28 12.58 21.32
N ASN B 191 7.54 11.66 21.91
CA ASN B 191 6.08 11.66 21.90
C ASN B 191 5.51 11.29 23.27
N LYS B 192 5.73 12.16 24.24
CA LYS B 192 5.17 12.00 25.57
C LYS B 192 3.66 11.79 25.50
N THR B 193 3.13 10.94 26.38
CA THR B 193 1.68 10.79 26.55
C THR B 193 1.12 11.89 27.45
N VAL B 194 0.06 12.55 27.00
CA VAL B 194 -0.52 13.69 27.72
C VAL B 194 -1.50 13.25 28.81
N ALA B 195 -2.26 12.21 28.51
CA ALA B 195 -3.19 11.59 29.45
C ALA B 195 -3.77 10.31 28.82
N VAL B 196 -4.00 9.30 29.64
CA VAL B 196 -4.64 8.07 29.16
C VAL B 196 -5.84 7.63 30.03
N ARG B 197 -7.04 8.03 29.60
CA ARG B 197 -8.26 7.86 30.40
C ARG B 197 -9.39 7.17 29.61
N THR B 198 -10.57 7.08 30.21
CA THR B 198 -11.71 6.40 29.60
C THR B 198 -12.95 7.31 29.60
N LEU B 199 -13.78 7.20 28.57
CA LEU B 199 -14.99 8.03 28.45
C LEU B 199 -16.28 7.20 28.39
N ASP B 200 -17.33 7.73 29.04
CA ASP B 200 -18.59 7.01 29.20
C ASP B 200 -19.52 7.78 30.17
N PRO B 201 -20.31 8.74 29.66
CA PRO B 201 -21.21 9.58 30.48
C PRO B 201 -22.29 8.79 31.21
N GLU B 202 -22.41 7.52 30.86
CA GLU B 202 -23.34 6.59 31.51
C GLU B 202 -22.77 6.14 32.86
N ARG B 203 -21.53 5.67 32.81
CA ARG B 203 -20.84 5.08 33.96
C ARG B 203 -19.93 6.09 34.69
N LEU B 204 -19.34 7.02 33.94
CA LEU B 204 -18.45 8.04 34.50
C LEU B 204 -19.17 9.36 34.70
N GLY B 205 -18.74 10.11 35.71
CA GLY B 205 -19.42 11.32 36.12
C GLY B 205 -20.69 11.06 36.91
N ARG B 206 -21.38 9.97 36.57
CA ARG B 206 -22.71 9.65 37.10
C ARG B 206 -23.75 10.69 36.67
N GLU B 207 -23.34 11.56 35.76
CA GLU B 207 -24.24 12.52 35.16
C GLU B 207 -24.06 12.49 33.65
N GLY B 208 -25.04 13.03 32.94
CA GLY B 208 -24.92 13.16 31.50
C GLY B 208 -23.92 14.26 31.21
N VAL B 209 -23.42 14.30 29.97
CA VAL B 209 -22.42 15.28 29.54
C VAL B 209 -21.11 15.17 30.31
N GLN B 210 -20.65 13.94 30.55
CA GLN B 210 -19.37 13.75 31.22
C GLN B 210 -18.27 14.58 30.57
N LYS B 211 -17.67 15.48 31.35
CA LYS B 211 -16.60 16.34 30.87
C LYS B 211 -15.21 15.80 31.24
N GLU B 212 -14.19 16.17 30.48
CA GLU B 212 -12.81 15.78 30.80
C GLU B 212 -11.80 16.91 30.51
N ASP B 213 -11.33 17.56 31.58
CA ASP B 213 -10.42 18.70 31.47
C ASP B 213 -9.04 18.18 31.08
N ILE B 214 -8.31 18.97 30.29
CA ILE B 214 -7.04 18.49 29.76
C ILE B 214 -5.91 19.50 29.82
N PRO B 215 -4.86 19.13 30.54
CA PRO B 215 -3.67 19.99 30.71
C PRO B 215 -2.78 20.06 29.46
N PRO B 216 -2.21 21.22 29.21
CA PRO B 216 -1.27 21.40 28.09
C PRO B 216 0.05 20.69 28.36
N ALA B 217 0.69 20.17 27.33
CA ALA B 217 1.97 19.47 27.49
C ALA B 217 3.04 20.38 28.08
N ASP B 218 3.72 19.89 29.10
CA ASP B 218 4.77 20.65 29.77
C ASP B 218 5.95 20.89 28.84
N LEU B 219 6.43 19.81 28.21
CA LEU B 219 7.65 19.83 27.40
C LEU B 219 8.58 20.94 27.88
N SER B 220 9.08 20.77 29.10
CA SER B 220 10.01 21.71 29.72
C SER B 220 11.27 21.89 28.87
N ASP B 221 11.63 20.83 28.16
CA ASP B 221 12.91 20.73 27.45
C ASP B 221 12.80 20.83 25.92
N GLN B 222 11.98 21.77 25.46
CA GLN B 222 11.78 21.96 24.02
C GLN B 222 12.80 22.95 23.46
N VAL B 223 13.64 22.49 22.53
CA VAL B 223 14.64 23.38 21.97
C VAL B 223 13.91 24.57 21.34
N PRO B 224 14.46 25.77 21.56
CA PRO B 224 13.83 27.01 21.12
C PRO B 224 13.71 27.15 19.61
N ASP B 225 12.60 27.73 19.17
CA ASP B 225 12.36 27.97 17.74
C ASP B 225 11.87 26.72 17.00
N THR B 226 11.53 25.67 17.74
CA THR B 226 11.06 24.42 17.10
C THR B 226 9.59 24.11 17.43
N GLU B 227 8.81 23.78 16.40
CA GLU B 227 7.41 23.45 16.58
C GLU B 227 7.20 22.16 17.36
N SER B 228 5.97 21.67 17.32
CA SER B 228 5.59 20.45 18.02
C SER B 228 4.09 20.26 17.88
N GLU B 229 3.67 19.04 17.60
CA GLU B 229 2.26 18.78 17.36
C GLU B 229 1.64 17.92 18.44
N THR B 230 0.32 17.83 18.43
CA THR B 230 -0.39 16.91 19.29
C THR B 230 -1.52 16.28 18.50
N ARG B 231 -1.69 14.98 18.67
CA ARG B 231 -2.74 14.26 17.98
C ARG B 231 -3.73 13.70 18.99
N ILE B 232 -4.91 13.32 18.53
CA ILE B 232 -5.96 12.82 19.42
C ILE B 232 -6.63 11.59 18.82
N LEU B 233 -7.04 10.65 19.66
CA LEU B 233 -7.62 9.41 19.17
C LEU B 233 -9.04 9.14 19.69
N LEU B 234 -9.91 8.74 18.76
CA LEU B 234 -11.31 8.45 19.02
C LEU B 234 -11.69 7.03 18.67
N GLN B 235 -11.80 6.18 19.68
CA GLN B 235 -11.95 4.75 19.45
C GLN B 235 -13.17 4.19 20.17
N GLY B 236 -14.13 3.69 19.40
CA GLY B 236 -15.26 2.99 19.97
C GLY B 236 -14.81 1.59 20.37
N THR B 237 -15.18 1.15 21.55
CA THR B 237 -14.86 -0.22 21.98
C THR B 237 -16.10 -0.95 22.47
N PRO B 238 -16.98 -1.29 21.52
CA PRO B 238 -18.22 -2.03 21.79
C PRO B 238 -17.99 -3.53 22.05
N VAL B 239 -18.92 -4.15 22.76
CA VAL B 239 -18.84 -5.58 23.04
C VAL B 239 -20.15 -6.21 22.59
N ALA B 240 -20.15 -7.52 22.37
CA ALA B 240 -21.36 -8.24 22.07
C ALA B 240 -21.43 -9.44 23.01
N GLN B 241 -22.62 -9.70 23.53
CA GLN B 241 -22.87 -10.79 24.48
C GLN B 241 -24.32 -11.28 24.46
N MET B 242 -24.77 -11.83 25.57
CA MET B 242 -26.15 -12.27 25.76
C MET B 242 -26.93 -12.64 24.49
N THR B 243 -26.32 -13.48 23.64
CA THR B 243 -27.04 -14.13 22.54
C THR B 243 -26.79 -15.62 22.60
N GLU B 244 -27.87 -16.39 22.66
CA GLU B 244 -27.80 -17.84 22.68
C GLU B 244 -28.15 -18.44 21.30
N ASP B 245 -27.70 -19.67 21.10
CA ASP B 245 -27.87 -20.38 19.84
C ASP B 245 -29.25 -21.00 19.70
N ALA B 246 -29.91 -20.70 18.58
CA ALA B 246 -31.13 -21.40 18.20
C ALA B 246 -30.79 -22.89 18.05
N VAL B 247 -31.76 -23.73 17.70
CA VAL B 247 -31.51 -25.19 17.64
C VAL B 247 -30.97 -25.58 16.26
N ASP B 248 -30.04 -26.53 16.23
CA ASP B 248 -29.40 -26.94 14.98
C ASP B 248 -30.40 -27.25 13.85
N ALA B 249 -31.69 -27.40 14.18
CA ALA B 249 -32.70 -27.81 13.20
C ALA B 249 -32.19 -29.05 12.50
N GLU B 250 -31.11 -29.58 13.05
CA GLU B 250 -30.34 -30.60 12.37
C GLU B 250 -30.99 -31.99 12.40
N ARG B 251 -31.46 -32.45 13.56
CA ARG B 251 -32.23 -33.68 13.59
C ARG B 251 -33.73 -33.36 13.60
N LEU B 252 -34.04 -32.19 13.06
CA LEU B 252 -35.40 -31.69 12.96
C LEU B 252 -35.85 -31.74 11.50
N LYS B 253 -35.76 -32.96 10.96
CA LYS B 253 -36.18 -33.25 9.61
C LYS B 253 -37.44 -34.15 9.54
N HIS B 254 -38.52 -33.73 10.23
CA HIS B 254 -39.83 -34.42 10.21
C HIS B 254 -40.97 -33.38 10.19
N LEU B 255 -40.59 -32.11 10.27
CA LEU B 255 -41.49 -30.95 10.35
C LEU B 255 -42.32 -30.61 9.10
N ILE B 256 -41.86 -31.02 7.92
CA ILE B 256 -42.54 -30.66 6.66
C ILE B 256 -43.33 -31.83 6.06
N VAL B 257 -44.45 -32.20 6.69
CA VAL B 257 -45.39 -33.17 6.12
C VAL B 257 -46.54 -32.38 5.44
N THR B 258 -46.96 -32.85 4.26
CA THR B 258 -47.79 -32.07 3.31
C THR B 258 -49.21 -31.76 3.81
N PRO B 259 -49.65 -30.48 3.70
CA PRO B 259 -51.03 -30.11 4.02
C PRO B 259 -52.11 -31.04 3.39
N SER B 260 -52.77 -31.88 4.19
CA SER B 260 -53.83 -32.79 3.70
C SER B 260 -54.96 -33.07 4.72
N GLY B 261 -56.22 -33.06 4.27
CA GLY B 261 -57.36 -33.42 5.12
C GLY B 261 -58.43 -32.38 5.45
N CYS B 262 -59.40 -32.75 6.29
CA CYS B 262 -60.41 -31.81 6.74
C CYS B 262 -59.73 -30.71 7.56
N GLY B 263 -60.35 -29.54 7.60
CA GLY B 263 -59.84 -28.38 8.35
C GLY B 263 -58.91 -28.63 9.53
N GLU B 264 -59.18 -29.66 10.30
CA GLU B 264 -58.47 -29.94 11.55
C GLU B 264 -57.27 -30.89 11.32
N GLN B 265 -57.40 -31.75 10.32
CA GLN B 265 -56.34 -32.66 9.97
C GLN B 265 -55.48 -31.98 8.89
N ASN B 266 -56.08 -30.96 8.27
CA ASN B 266 -55.41 -30.07 7.29
C ASN B 266 -54.52 -29.05 8.04
N MET B 267 -54.48 -29.13 9.38
CA MET B 267 -53.72 -28.21 10.24
C MET B 267 -52.86 -28.90 11.32
N ILE B 268 -53.09 -30.18 11.61
CA ILE B 268 -52.20 -30.85 12.57
C ILE B 268 -50.88 -31.07 11.88
N GLY B 269 -50.96 -31.26 10.56
CA GLY B 269 -49.83 -31.61 9.74
C GLY B 269 -49.29 -30.54 8.81
N MET B 270 -49.85 -29.33 8.91
CA MET B 270 -49.32 -28.16 8.21
C MET B 270 -48.81 -27.14 9.23
N THR B 271 -49.12 -27.41 10.50
CA THR B 271 -48.66 -26.62 11.63
C THR B 271 -47.15 -26.72 11.88
N PRO B 272 -46.61 -27.95 11.91
CA PRO B 272 -45.15 -28.04 11.81
C PRO B 272 -44.53 -27.52 10.49
N THR B 273 -45.29 -27.48 9.39
CA THR B 273 -44.74 -26.98 8.11
C THR B 273 -44.34 -25.50 8.18
N VAL B 274 -45.32 -24.59 8.22
CA VAL B 274 -45.05 -23.14 8.25
C VAL B 274 -44.06 -22.76 9.35
N ILE B 275 -44.12 -23.51 10.44
CA ILE B 275 -43.31 -23.23 11.63
C ILE B 275 -41.82 -23.49 11.39
N ALA B 276 -41.51 -24.52 10.62
CA ALA B 276 -40.12 -24.75 10.25
C ALA B 276 -39.62 -23.61 9.37
N VAL B 277 -40.53 -23.01 8.60
CA VAL B 277 -40.16 -21.96 7.65
C VAL B 277 -39.88 -20.61 8.29
N HIS B 278 -40.78 -20.17 9.15
CA HIS B 278 -40.58 -18.93 9.86
C HIS B 278 -39.31 -18.96 10.70
N TYR B 279 -38.93 -20.15 11.16
CA TYR B 279 -37.76 -20.30 12.04
C TYR B 279 -36.43 -20.27 11.31
N LEU B 280 -36.22 -21.24 10.42
CA LEU B 280 -34.98 -21.34 9.67
C LEU B 280 -34.78 -20.12 8.75
N ASP B 281 -35.79 -19.24 8.73
CA ASP B 281 -35.70 -17.90 8.12
C ASP B 281 -34.92 -16.94 9.03
N GLU B 282 -35.30 -16.89 10.31
CA GLU B 282 -34.70 -15.98 11.30
C GLU B 282 -33.66 -16.64 12.21
N THR B 283 -32.92 -17.61 11.66
CA THR B 283 -31.82 -18.30 12.35
C THR B 283 -30.69 -18.64 11.36
N GLU B 284 -30.98 -18.52 10.07
CA GLU B 284 -29.98 -18.68 9.01
C GLU B 284 -29.45 -20.11 8.97
N GLN B 285 -30.29 -21.05 9.39
CA GLN B 285 -29.93 -22.47 9.36
C GLN B 285 -30.12 -23.08 7.97
N TRP B 286 -30.69 -22.31 7.05
CA TRP B 286 -31.08 -22.79 5.73
C TRP B 286 -29.96 -23.53 4.96
N GLU B 287 -28.71 -23.24 5.31
CA GLU B 287 -27.58 -23.75 4.54
C GLU B 287 -27.32 -25.24 4.77
N LYS B 288 -27.22 -25.64 6.03
CA LYS B 288 -26.82 -27.00 6.39
C LYS B 288 -28.00 -28.00 6.31
N PHE B 289 -29.22 -27.44 6.27
CA PHE B 289 -30.48 -28.16 6.17
C PHE B 289 -30.76 -28.51 4.71
N GLY B 290 -30.82 -27.48 3.87
CA GLY B 290 -31.09 -27.62 2.45
C GLY B 290 -31.73 -26.35 1.90
N LEU B 291 -30.91 -25.45 1.37
CA LEU B 291 -31.40 -24.21 0.74
C LEU B 291 -32.49 -24.56 -0.28
N GLU B 292 -32.51 -25.82 -0.70
CA GLU B 292 -33.37 -26.31 -1.78
C GLU B 292 -34.72 -26.93 -1.38
N LYS B 293 -34.78 -27.62 -0.24
CA LYS B 293 -36.03 -28.18 0.23
C LYS B 293 -37.02 -27.08 0.65
N ARG B 294 -36.56 -25.83 0.66
CA ARG B 294 -37.43 -24.69 0.98
C ARG B 294 -38.53 -24.46 -0.05
N GLN B 295 -38.24 -24.75 -1.33
CA GLN B 295 -39.26 -24.64 -2.39
C GLN B 295 -39.98 -25.97 -2.60
N GLY B 296 -39.62 -26.96 -1.80
CA GLY B 296 -40.44 -28.15 -1.60
C GLY B 296 -41.27 -27.99 -0.35
N ALA B 297 -41.30 -26.78 0.21
CA ALA B 297 -42.02 -26.44 1.45
C ALA B 297 -42.90 -25.17 1.37
N LEU B 298 -42.52 -24.22 0.53
CA LEU B 298 -43.35 -23.05 0.22
C LEU B 298 -44.45 -23.44 -0.78
N GLU B 299 -44.67 -24.74 -0.89
CA GLU B 299 -45.70 -25.34 -1.74
C GLU B 299 -46.40 -26.46 -0.97
N LEU B 300 -46.25 -26.44 0.35
CA LEU B 300 -46.98 -27.31 1.25
C LEU B 300 -47.33 -26.41 2.40
N ILE B 301 -47.56 -25.15 2.05
CA ILE B 301 -47.99 -24.09 2.95
C ILE B 301 -49.13 -23.35 2.26
N LYS B 302 -48.89 -22.92 1.03
CA LYS B 302 -49.91 -22.34 0.15
C LYS B 302 -50.69 -23.48 -0.53
N LYS B 303 -50.21 -24.70 -0.28
CA LYS B 303 -50.89 -25.91 -0.73
C LYS B 303 -52.12 -26.22 0.14
N GLY B 304 -51.95 -26.12 1.44
CA GLY B 304 -53.07 -26.23 2.37
C GLY B 304 -53.89 -24.95 2.38
N TYR B 305 -53.29 -23.84 1.93
CA TYR B 305 -53.98 -22.55 1.83
C TYR B 305 -55.21 -22.58 0.91
N THR B 306 -55.27 -23.59 0.05
CA THR B 306 -56.37 -23.74 -0.89
C THR B 306 -57.13 -25.06 -0.65
N GLN B 307 -56.75 -25.80 0.40
CA GLN B 307 -57.53 -26.97 0.84
C GLN B 307 -58.17 -26.55 2.14
N GLN B 308 -57.49 -25.63 2.81
CA GLN B 308 -58.01 -24.98 4.00
C GLN B 308 -59.01 -23.93 3.55
N LEU B 309 -58.83 -23.37 2.36
CA LEU B 309 -59.86 -22.51 1.78
C LEU B 309 -60.97 -23.38 1.20
N ALA B 310 -60.98 -24.65 1.62
CA ALA B 310 -62.00 -25.62 1.21
C ALA B 310 -62.85 -26.17 2.38
N PHE B 311 -63.13 -25.32 3.38
CA PHE B 311 -63.99 -25.67 4.53
C PHE B 311 -64.53 -24.39 5.23
N ARG B 312 -64.26 -23.23 4.64
CA ARG B 312 -64.58 -21.96 5.28
C ARG B 312 -66.04 -21.57 5.07
N GLN B 313 -66.90 -22.20 5.84
CA GLN B 313 -68.33 -21.90 5.84
C GLN B 313 -68.48 -20.38 5.83
N PRO B 314 -69.73 -19.89 5.79
CA PRO B 314 -70.00 -18.45 5.71
C PRO B 314 -69.17 -17.52 6.64
N SER B 315 -68.74 -18.00 7.81
CA SER B 315 -67.93 -17.20 8.74
C SER B 315 -66.62 -16.72 8.12
N ALA B 320 -63.78 -26.68 10.81
CA ALA B 320 -63.56 -28.11 10.64
C ALA B 320 -64.34 -28.58 9.44
N PHE B 321 -65.15 -29.62 9.66
CA PHE B 321 -66.15 -30.00 8.68
C PHE B 321 -66.84 -28.70 8.28
N VAL B 322 -67.40 -28.67 7.08
CA VAL B 322 -68.32 -27.59 6.73
C VAL B 322 -69.72 -27.97 7.21
N LYS B 323 -70.01 -29.28 7.18
CA LYS B 323 -71.22 -29.86 7.77
C LYS B 323 -71.46 -29.32 9.19
N ARG B 324 -70.38 -29.31 9.97
CA ARG B 324 -70.42 -29.06 11.40
C ARG B 324 -70.38 -27.58 11.78
N ALA B 325 -70.94 -27.26 12.93
CA ALA B 325 -70.92 -25.89 13.42
C ALA B 325 -69.47 -25.38 13.48
N PRO B 326 -69.25 -24.14 13.03
CA PRO B 326 -67.90 -23.55 13.05
C PRO B 326 -67.35 -23.60 14.45
N SER B 327 -66.07 -23.92 14.58
CA SER B 327 -65.43 -23.97 15.89
C SER B 327 -64.84 -22.61 16.24
N THR B 328 -65.12 -22.10 17.44
CA THR B 328 -64.49 -20.85 17.92
C THR B 328 -63.03 -21.15 18.25
N TRP B 329 -62.65 -22.42 18.17
CA TRP B 329 -61.27 -22.81 18.41
C TRP B 329 -60.46 -23.04 17.11
N LEU B 330 -61.14 -23.45 16.05
CA LEU B 330 -60.48 -23.63 14.75
C LEU B 330 -60.61 -22.40 13.85
N THR B 331 -61.27 -21.35 14.36
CA THR B 331 -61.41 -20.11 13.61
C THR B 331 -60.57 -19.00 14.26
N ALA B 332 -60.24 -19.17 15.54
CA ALA B 332 -59.28 -18.30 16.21
C ALA B 332 -57.87 -18.92 16.18
N TYR B 333 -57.73 -20.04 15.49
CA TYR B 333 -56.42 -20.61 15.21
C TYR B 333 -56.25 -20.63 13.69
N VAL B 334 -57.27 -20.15 12.99
CA VAL B 334 -57.21 -19.92 11.54
C VAL B 334 -56.65 -18.50 11.31
N VAL B 335 -56.48 -17.77 12.40
CA VAL B 335 -55.89 -16.43 12.39
C VAL B 335 -54.51 -16.44 13.05
N LYS B 336 -54.06 -17.63 13.45
CA LYS B 336 -52.76 -17.77 14.11
C LYS B 336 -51.77 -18.48 13.19
N VAL B 337 -52.29 -19.27 12.25
CA VAL B 337 -51.49 -19.96 11.23
C VAL B 337 -51.47 -19.15 9.93
N PHE B 338 -52.22 -18.05 9.93
CA PHE B 338 -52.34 -17.18 8.77
C PHE B 338 -51.61 -15.85 8.93
N SER B 339 -51.75 -15.23 10.10
CA SER B 339 -51.09 -13.95 10.37
C SER B 339 -49.57 -14.09 10.63
N LEU B 340 -49.00 -15.18 10.12
CA LEU B 340 -47.55 -15.43 10.19
C LEU B 340 -47.05 -16.01 8.85
N ALA B 341 -47.95 -16.69 8.15
CA ALA B 341 -47.70 -17.13 6.78
C ALA B 341 -48.23 -16.07 5.81
N VAL B 342 -47.76 -14.84 6.00
CA VAL B 342 -48.12 -13.71 5.14
C VAL B 342 -46.88 -13.18 4.44
N ASN B 343 -45.72 -13.52 4.99
CA ASN B 343 -44.44 -13.26 4.36
C ASN B 343 -43.98 -14.48 3.55
N LEU B 344 -44.80 -15.52 3.55
CA LEU B 344 -44.45 -16.79 2.92
C LEU B 344 -45.30 -17.08 1.66
N ILE B 345 -46.61 -16.87 1.77
CA ILE B 345 -47.57 -17.13 0.68
C ILE B 345 -48.63 -16.03 0.46
N ALA B 346 -49.42 -16.19 -0.60
CA ALA B 346 -50.50 -15.26 -0.92
C ALA B 346 -51.69 -15.48 0.00
N ILE B 347 -51.92 -14.53 0.90
CA ILE B 347 -53.04 -14.59 1.83
C ILE B 347 -54.07 -13.44 1.59
N ASP B 348 -55.36 -13.75 1.72
CA ASP B 348 -56.46 -12.83 1.41
C ASP B 348 -56.83 -12.00 2.65
N SER B 349 -56.78 -10.67 2.55
CA SER B 349 -57.18 -9.81 3.68
C SER B 349 -58.70 -9.74 3.74
N GLN B 350 -59.31 -10.81 3.23
CA GLN B 350 -60.76 -11.05 3.25
C GLN B 350 -61.11 -12.42 3.88
N VAL B 351 -60.17 -13.36 3.89
CA VAL B 351 -60.35 -14.65 4.59
C VAL B 351 -59.63 -14.62 5.94
N LEU B 352 -58.80 -13.60 6.13
CA LEU B 352 -58.18 -13.24 7.42
C LEU B 352 -58.93 -12.11 8.14
N CYS B 353 -59.36 -11.10 7.39
CA CYS B 353 -60.16 -9.99 7.92
C CYS B 353 -61.66 -10.28 7.81
N GLY B 354 -62.00 -11.56 7.66
CA GLY B 354 -63.38 -12.01 7.57
C GLY B 354 -63.67 -13.22 8.46
N ALA B 355 -62.79 -13.42 9.45
CA ALA B 355 -62.98 -14.46 10.46
C ALA B 355 -62.56 -13.91 11.82
N VAL B 356 -62.16 -12.64 11.83
CA VAL B 356 -61.80 -11.91 13.06
C VAL B 356 -62.90 -10.88 13.42
N LYS B 357 -63.77 -10.57 12.45
CA LYS B 357 -64.95 -9.73 12.70
C LYS B 357 -66.12 -10.65 13.05
N TRP B 358 -65.81 -11.94 13.16
CA TRP B 358 -66.78 -12.98 13.51
C TRP B 358 -66.60 -13.43 14.97
N LEU B 359 -65.39 -13.26 15.50
CA LEU B 359 -65.11 -13.54 16.91
C LEU B 359 -65.52 -12.35 17.82
N ILE B 360 -65.42 -11.13 17.31
CA ILE B 360 -65.84 -9.92 18.04
C ILE B 360 -67.34 -9.73 17.97
N LEU B 361 -67.93 -10.16 16.86
CA LEU B 361 -69.36 -9.93 16.61
C LEU B 361 -70.24 -11.18 16.79
N GLU B 362 -69.64 -12.36 16.93
CA GLU B 362 -70.42 -13.60 17.07
C GLU B 362 -70.07 -14.41 18.32
N LYS B 363 -68.78 -14.49 18.66
CA LYS B 363 -68.36 -15.26 19.82
C LYS B 363 -67.68 -14.39 20.87
N GLN B 364 -68.27 -13.22 21.17
CA GLN B 364 -67.79 -12.37 22.26
C GLN B 364 -68.90 -11.88 23.19
N LYS B 365 -68.79 -12.27 24.46
CA LYS B 365 -69.72 -11.79 25.50
C LYS B 365 -69.42 -10.33 25.83
N PRO B 366 -70.27 -9.72 26.67
CA PRO B 366 -70.15 -8.30 27.07
C PRO B 366 -68.93 -7.99 27.95
N ASP B 367 -68.12 -9.00 28.30
CA ASP B 367 -66.96 -8.77 29.17
C ASP B 367 -65.64 -9.13 28.49
N GLY B 368 -65.72 -9.56 27.23
CA GLY B 368 -64.54 -9.88 26.46
C GLY B 368 -64.11 -11.31 26.60
N VAL B 369 -64.90 -12.12 27.32
CA VAL B 369 -64.62 -13.54 27.45
C VAL B 369 -65.15 -14.31 26.25
N PHE B 370 -64.37 -15.30 25.80
CA PHE B 370 -64.71 -16.05 24.58
C PHE B 370 -65.25 -17.45 24.85
N GLN B 371 -66.34 -17.79 24.18
CA GLN B 371 -67.07 -19.01 24.45
C GLN B 371 -66.78 -20.04 23.37
N GLU B 372 -66.97 -21.32 23.70
CA GLU B 372 -66.81 -22.40 22.73
C GLU B 372 -68.14 -23.12 22.49
N ASP B 373 -68.70 -22.93 21.30
CA ASP B 373 -69.98 -23.51 20.92
C ASP B 373 -69.82 -24.96 20.44
N ALA B 374 -69.01 -25.14 19.41
CA ALA B 374 -68.76 -26.45 18.82
C ALA B 374 -67.30 -26.85 18.96
N PRO B 375 -66.98 -27.60 20.02
CA PRO B 375 -65.61 -28.07 20.25
C PRO B 375 -65.01 -28.62 18.97
N VAL B 376 -63.68 -28.64 18.88
CA VAL B 376 -62.99 -29.17 17.71
C VAL B 376 -62.89 -30.71 17.78
N ILE B 377 -63.12 -31.40 16.67
CA ILE B 377 -63.21 -32.87 16.66
C ILE B 377 -61.93 -33.57 17.10
N HIS B 378 -60.79 -33.13 16.57
CA HIS B 378 -59.48 -33.56 17.07
C HIS B 378 -59.20 -32.72 18.33
N GLN B 379 -59.22 -33.34 19.51
CA GLN B 379 -59.13 -32.57 20.76
C GLN B 379 -57.78 -32.58 21.49
N GLU B 380 -56.76 -33.16 20.87
CA GLU B 380 -55.40 -33.15 21.42
C GLU B 380 -54.58 -31.98 20.86
N MET B 381 -55.01 -31.48 19.70
CA MET B 381 -54.32 -30.37 19.04
C MET B 381 -54.54 -29.03 19.75
N ILE B 382 -55.69 -28.86 20.38
CA ILE B 382 -55.95 -27.65 21.16
C ILE B 382 -54.86 -27.40 22.21
N GLY B 383 -54.09 -28.45 22.51
CA GLY B 383 -52.94 -28.31 23.38
C GLY B 383 -53.25 -28.32 24.88
N GLY B 384 -53.06 -27.17 25.52
CA GLY B 384 -53.15 -27.06 26.97
C GLY B 384 -54.38 -26.36 27.54
N LEU B 385 -55.38 -26.13 26.69
CA LEU B 385 -56.68 -25.65 27.15
C LEU B 385 -57.58 -26.85 27.46
N ARG B 386 -57.24 -28.00 26.87
CA ARG B 386 -57.94 -29.29 27.03
C ARG B 386 -58.37 -29.54 28.47
N ASN B 387 -57.62 -28.96 29.40
CA ASN B 387 -57.97 -28.97 30.80
C ASN B 387 -59.18 -28.05 31.00
N ASN B 388 -60.39 -28.64 31.16
CA ASN B 388 -61.61 -27.83 31.35
C ASN B 388 -61.42 -26.80 32.46
N ASN B 389 -60.31 -26.90 33.18
CA ASN B 389 -59.97 -26.00 34.30
C ASN B 389 -59.73 -24.56 33.83
N GLU B 390 -60.65 -23.67 34.20
CA GLU B 390 -60.56 -22.26 33.79
C GLU B 390 -60.64 -22.13 32.26
N LYS B 391 -61.66 -22.72 31.64
CA LYS B 391 -61.76 -22.70 30.17
C LYS B 391 -62.35 -21.40 29.61
N ASP B 392 -62.14 -20.31 30.35
CA ASP B 392 -62.43 -18.94 29.91
C ASP B 392 -61.36 -18.00 30.45
N MET B 393 -60.22 -18.58 30.82
CA MET B 393 -59.01 -17.86 31.19
C MET B 393 -57.85 -18.37 30.33
N ALA B 394 -58.00 -19.59 29.83
CA ALA B 394 -57.11 -20.17 28.81
C ALA B 394 -57.77 -20.11 27.43
N LEU B 395 -59.06 -19.76 27.40
CA LEU B 395 -59.82 -19.59 26.15
C LEU B 395 -60.06 -18.11 25.84
N THR B 396 -59.93 -17.25 26.87
CA THR B 396 -60.07 -15.80 26.70
C THR B 396 -58.68 -15.16 26.55
N ALA B 397 -57.65 -15.99 26.64
CA ALA B 397 -56.28 -15.53 26.47
C ALA B 397 -55.69 -16.03 25.15
N PHE B 398 -56.33 -17.05 24.56
CA PHE B 398 -55.89 -17.66 23.29
C PHE B 398 -56.46 -16.94 22.06
N VAL B 399 -57.77 -16.63 22.07
CA VAL B 399 -58.37 -15.85 20.98
C VAL B 399 -57.90 -14.39 21.08
N LEU B 400 -57.34 -14.04 22.23
CA LEU B 400 -56.84 -12.69 22.51
C LEU B 400 -55.43 -12.44 21.94
N ILE B 401 -54.85 -13.50 21.39
CA ILE B 401 -53.53 -13.39 20.77
C ILE B 401 -53.62 -13.71 19.27
N SER B 402 -54.81 -14.09 18.81
CA SER B 402 -55.05 -14.39 17.40
C SER B 402 -55.67 -13.19 16.67
N LEU B 403 -55.94 -12.14 17.43
CA LEU B 403 -56.54 -10.93 16.88
C LEU B 403 -55.73 -9.67 17.27
N GLN B 404 -54.69 -9.85 18.09
CA GLN B 404 -53.68 -8.81 18.29
C GLN B 404 -52.49 -9.09 17.36
N GLU B 405 -52.59 -10.21 16.64
CA GLU B 405 -51.59 -10.62 15.64
C GLU B 405 -51.94 -10.24 14.19
N ALA B 406 -53.24 -10.17 13.90
CA ALA B 406 -53.73 -9.85 12.55
C ALA B 406 -53.96 -8.36 12.45
N LYS B 407 -53.56 -7.68 13.52
CA LYS B 407 -53.86 -6.27 13.73
C LYS B 407 -53.31 -5.28 12.71
N ASP B 408 -52.07 -5.41 12.23
CA ASP B 408 -51.61 -4.39 11.30
C ASP B 408 -52.12 -4.60 9.86
N ILE B 409 -52.23 -5.87 9.46
CA ILE B 409 -52.63 -6.24 8.10
C ILE B 409 -53.81 -5.42 7.58
N CYS B 410 -54.83 -5.37 8.43
CA CYS B 410 -56.10 -4.80 8.04
C CYS B 410 -56.69 -3.98 9.20
N GLU B 411 -56.01 -2.88 9.57
CA GLU B 411 -56.51 -1.95 10.60
C GLU B 411 -57.68 -1.12 10.08
N GLU B 412 -58.03 -1.36 8.81
CA GLU B 412 -59.07 -0.60 8.14
C GLU B 412 -60.25 -1.49 7.68
N GLN B 413 -60.04 -2.81 7.65
CA GLN B 413 -61.08 -3.79 7.29
C GLN B 413 -62.03 -4.18 8.43
N VAL B 414 -61.63 -3.91 9.68
CA VAL B 414 -62.52 -4.19 10.81
C VAL B 414 -62.74 -3.03 11.78
N ASN B 415 -63.97 -2.54 11.76
CA ASN B 415 -64.49 -1.66 12.78
C ASN B 415 -64.36 -2.28 14.18
N SER B 416 -64.73 -3.56 14.27
CA SER B 416 -65.02 -4.21 15.56
C SER B 416 -63.84 -4.50 16.50
N LEU B 417 -62.63 -4.16 16.09
CA LEU B 417 -61.46 -4.51 16.90
C LEU B 417 -61.28 -3.72 18.19
N PRO B 418 -61.11 -2.39 18.07
CA PRO B 418 -60.76 -1.49 19.18
C PRO B 418 -61.54 -1.70 20.50
N GLY B 419 -62.76 -2.23 20.41
CA GLY B 419 -63.56 -2.48 21.60
C GLY B 419 -63.42 -3.86 22.20
N SER B 420 -63.28 -4.88 21.34
CA SER B 420 -63.13 -6.26 21.80
C SER B 420 -61.79 -6.48 22.51
N ILE B 421 -60.76 -5.77 22.06
CA ILE B 421 -59.42 -5.86 22.65
C ILE B 421 -59.34 -5.39 24.11
N THR B 422 -59.84 -4.18 24.39
CA THR B 422 -59.89 -3.71 25.77
C THR B 422 -60.84 -4.59 26.60
N LYS B 423 -62.00 -4.91 26.02
CA LYS B 423 -62.98 -5.78 26.67
C LYS B 423 -62.36 -7.00 27.33
N ALA B 424 -62.00 -7.99 26.53
CA ALA B 424 -61.42 -9.22 27.04
C ALA B 424 -60.38 -8.95 28.13
N GLY B 425 -59.59 -7.89 27.93
CA GLY B 425 -58.46 -7.59 28.78
C GLY B 425 -58.80 -6.92 30.10
N ASP B 426 -60.06 -6.59 30.30
CA ASP B 426 -60.50 -5.95 31.52
C ASP B 426 -61.05 -7.00 32.47
N PHE B 427 -61.57 -8.07 31.89
CA PHE B 427 -62.08 -9.19 32.67
C PHE B 427 -60.93 -10.02 33.21
N LEU B 428 -59.87 -10.11 32.42
CA LEU B 428 -58.71 -10.92 32.78
C LEU B 428 -57.83 -10.28 33.84
N GLU B 429 -57.42 -9.03 33.62
CA GLU B 429 -56.57 -8.34 34.60
C GLU B 429 -57.20 -8.31 36.00
N ALA B 430 -58.54 -8.29 36.04
CA ALA B 430 -59.27 -8.33 37.30
C ALA B 430 -59.12 -9.72 37.93
N ASN B 431 -59.34 -10.74 37.12
CA ASN B 431 -59.24 -12.12 37.57
C ASN B 431 -57.84 -12.72 37.47
N TYR B 432 -56.82 -11.89 37.25
CA TYR B 432 -55.45 -12.38 37.11
C TYR B 432 -54.85 -12.82 38.45
N MET B 433 -55.37 -12.26 39.53
CA MET B 433 -54.93 -12.63 40.87
C MET B 433 -55.66 -13.89 41.30
N ASN B 434 -56.53 -14.39 40.41
CA ASN B 434 -57.38 -15.54 40.68
C ASN B 434 -57.02 -16.79 39.87
N LEU B 435 -55.73 -17.00 39.61
CA LEU B 435 -55.30 -18.12 38.78
C LEU B 435 -54.38 -19.09 39.51
N GLN B 436 -54.50 -20.37 39.18
CA GLN B 436 -53.66 -21.40 39.76
C GLN B 436 -52.69 -21.95 38.72
N ARG B 437 -53.22 -22.74 37.80
CA ARG B 437 -52.41 -23.36 36.75
C ARG B 437 -51.30 -22.42 36.25
N SER B 438 -50.04 -22.90 36.31
CA SER B 438 -48.90 -22.15 35.81
C SER B 438 -49.12 -21.86 34.34
N TYR B 439 -50.12 -22.53 33.77
CA TYR B 439 -50.44 -22.46 32.34
C TYR B 439 -51.48 -21.39 32.01
N THR B 440 -52.37 -21.07 32.95
CA THR B 440 -53.34 -20.01 32.71
C THR B 440 -52.82 -18.65 33.21
N VAL B 441 -51.73 -18.71 33.98
CA VAL B 441 -51.02 -17.51 34.45
C VAL B 441 -50.10 -17.00 33.35
N ALA B 442 -49.68 -17.91 32.48
CA ALA B 442 -48.80 -17.55 31.37
C ALA B 442 -49.57 -17.30 30.07
N ILE B 443 -50.79 -17.84 29.97
CA ILE B 443 -51.62 -17.67 28.77
C ILE B 443 -52.36 -16.35 28.79
N ALA B 444 -52.82 -15.98 29.98
CA ALA B 444 -53.40 -14.66 30.17
C ALA B 444 -52.23 -13.69 30.22
N GLY B 445 -51.12 -14.13 30.78
CA GLY B 445 -49.93 -13.30 30.93
C GLY B 445 -49.48 -12.65 29.64
N TYR B 446 -49.55 -13.40 28.54
CA TYR B 446 -49.16 -12.89 27.22
C TYR B 446 -50.37 -12.42 26.40
N ALA B 447 -51.58 -12.74 26.87
CA ALA B 447 -52.77 -12.20 26.23
C ALA B 447 -52.88 -10.73 26.61
N LEU B 448 -52.15 -10.36 27.65
CA LEU B 448 -52.18 -9.02 28.23
C LEU B 448 -50.98 -8.17 27.82
N ALA B 449 -49.78 -8.72 27.97
CA ALA B 449 -48.55 -7.94 27.85
C ALA B 449 -48.29 -7.33 26.47
N GLN B 450 -49.28 -7.39 25.58
CA GLN B 450 -49.15 -6.74 24.27
C GLN B 450 -49.88 -5.40 24.28
N MET B 451 -50.18 -4.90 25.48
CA MET B 451 -50.97 -3.68 25.63
C MET B 451 -50.48 -2.76 26.75
N GLY B 452 -49.66 -3.31 27.66
CA GLY B 452 -49.04 -2.52 28.72
C GLY B 452 -49.83 -2.40 30.00
N ARG B 453 -50.31 -3.54 30.52
CA ARG B 453 -51.22 -3.56 31.66
C ARG B 453 -50.83 -4.60 32.74
N LEU B 454 -49.76 -5.35 32.45
CA LEU B 454 -49.22 -6.33 33.39
C LEU B 454 -48.42 -5.60 34.47
N LYS B 455 -48.99 -4.52 34.98
CA LYS B 455 -48.32 -3.69 35.98
C LYS B 455 -48.87 -3.98 37.35
N GLY B 456 -48.03 -3.76 38.36
CA GLY B 456 -48.42 -3.99 39.73
C GLY B 456 -48.41 -5.46 40.07
N PRO B 457 -49.53 -5.96 40.61
CA PRO B 457 -49.67 -7.32 41.15
C PRO B 457 -49.67 -8.40 40.08
N LEU B 458 -50.05 -8.03 38.86
CA LEU B 458 -50.12 -8.98 37.75
C LEU B 458 -48.73 -9.24 37.14
N LEU B 459 -47.76 -8.45 37.57
CA LEU B 459 -46.38 -8.54 37.07
C LEU B 459 -45.49 -9.44 37.92
N ASN B 460 -45.67 -9.38 39.24
CA ASN B 460 -44.85 -10.16 40.16
C ASN B 460 -45.39 -11.57 40.43
N LYS B 461 -46.67 -11.80 40.10
CA LYS B 461 -47.26 -13.12 40.27
C LYS B 461 -46.98 -13.98 39.04
N PHE B 462 -46.48 -13.33 38.00
CA PHE B 462 -46.18 -14.01 36.75
C PHE B 462 -44.69 -14.36 36.65
N LEU B 463 -43.89 -13.79 37.55
CA LEU B 463 -42.44 -14.04 37.60
C LEU B 463 -42.08 -15.12 38.61
N THR B 464 -42.99 -15.36 39.55
CA THR B 464 -42.81 -16.38 40.57
C THR B 464 -43.41 -17.72 40.14
N THR B 465 -44.39 -17.67 39.24
CA THR B 465 -45.07 -18.85 38.71
C THR B 465 -44.10 -19.78 37.98
N ALA B 466 -42.97 -19.21 37.56
CA ALA B 466 -41.87 -20.01 37.04
C ALA B 466 -41.22 -20.78 38.18
N LYS B 467 -41.53 -22.07 38.28
CA LYS B 467 -40.86 -22.95 39.23
C LYS B 467 -39.39 -23.05 38.85
N ASP B 468 -38.51 -22.76 39.81
CA ASP B 468 -37.08 -22.58 39.55
C ASP B 468 -36.83 -21.28 38.75
N LYS B 469 -37.92 -20.63 38.35
CA LYS B 469 -37.89 -19.37 37.61
C LYS B 469 -37.30 -19.42 36.20
N ASN B 470 -37.54 -20.52 35.50
CA ASN B 470 -37.17 -20.67 34.09
C ASN B 470 -38.22 -21.48 33.30
N ARG B 471 -39.23 -21.94 34.03
CA ARG B 471 -40.31 -22.77 33.47
C ARG B 471 -41.62 -22.55 34.23
N TRP B 472 -42.73 -22.53 33.50
CA TRP B 472 -44.06 -22.42 34.11
C TRP B 472 -44.77 -23.77 34.03
N GLU B 473 -44.77 -24.51 35.13
CA GLU B 473 -45.19 -25.91 35.08
C GLU B 473 -46.32 -26.28 36.04
N ASP B 474 -47.12 -27.25 35.60
CA ASP B 474 -48.19 -27.80 36.40
C ASP B 474 -48.06 -29.29 36.53
N PRO B 475 -48.61 -29.85 37.62
CA PRO B 475 -48.58 -31.29 37.92
C PRO B 475 -49.31 -32.05 36.83
N GLY B 476 -48.68 -33.11 36.33
CA GLY B 476 -49.27 -33.88 35.25
C GLY B 476 -48.54 -33.72 33.93
N LYS B 477 -49.30 -33.44 32.89
CA LYS B 477 -48.76 -33.43 31.54
C LYS B 477 -47.62 -32.42 31.31
N GLN B 478 -46.66 -32.80 30.47
CA GLN B 478 -45.47 -32.00 30.17
C GLN B 478 -45.67 -31.04 28.96
N LEU B 479 -46.43 -31.49 27.95
CA LEU B 479 -46.68 -30.67 26.74
C LEU B 479 -47.60 -29.48 27.08
N TYR B 480 -47.88 -29.33 28.36
CA TYR B 480 -48.66 -28.19 28.87
C TYR B 480 -47.77 -27.36 29.81
N ASN B 481 -46.51 -27.79 29.94
CA ASN B 481 -45.49 -27.06 30.68
C ASN B 481 -44.58 -26.33 29.70
N VAL B 482 -44.29 -26.99 28.58
CA VAL B 482 -43.55 -26.36 27.50
C VAL B 482 -44.39 -25.24 26.88
N GLU B 483 -45.69 -25.48 26.72
CA GLU B 483 -46.58 -24.45 26.15
C GLU B 483 -46.81 -23.34 27.17
N ALA B 484 -46.64 -23.67 28.44
CA ALA B 484 -46.72 -22.67 29.49
C ALA B 484 -45.41 -21.89 29.56
N THR B 485 -44.29 -22.55 29.29
CA THR B 485 -42.97 -21.90 29.31
C THR B 485 -42.79 -21.01 28.10
N SER B 486 -43.50 -21.35 27.02
CA SER B 486 -43.46 -20.59 25.78
C SER B 486 -44.29 -19.32 25.93
N TYR B 487 -45.57 -19.49 26.23
CA TYR B 487 -46.43 -18.35 26.43
C TYR B 487 -45.84 -17.45 27.52
N ALA B 488 -45.00 -18.04 28.37
CA ALA B 488 -44.32 -17.30 29.42
C ALA B 488 -43.13 -16.49 28.90
N LEU B 489 -42.35 -17.07 27.98
CA LEU B 489 -41.26 -16.32 27.36
C LEU B 489 -41.81 -15.26 26.39
N LEU B 490 -43.01 -15.51 25.85
CA LEU B 490 -43.66 -14.60 24.89
C LEU B 490 -43.77 -13.18 25.42
N ALA B 491 -44.20 -13.08 26.67
CA ALA B 491 -44.22 -11.82 27.36
C ALA B 491 -42.80 -11.36 27.61
N LEU B 492 -42.03 -12.19 28.32
CA LEU B 492 -40.67 -11.86 28.74
C LEU B 492 -39.95 -11.03 27.70
N LEU B 493 -40.29 -11.25 26.44
CA LEU B 493 -39.64 -10.56 25.34
C LEU B 493 -40.55 -9.47 24.73
N GLN B 494 -41.86 -9.73 24.63
CA GLN B 494 -42.80 -8.70 24.19
C GLN B 494 -42.65 -7.48 25.10
N LEU B 495 -41.95 -7.69 26.22
CA LEU B 495 -41.85 -6.73 27.30
C LEU B 495 -40.59 -5.87 27.27
N LYS B 496 -39.50 -6.41 26.74
CA LYS B 496 -38.22 -5.71 26.67
C LYS B 496 -37.37 -5.94 27.94
N ASP B 497 -37.61 -7.07 28.62
CA ASP B 497 -36.82 -7.51 29.76
C ASP B 497 -36.04 -8.78 29.37
N PHE B 498 -34.76 -8.85 29.74
CA PHE B 498 -33.90 -9.93 29.26
C PHE B 498 -32.89 -10.38 30.28
N ASP B 499 -33.22 -10.17 31.55
CA ASP B 499 -32.43 -10.70 32.63
C ASP B 499 -33.15 -11.95 33.17
N PHE B 500 -34.36 -12.20 32.67
CA PHE B 500 -35.18 -13.36 33.03
C PHE B 500 -35.43 -14.19 31.75
N VAL B 501 -34.86 -13.76 30.62
CA VAL B 501 -34.99 -14.50 29.37
C VAL B 501 -33.83 -15.44 29.17
N PRO B 502 -32.64 -15.01 29.59
CA PRO B 502 -31.47 -15.88 29.51
C PRO B 502 -31.81 -17.28 30.02
N PRO B 503 -32.17 -17.42 31.30
CA PRO B 503 -32.40 -18.79 31.77
C PRO B 503 -33.62 -19.50 31.16
N VAL B 504 -34.70 -18.79 30.86
CA VAL B 504 -35.89 -19.45 30.33
C VAL B 504 -35.66 -20.16 28.99
N VAL B 505 -34.63 -19.72 28.28
CA VAL B 505 -34.29 -20.25 26.95
C VAL B 505 -33.25 -21.40 27.03
N ARG B 506 -32.67 -21.59 28.21
CA ARG B 506 -31.74 -22.70 28.44
C ARG B 506 -32.47 -23.97 28.88
N TRP B 507 -33.78 -23.86 29.09
CA TRP B 507 -34.59 -25.00 29.50
C TRP B 507 -35.29 -25.63 28.27
N LEU B 508 -35.60 -24.80 27.28
CA LEU B 508 -36.44 -25.20 26.15
C LEU B 508 -35.69 -26.03 25.11
N ASN B 509 -34.41 -25.72 25.00
CA ASN B 509 -33.53 -26.48 24.13
C ASN B 509 -32.76 -27.51 24.95
N GLU B 510 -33.06 -27.57 26.25
CA GLU B 510 -32.56 -28.64 27.12
C GLU B 510 -33.57 -29.78 27.14
N GLN B 511 -34.73 -29.53 26.56
CA GLN B 511 -35.74 -30.56 26.39
C GLN B 511 -35.63 -31.26 25.04
N ARG B 512 -34.59 -30.88 24.28
CA ARG B 512 -34.39 -31.33 22.90
C ARG B 512 -35.74 -31.65 22.25
N TYR B 513 -36.65 -30.67 22.32
CA TYR B 513 -37.99 -30.80 21.76
C TYR B 513 -38.01 -30.50 20.25
N TYR B 514 -37.76 -31.55 19.45
CA TYR B 514 -37.73 -31.46 17.97
C TYR B 514 -39.11 -31.34 17.33
N GLY B 515 -40.14 -31.25 18.18
CA GLY B 515 -41.50 -31.02 17.73
C GLY B 515 -42.27 -32.26 17.31
N GLY B 516 -43.39 -32.04 16.63
CA GLY B 516 -44.22 -33.14 16.15
C GLY B 516 -44.64 -34.08 17.26
N GLY B 517 -45.40 -35.10 16.89
CA GLY B 517 -45.93 -36.04 17.85
C GLY B 517 -47.43 -35.94 17.94
N TYR B 518 -48.02 -36.81 18.74
CA TYR B 518 -49.45 -36.80 18.99
C TYR B 518 -49.67 -36.09 20.33
N GLY B 519 -50.35 -34.95 20.28
CA GLY B 519 -50.59 -34.13 21.45
C GLY B 519 -49.81 -32.83 21.38
N SER B 520 -49.17 -32.61 20.23
CA SER B 520 -48.16 -31.58 20.10
C SER B 520 -48.41 -30.54 18.99
N THR B 521 -49.65 -30.41 18.52
CA THR B 521 -49.95 -29.41 17.49
C THR B 521 -49.93 -28.00 18.08
N GLN B 522 -49.96 -27.91 19.40
CA GLN B 522 -49.70 -26.64 20.06
C GLN B 522 -48.33 -26.67 20.73
N ALA B 523 -47.91 -27.87 21.13
CA ALA B 523 -46.58 -28.02 21.71
C ALA B 523 -45.48 -27.74 20.69
N THR B 524 -45.83 -27.75 19.40
CA THR B 524 -44.87 -27.49 18.32
C THR B 524 -44.90 -26.04 17.83
N PHE B 525 -46.08 -25.42 17.88
CA PHE B 525 -46.27 -24.08 17.32
C PHE B 525 -45.73 -22.99 18.23
N MET B 526 -45.39 -23.36 19.46
CA MET B 526 -44.99 -22.39 20.46
C MET B 526 -43.54 -22.57 20.93
N VAL B 527 -43.10 -23.81 21.06
CA VAL B 527 -41.70 -24.10 21.43
C VAL B 527 -40.78 -23.60 20.33
N PHE B 528 -41.38 -23.07 19.26
CA PHE B 528 -40.61 -22.56 18.13
C PHE B 528 -40.80 -21.06 17.90
N GLN B 529 -42.03 -20.62 17.71
CA GLN B 529 -42.26 -19.20 17.44
C GLN B 529 -41.63 -18.33 18.51
N ALA B 530 -41.57 -18.86 19.73
CA ALA B 530 -40.90 -18.23 20.84
C ALA B 530 -39.39 -18.26 20.64
N LEU B 531 -38.88 -19.44 20.28
CA LEU B 531 -37.48 -19.62 19.93
C LEU B 531 -37.19 -19.00 18.55
N ALA B 532 -38.26 -18.60 17.85
CA ALA B 532 -38.15 -18.09 16.49
C ALA B 532 -38.11 -16.56 16.55
N GLN B 533 -38.68 -16.03 17.62
CA GLN B 533 -38.75 -14.60 17.80
C GLN B 533 -37.56 -14.09 18.62
N TYR B 534 -36.85 -15.01 19.27
CA TYR B 534 -35.68 -14.67 20.08
C TYR B 534 -34.44 -14.17 19.31
N GLN B 535 -34.46 -14.24 17.98
CA GLN B 535 -33.31 -13.72 17.23
C GLN B 535 -33.55 -12.26 16.76
N LYS B 536 -34.82 -11.86 16.62
CA LYS B 536 -35.19 -10.51 16.17
C LYS B 536 -35.17 -9.49 17.29
N ASP B 537 -35.13 -10.01 18.51
CA ASP B 537 -35.04 -9.18 19.69
C ASP B 537 -33.59 -9.13 20.14
N ALA B 538 -32.90 -10.26 20.04
CA ALA B 538 -31.52 -10.35 20.51
C ALA B 538 -30.83 -8.99 20.40
N PRO B 539 -30.37 -8.45 21.53
CA PRO B 539 -29.71 -7.15 21.35
C PRO B 539 -28.36 -7.34 20.64
N ASP B 540 -27.71 -8.48 20.88
CA ASP B 540 -26.41 -8.73 20.29
C ASP B 540 -25.46 -7.82 21.04
N HIS B 541 -25.99 -7.20 22.08
CA HIS B 541 -25.23 -6.25 22.88
C HIS B 541 -24.66 -5.17 21.98
N GLN B 542 -25.45 -4.70 21.01
CA GLN B 542 -24.92 -3.71 20.09
C GLN B 542 -25.28 -2.35 20.65
N GLU B 543 -24.25 -1.58 20.98
CA GLU B 543 -24.44 -0.26 21.56
C GLU B 543 -23.31 0.69 21.24
N LEU B 544 -23.60 1.98 21.20
CA LEU B 544 -22.57 2.99 21.03
C LEU B 544 -23.12 4.12 20.20
N ASN B 545 -23.79 5.05 20.85
CA ASN B 545 -24.17 6.28 20.20
C ASN B 545 -23.45 7.44 20.86
N LEU B 546 -22.13 7.32 20.95
CA LEU B 546 -21.31 8.39 21.48
C LEU B 546 -21.39 9.59 20.55
N ASP B 547 -21.43 10.78 21.14
CA ASP B 547 -21.44 12.02 20.37
C ASP B 547 -20.72 13.07 21.21
N VAL B 548 -19.41 13.16 21.02
CA VAL B 548 -18.57 14.02 21.85
C VAL B 548 -18.32 15.39 21.19
N SER B 549 -18.12 16.42 22.01
CA SER B 549 -17.84 17.78 21.53
C SER B 549 -16.43 18.28 21.90
N LEU B 550 -15.77 18.88 20.92
CA LEU B 550 -14.41 19.38 21.10
C LEU B 550 -14.32 20.89 21.02
N GLN B 551 -13.55 21.47 21.92
CA GLN B 551 -13.35 22.90 21.95
C GLN B 551 -11.89 23.16 22.24
N LEU B 552 -11.27 24.02 21.44
CA LEU B 552 -9.84 24.27 21.58
C LEU B 552 -9.51 25.73 21.35
N PRO B 553 -8.47 26.23 22.03
CA PRO B 553 -8.07 27.64 21.91
C PRO B 553 -7.81 28.10 20.47
N SER B 554 -7.75 27.16 19.53
CA SER B 554 -7.60 27.56 18.12
C SER B 554 -8.92 27.50 17.36
N ARG B 555 -9.90 26.82 17.91
CA ARG B 555 -11.19 26.63 17.23
C ARG B 555 -12.04 27.90 17.23
N SER B 556 -12.11 28.56 16.08
CA SER B 556 -13.11 29.61 15.89
C SER B 556 -14.42 28.94 15.46
N SER B 557 -14.30 27.70 15.02
CA SER B 557 -15.46 26.92 14.59
C SER B 557 -15.80 25.83 15.60
N LYS B 558 -17.00 25.30 15.47
CA LYS B 558 -17.49 24.27 16.39
C LYS B 558 -16.91 22.92 15.98
N ILE B 559 -16.86 21.96 16.92
CA ILE B 559 -16.29 20.65 16.61
C ILE B 559 -17.24 19.50 16.95
N THR B 560 -17.47 18.59 16.01
CA THR B 560 -18.39 17.48 16.25
C THR B 560 -18.17 16.26 15.36
N HIS B 561 -18.05 15.09 16.01
CA HIS B 561 -18.06 13.79 15.33
C HIS B 561 -19.10 12.90 16.03
N ARG B 562 -19.36 11.71 15.49
CA ARG B 562 -20.19 10.73 16.20
C ARG B 562 -19.86 9.26 15.88
N ILE B 563 -19.47 8.51 16.92
CA ILE B 563 -19.05 7.12 16.79
C ILE B 563 -20.26 6.15 16.84
N HIS B 564 -21.05 6.16 15.77
CA HIS B 564 -22.18 5.23 15.62
C HIS B 564 -21.65 3.80 15.46
N TRP B 565 -22.52 2.81 15.65
CA TRP B 565 -22.09 1.40 15.65
C TRP B 565 -21.55 0.93 14.29
N GLU B 566 -22.11 1.45 13.19
CA GLU B 566 -21.65 1.05 11.85
C GLU B 566 -20.24 1.55 11.51
N SER B 567 -19.92 2.78 11.91
CA SER B 567 -18.57 3.31 11.77
C SER B 567 -17.95 3.62 13.14
N ALA B 568 -18.10 2.68 14.07
CA ALA B 568 -17.65 2.83 15.45
C ALA B 568 -16.16 2.56 15.63
N SER B 569 -15.64 1.58 14.90
CA SER B 569 -14.21 1.25 14.93
C SER B 569 -13.42 2.14 13.98
N LEU B 570 -14.12 3.09 13.35
CA LEU B 570 -13.50 4.08 12.47
C LEU B 570 -12.80 5.15 13.31
N LEU B 571 -11.47 5.12 13.32
CA LEU B 571 -10.67 6.01 14.19
C LEU B 571 -10.78 7.50 13.83
N ARG B 572 -11.56 8.24 14.60
CA ARG B 572 -11.82 9.65 14.29
C ARG B 572 -10.86 10.58 15.04
N SER B 573 -9.76 10.92 14.39
CA SER B 573 -8.66 11.62 15.05
C SER B 573 -8.53 13.08 14.62
N GLU B 574 -8.04 13.92 15.53
CA GLU B 574 -7.78 15.32 15.21
C GLU B 574 -6.51 15.86 15.87
N GLU B 575 -5.87 16.84 15.23
CA GLU B 575 -4.53 17.28 15.61
C GLU B 575 -4.27 18.76 15.28
N THR B 576 -3.17 19.29 15.83
CA THR B 576 -2.76 20.67 15.57
C THR B 576 -1.24 20.81 15.71
N LYS B 577 -0.75 22.01 15.52
CA LYS B 577 0.69 22.28 15.65
C LYS B 577 0.99 23.17 16.86
N GLU B 578 -0.03 23.53 17.62
CA GLU B 578 0.15 24.51 18.70
C GLU B 578 -0.20 23.97 20.09
N ASN B 579 0.43 24.54 21.13
CA ASN B 579 0.27 24.09 22.52
C ASN B 579 -0.90 24.73 23.31
N GLU B 580 -1.93 23.95 23.65
CA GLU B 580 -3.14 24.46 24.29
C GLU B 580 -3.64 23.67 25.49
N GLY B 581 -4.59 24.24 26.21
CA GLY B 581 -5.37 23.51 27.17
C GLY B 581 -6.77 23.49 26.61
N PHE B 582 -7.61 22.57 27.08
CA PHE B 582 -8.96 22.45 26.55
C PHE B 582 -9.78 21.37 27.27
N THR B 583 -11.07 21.32 26.94
CA THR B 583 -12.02 20.43 27.60
C THR B 583 -12.74 19.54 26.59
N VAL B 584 -13.14 18.34 27.04
CA VAL B 584 -13.91 17.41 26.23
C VAL B 584 -15.29 17.24 26.85
N THR B 585 -16.26 16.82 26.05
CA THR B 585 -17.63 16.68 26.53
C THR B 585 -18.34 15.47 25.89
N ALA B 586 -18.22 14.30 26.51
CA ALA B 586 -18.82 13.07 25.98
C ALA B 586 -20.32 12.99 26.31
N GLU B 587 -21.04 12.12 25.62
CA GLU B 587 -22.49 12.04 25.73
C GLU B 587 -22.99 10.77 25.05
N GLY B 588 -24.16 10.28 25.48
CA GLY B 588 -24.78 9.13 24.85
C GLY B 588 -24.24 7.79 25.33
N LYS B 589 -24.96 6.71 25.00
CA LYS B 589 -24.55 5.36 25.38
C LYS B 589 -23.19 4.98 24.79
N GLY B 590 -22.76 3.74 25.04
CA GLY B 590 -21.56 3.20 24.43
C GLY B 590 -20.28 3.48 25.20
N GLN B 591 -19.34 2.55 25.13
CA GLN B 591 -18.04 2.75 25.75
C GLN B 591 -16.93 2.93 24.71
N GLY B 592 -15.92 3.72 25.08
CA GLY B 592 -14.76 3.96 24.25
C GLY B 592 -13.56 4.32 25.12
N THR B 593 -12.42 4.58 24.48
CA THR B 593 -11.20 4.94 25.20
C THR B 593 -10.49 6.09 24.49
N LEU B 594 -9.92 7.03 25.26
CA LEU B 594 -9.27 8.19 24.68
C LEU B 594 -7.78 8.30 24.98
N SER B 595 -6.96 8.36 23.93
CA SER B 595 -5.52 8.53 24.09
C SER B 595 -5.00 9.69 23.25
N VAL B 596 -4.20 10.54 23.87
CA VAL B 596 -3.65 11.73 23.22
C VAL B 596 -2.14 11.78 23.35
N VAL B 597 -1.46 12.32 22.34
CA VAL B 597 0.00 12.36 22.31
C VAL B 597 0.60 13.51 21.50
N THR B 598 1.43 14.32 22.15
CA THR B 598 2.13 15.40 21.48
C THR B 598 3.44 14.82 20.91
N MET B 599 3.98 15.45 19.86
CA MET B 599 5.33 15.13 19.40
C MET B 599 6.08 16.43 19.08
N TYR B 600 7.27 16.57 19.65
CA TYR B 600 7.98 17.85 19.62
C TYR B 600 9.46 17.57 19.54
N HIS B 601 10.27 18.57 19.90
CA HIS B 601 11.71 18.40 19.88
C HIS B 601 12.41 18.71 21.21
N ALA B 602 12.71 17.64 21.95
CA ALA B 602 13.28 17.72 23.31
C ALA B 602 14.70 18.26 23.37
N LEU B 608 27.03 12.01 23.69
CA LEU B 608 28.30 11.74 23.02
C LEU B 608 28.05 11.18 21.61
N THR B 609 28.58 11.86 20.59
CA THR B 609 28.52 11.37 19.20
C THR B 609 29.17 10.00 19.05
N CYS B 610 29.89 9.58 20.09
CA CYS B 610 30.69 8.36 20.04
C CYS B 610 29.91 7.05 20.17
N ASN B 611 28.90 7.01 21.05
CA ASN B 611 28.11 5.79 21.27
C ASN B 611 28.93 4.51 21.12
N LYS B 612 29.76 4.20 22.11
CA LYS B 612 30.51 2.94 22.16
C LYS B 612 31.70 2.85 21.19
N PHE B 613 32.30 3.99 20.86
CA PHE B 613 33.52 4.01 20.04
C PHE B 613 34.45 5.16 20.35
N ASP B 614 35.52 4.87 21.07
CA ASP B 614 36.52 5.88 21.33
C ASP B 614 37.43 6.13 20.13
N LEU B 615 37.76 7.40 19.91
CA LEU B 615 38.69 7.78 18.86
C LEU B 615 39.59 8.94 19.27
N LYS B 616 40.88 8.81 18.92
CA LYS B 616 41.90 9.79 19.28
C LYS B 616 42.91 9.97 18.15
N VAL B 617 42.84 11.10 17.43
CA VAL B 617 43.69 11.32 16.25
C VAL B 617 44.80 12.37 16.45
N THR B 618 46.06 11.94 16.32
CA THR B 618 47.24 12.73 16.66
C THR B 618 48.10 13.09 15.44
N ILE B 619 48.72 14.27 15.44
CA ILE B 619 49.57 14.74 14.33
C ILE B 619 50.86 15.43 14.78
N LYS B 620 52.00 14.81 14.46
CA LYS B 620 53.33 15.35 14.76
C LYS B 620 54.24 15.37 13.51
N PRO B 621 55.26 16.25 13.48
CA PRO B 621 56.30 16.22 12.43
C PRO B 621 57.39 15.14 12.63
N ALA B 622 57.96 14.64 11.53
CA ALA B 622 58.90 13.53 11.58
C ALA B 622 60.31 13.97 11.97
N ASN B 634 58.63 18.31 4.47
CA ASN B 634 57.69 18.60 5.54
C ASN B 634 56.73 17.42 5.81
N THR B 635 57.23 16.20 5.60
CA THR B 635 56.45 14.97 5.75
C THR B 635 56.19 14.55 7.20
N MET B 636 54.91 14.33 7.53
CA MET B 636 54.49 14.06 8.91
C MET B 636 54.06 12.60 9.18
N ILE B 637 53.78 12.27 10.44
CA ILE B 637 53.37 10.92 10.85
C ILE B 637 52.08 10.93 11.69
N LEU B 638 51.06 10.19 11.22
CA LEU B 638 49.73 10.16 11.85
C LEU B 638 49.54 8.96 12.79
N GLU B 639 48.68 9.11 13.80
CA GLU B 639 48.43 8.04 14.79
C GLU B 639 46.98 8.07 15.32
N ILE B 640 46.27 6.95 15.17
CA ILE B 640 44.84 6.86 15.50
C ILE B 640 44.56 5.83 16.60
N CYS B 641 43.66 6.17 17.54
CA CYS B 641 43.29 5.29 18.64
C CYS B 641 41.78 4.96 18.64
N THR B 642 41.42 3.69 18.60
CA THR B 642 40.01 3.29 18.67
C THR B 642 39.76 2.15 19.65
N ARG B 643 38.71 2.29 20.45
CA ARG B 643 38.33 1.25 21.37
C ARG B 643 36.83 1.06 21.34
N TYR B 644 36.40 -0.18 21.42
CA TYR B 644 34.98 -0.48 21.43
C TYR B 644 34.43 -0.46 22.86
N ARG B 645 33.42 0.36 23.09
CA ARG B 645 32.72 0.37 24.38
C ARG B 645 31.72 -0.79 24.46
N GLY B 646 32.18 -2.00 24.13
CA GLY B 646 31.37 -3.19 24.27
C GLY B 646 32.05 -4.12 25.24
N ASP B 647 31.34 -5.14 25.71
CA ASP B 647 31.97 -6.17 26.53
C ASP B 647 32.60 -7.19 25.61
N GLN B 648 32.06 -7.26 24.41
CA GLN B 648 32.57 -8.11 23.36
C GLN B 648 33.45 -7.31 22.43
N ASP B 649 34.57 -7.89 22.05
CA ASP B 649 35.42 -7.28 21.04
C ASP B 649 34.56 -7.13 19.79
N ALA B 650 34.26 -5.89 19.41
CA ALA B 650 33.40 -5.61 18.25
C ALA B 650 33.84 -6.35 16.98
N THR B 651 32.88 -6.65 16.10
CA THR B 651 33.19 -7.37 14.86
C THR B 651 33.85 -6.47 13.82
N MET B 652 33.92 -6.98 12.60
CA MET B 652 34.59 -6.29 11.51
C MET B 652 34.21 -4.81 11.47
N SER B 653 35.15 -3.95 11.86
CA SER B 653 34.92 -2.51 11.77
C SER B 653 35.75 -1.94 10.63
N ILE B 654 35.58 -0.64 10.38
CA ILE B 654 36.17 -0.02 9.21
C ILE B 654 36.89 1.28 9.60
N LEU B 655 37.83 1.73 8.78
CA LEU B 655 38.60 2.96 9.05
C LEU B 655 38.64 3.94 7.87
N ASP B 656 37.61 4.76 7.74
CA ASP B 656 37.53 5.76 6.67
C ASP B 656 38.53 6.89 6.93
N ILE B 657 39.27 7.31 5.91
CA ILE B 657 40.32 8.34 6.07
C ILE B 657 40.43 9.29 4.86
N SER B 658 40.15 10.58 5.04
CA SER B 658 40.34 11.56 3.97
C SER B 658 41.44 12.57 4.34
N MET B 659 42.55 12.52 3.62
CA MET B 659 43.74 13.30 3.97
C MET B 659 43.50 14.82 3.99
N MET B 660 44.49 15.53 4.53
CA MET B 660 44.58 16.98 4.47
C MET B 660 45.11 17.37 3.09
N THR B 661 44.79 18.57 2.61
CA THR B 661 45.21 18.97 1.25
C THR B 661 46.74 19.07 1.07
N GLY B 662 47.30 18.07 0.37
CA GLY B 662 48.72 18.06 0.02
C GLY B 662 49.53 16.88 0.52
N PHE B 663 48.86 15.77 0.83
CA PHE B 663 49.50 14.60 1.42
C PHE B 663 49.02 13.24 0.85
N ALA B 664 50.01 12.41 0.47
CA ALA B 664 49.81 11.04 0.03
C ALA B 664 50.63 10.12 0.94
N PRO B 665 50.04 8.99 1.33
CA PRO B 665 50.69 8.04 2.26
C PRO B 665 51.97 7.40 1.71
N ASP B 666 52.95 7.16 2.58
CA ASP B 666 54.22 6.57 2.18
C ASP B 666 53.97 5.15 1.66
N THR B 667 54.20 4.94 0.37
CA THR B 667 53.90 3.66 -0.28
C THR B 667 54.60 2.45 0.37
N ASP B 668 55.21 2.66 1.54
CA ASP B 668 55.95 1.62 2.27
C ASP B 668 55.40 1.30 3.67
N ASP B 669 54.28 1.91 4.03
CA ASP B 669 53.66 1.60 5.29
C ASP B 669 52.16 1.29 5.10
N LEU B 670 51.76 1.18 3.84
CA LEU B 670 50.41 0.73 3.47
C LEU B 670 50.43 -0.75 3.17
N LYS B 671 51.62 -1.35 3.24
CA LYS B 671 51.79 -2.77 2.95
C LYS B 671 52.52 -3.43 4.12
N GLN B 672 52.79 -2.66 5.17
CA GLN B 672 53.28 -3.19 6.44
C GLN B 672 52.11 -3.38 7.41
N LEU B 673 50.95 -2.85 7.03
CA LEU B 673 49.71 -2.99 7.80
C LEU B 673 48.69 -3.80 7.00
N ALA B 674 49.04 -4.11 5.75
CA ALA B 674 48.19 -4.94 4.88
C ALA B 674 48.62 -6.40 4.98
N ASN B 675 49.80 -6.61 5.54
CA ASN B 675 50.35 -7.95 5.74
C ASN B 675 50.05 -8.44 7.15
N GLY B 676 50.12 -7.53 8.12
CA GLY B 676 49.73 -7.88 9.46
C GLY B 676 48.32 -8.42 9.40
N VAL B 677 48.08 -9.52 10.10
CA VAL B 677 46.73 -10.03 10.28
C VAL B 677 45.91 -8.94 10.99
N ASP B 678 44.61 -9.15 11.13
CA ASP B 678 43.71 -8.17 11.77
C ASP B 678 43.58 -6.85 11.00
N ARG B 679 44.27 -6.74 9.87
CA ARG B 679 44.13 -5.58 8.99
C ARG B 679 44.20 -5.97 7.53
N TYR B 680 43.74 -5.06 6.69
CA TYR B 680 43.66 -5.30 5.26
C TYR B 680 43.60 -4.00 4.48
N ILE B 681 44.20 -4.02 3.29
CA ILE B 681 44.16 -2.90 2.35
C ILE B 681 43.89 -3.44 0.95
N SER B 682 42.61 -3.49 0.57
CA SER B 682 42.20 -4.03 -0.74
C SER B 682 43.25 -3.68 -1.77
N LYS B 683 43.64 -4.65 -2.61
CA LYS B 683 44.66 -4.39 -3.62
C LYS B 683 44.30 -3.18 -4.49
N TYR B 684 43.12 -2.60 -4.27
CA TYR B 684 42.73 -1.42 -5.04
C TYR B 684 43.33 -0.11 -4.49
N GLU B 685 44.12 -0.21 -3.42
CA GLU B 685 44.72 0.97 -2.76
C GLU B 685 46.24 1.02 -2.94
N LEU B 686 46.78 0.02 -3.63
CA LEU B 686 48.17 -0.03 -4.04
C LEU B 686 48.27 0.63 -5.41
N ASP B 687 47.19 0.53 -6.18
CA ASP B 687 47.09 1.15 -7.51
C ASP B 687 46.96 2.67 -7.41
N LYS B 688 47.27 3.35 -8.49
CA LYS B 688 47.29 4.82 -8.54
C LYS B 688 48.55 5.40 -7.86
N ALA B 689 49.08 4.70 -6.86
CA ALA B 689 50.36 5.05 -6.20
C ALA B 689 50.35 6.29 -5.28
N PHE B 690 51.20 7.27 -5.61
CA PHE B 690 51.48 8.42 -4.75
C PHE B 690 50.63 9.65 -5.10
N SER B 691 50.31 9.80 -6.38
CA SER B 691 49.54 10.94 -6.90
C SER B 691 48.05 10.87 -6.52
N ASP B 692 47.36 9.82 -6.97
CA ASP B 692 45.92 9.68 -6.78
C ASP B 692 45.54 8.76 -5.61
N ARG B 693 45.51 9.32 -4.41
CA ARG B 693 45.12 8.58 -3.20
C ARG B 693 44.86 9.58 -2.07
N ASN B 694 43.64 10.13 -2.01
CA ASN B 694 43.25 11.07 -0.94
C ASN B 694 42.04 10.70 -0.05
N THR B 695 41.54 9.46 -0.21
CA THR B 695 40.56 8.88 0.73
C THR B 695 40.75 7.36 0.90
N LEU B 696 41.38 6.97 2.01
CA LEU B 696 41.80 5.59 2.26
C LEU B 696 40.73 4.72 2.91
N ILE B 697 40.92 3.41 2.85
CA ILE B 697 40.03 2.46 3.49
C ILE B 697 40.82 1.29 4.13
N ILE B 698 41.13 1.40 5.42
CA ILE B 698 41.85 0.34 6.18
C ILE B 698 40.90 -0.54 6.99
N TYR B 699 40.58 -1.70 6.44
CA TYR B 699 39.60 -2.60 7.02
C TYR B 699 40.16 -3.32 8.24
N LEU B 700 39.48 -3.17 9.38
CA LEU B 700 39.90 -3.81 10.62
C LEU B 700 39.05 -5.02 10.92
N ASP B 701 39.69 -6.06 11.44
CA ASP B 701 39.01 -7.30 11.77
C ASP B 701 38.56 -7.34 13.24
N LYS B 702 39.02 -6.38 14.06
CA LYS B 702 38.58 -6.28 15.46
C LYS B 702 39.13 -5.07 16.25
N VAL B 703 38.26 -4.44 17.04
CA VAL B 703 38.64 -3.36 17.95
C VAL B 703 38.39 -3.77 19.41
N SER B 704 39.42 -4.28 20.07
CA SER B 704 39.28 -4.80 21.42
C SER B 704 38.52 -3.84 22.34
N HIS B 705 37.90 -4.39 23.37
CA HIS B 705 37.18 -3.63 24.38
C HIS B 705 38.08 -3.38 25.58
N SER B 706 38.98 -4.34 25.81
CA SER B 706 39.99 -4.25 26.85
C SER B 706 40.72 -2.91 26.79
N GLU B 707 41.51 -2.74 25.75
CA GLU B 707 42.40 -1.60 25.58
C GLU B 707 42.25 -0.93 24.21
N ASP B 708 42.89 0.22 24.05
CA ASP B 708 42.94 0.88 22.75
C ASP B 708 43.97 0.13 21.88
N ASP B 709 43.63 -0.09 20.62
CA ASP B 709 44.57 -0.73 19.69
C ASP B 709 45.09 0.31 18.70
N CYS B 710 46.36 0.71 18.85
CA CYS B 710 46.88 1.86 18.12
C CYS B 710 47.91 1.55 17.03
N LEU B 711 47.80 2.24 15.89
CA LEU B 711 48.68 2.08 14.73
C LEU B 711 49.26 3.43 14.28
N ALA B 712 49.93 3.48 13.12
CA ALA B 712 50.52 4.72 12.59
C ALA B 712 51.30 4.52 11.28
N PHE B 713 51.20 5.48 10.36
CA PHE B 713 51.95 5.47 9.09
C PHE B 713 52.61 6.83 8.74
N LYS B 714 53.27 6.93 7.58
CA LYS B 714 53.94 8.16 7.17
C LYS B 714 53.32 8.87 5.94
N VAL B 715 53.31 10.20 5.96
CA VAL B 715 52.79 11.01 4.85
C VAL B 715 53.75 12.16 4.42
N HIS B 716 54.22 12.11 3.18
CA HIS B 716 55.08 13.17 2.61
C HIS B 716 54.27 14.40 2.17
N GLN B 717 54.95 15.43 1.66
CA GLN B 717 54.27 16.64 1.19
C GLN B 717 54.42 16.84 -0.33
N TYR B 718 53.53 16.23 -1.11
CA TYR B 718 53.62 16.26 -2.57
C TYR B 718 52.91 17.46 -3.24
N PHE B 719 51.87 18.00 -2.59
CA PHE B 719 51.22 19.21 -3.09
C PHE B 719 51.42 20.37 -2.10
N ASN B 720 51.96 21.47 -2.61
CA ASN B 720 52.19 22.66 -1.81
C ASN B 720 51.02 23.64 -1.96
N VAL B 721 50.44 24.07 -0.84
CA VAL B 721 49.30 25.00 -0.86
C VAL B 721 49.16 25.77 0.45
N GLU B 722 48.52 26.95 0.41
CA GLU B 722 48.20 27.72 1.62
C GLU B 722 46.80 27.40 2.19
N LEU B 723 46.72 27.29 3.52
CA LEU B 723 45.45 26.98 4.21
C LEU B 723 44.97 25.54 3.97
N ILE B 724 45.64 24.56 4.58
CA ILE B 724 45.27 23.16 4.34
C ILE B 724 43.99 22.71 5.06
N GLN B 725 43.51 21.54 4.67
CA GLN B 725 42.17 21.09 5.02
C GLN B 725 42.15 20.06 6.14
N PRO B 726 41.48 20.40 7.26
CA PRO B 726 41.29 19.44 8.36
C PRO B 726 40.71 18.14 7.83
N GLY B 727 41.55 17.11 7.74
CA GLY B 727 41.12 15.81 7.29
C GLY B 727 40.17 15.14 8.27
N ALA B 728 40.27 13.82 8.43
CA ALA B 728 39.42 13.08 9.36
C ALA B 728 39.73 11.56 9.48
N VAL B 729 39.04 10.88 10.40
CA VAL B 729 39.14 9.43 10.62
C VAL B 729 37.82 8.89 11.22
N LYS B 730 37.10 8.05 10.48
CA LYS B 730 35.77 7.56 10.90
C LYS B 730 35.72 6.08 11.32
N VAL B 731 35.18 5.80 12.52
CA VAL B 731 35.14 4.44 13.07
C VAL B 731 33.72 3.89 13.31
N TYR B 732 33.32 2.89 12.53
CA TYR B 732 32.01 2.25 12.72
C TYR B 732 32.04 0.76 12.37
N ALA B 733 31.18 0.00 13.03
CA ALA B 733 31.00 -1.40 12.66
C ALA B 733 30.23 -1.48 11.33
N TYR B 734 30.31 -2.62 10.64
CA TYR B 734 29.70 -2.77 9.31
C TYR B 734 28.17 -2.95 9.36
N TYR B 735 27.68 -3.45 10.50
CA TYR B 735 26.26 -3.78 10.67
C TYR B 735 25.40 -2.55 10.96
N ASN B 736 26.07 -1.46 11.32
CA ASN B 736 25.37 -0.22 11.62
C ASN B 736 26.29 0.93 11.22
N LEU B 737 25.95 1.57 10.11
CA LEU B 737 26.70 2.74 9.66
C LEU B 737 26.52 3.88 10.67
N GLU B 738 25.63 3.65 11.64
CA GLU B 738 25.17 4.69 12.58
C GLU B 738 26.06 4.96 13.81
N GLU B 739 26.42 3.92 14.56
CA GLU B 739 27.21 4.10 15.78
C GLU B 739 28.72 4.26 15.52
N SER B 740 29.08 5.40 14.93
CA SER B 740 30.47 5.71 14.56
C SER B 740 31.04 6.89 15.36
N CYS B 741 32.36 7.05 15.34
CA CYS B 741 33.02 8.15 16.05
C CYS B 741 34.13 8.81 15.21
N THR B 742 33.84 9.98 14.64
CA THR B 742 34.77 10.70 13.75
C THR B 742 35.58 11.77 14.50
N ARG B 743 36.90 11.73 14.35
CA ARG B 743 37.80 12.74 14.92
C ARG B 743 38.57 13.49 13.82
N PHE B 744 38.88 14.76 14.07
CA PHE B 744 39.62 15.58 13.10
C PHE B 744 41.05 15.83 13.60
N TYR B 745 41.93 16.27 12.71
CA TYR B 745 43.32 16.54 13.08
C TYR B 745 43.94 17.54 12.12
N HIS B 746 44.45 18.63 12.67
CA HIS B 746 45.13 19.64 11.88
C HIS B 746 46.48 19.82 12.54
N PRO B 747 47.49 20.24 11.76
CA PRO B 747 48.80 20.53 12.34
C PRO B 747 48.82 21.87 13.12
N GLU B 748 47.80 22.72 12.96
CA GLU B 748 47.79 24.08 13.54
C GLU B 748 46.80 24.37 14.69
N LYS B 749 45.49 24.25 14.44
CA LYS B 749 44.51 24.31 15.51
C LYS B 749 44.58 22.97 16.22
N GLU B 750 44.03 22.86 17.43
CA GLU B 750 44.28 21.68 18.24
C GLU B 750 43.66 20.35 17.75
N ASP B 751 42.40 20.40 17.33
CA ASP B 751 41.67 19.18 16.96
C ASP B 751 41.20 19.16 15.50
N GLY B 752 41.49 20.22 14.76
CA GLY B 752 41.04 20.35 13.38
C GLY B 752 40.01 21.45 13.17
N LYS B 753 39.44 21.93 14.27
CA LYS B 753 38.42 22.99 14.26
C LYS B 753 39.05 24.38 14.08
N LEU B 754 38.65 25.06 13.01
CA LEU B 754 39.16 26.38 12.70
C LEU B 754 38.86 27.32 13.87
N ASN B 755 39.67 28.36 14.02
CA ASN B 755 39.55 29.29 15.15
C ASN B 755 38.42 30.32 14.98
N LYS B 756 37.31 30.14 15.70
CA LYS B 756 36.12 31.02 15.61
C LYS B 756 35.66 31.66 16.94
N LEU B 757 35.00 32.83 16.86
CA LEU B 757 34.43 33.50 18.04
C LEU B 757 32.93 33.20 18.21
N CYS B 758 32.58 32.55 19.32
CA CYS B 758 31.17 32.25 19.58
C CYS B 758 30.64 32.94 20.83
N ARG B 759 29.47 33.56 20.67
CA ARG B 759 28.67 34.00 21.80
C ARG B 759 27.28 33.40 21.73
N ASP B 760 27.05 32.37 22.55
CA ASP B 760 25.75 31.73 22.68
C ASP B 760 25.40 30.83 21.49
N GLU B 761 24.51 31.34 20.66
CA GLU B 761 24.00 30.60 19.52
C GLU B 761 24.73 31.05 18.27
N LEU B 762 25.11 32.32 18.28
CA LEU B 762 25.71 32.99 17.13
C LEU B 762 27.16 32.54 16.88
N CYS B 763 27.52 32.32 15.63
CA CYS B 763 28.90 31.98 15.25
C CYS B 763 29.46 32.80 14.07
N ARG B 764 30.78 32.96 14.05
CA ARG B 764 31.45 33.71 12.97
C ARG B 764 32.85 33.15 12.69
N CYS B 765 33.43 33.51 11.54
CA CYS B 765 34.71 32.97 11.06
C CYS B 765 35.91 33.83 11.46
N ALA B 766 36.35 33.69 12.71
CA ALA B 766 37.47 34.48 13.23
C ALA B 766 38.81 33.99 12.66
N GLU B 767 38.77 33.26 11.55
CA GLU B 767 40.00 32.84 10.88
C GLU B 767 40.66 34.04 10.20
N GLU B 768 41.18 34.97 10.99
CA GLU B 768 41.81 36.18 10.45
C GLU B 768 43.04 36.62 11.27
N ASN B 769 43.51 37.84 11.01
CA ASN B 769 44.67 38.38 11.71
C ASN B 769 44.29 39.51 12.67
N CYS B 770 45.21 39.87 13.54
CA CYS B 770 44.97 40.94 14.51
C CYS B 770 44.84 42.29 13.82
N PHE B 771 43.59 42.65 13.48
CA PHE B 771 43.33 43.91 12.81
C PHE B 771 43.80 45.09 13.65
N ILE B 772 44.33 46.12 12.99
CA ILE B 772 44.82 47.31 13.67
C ILE B 772 45.01 48.46 12.70
N SER B 775 50.88 53.47 12.31
CA SER B 775 51.51 54.53 13.07
C SER B 775 51.14 55.90 12.52
N ASP B 776 49.87 56.06 12.16
CA ASP B 776 49.38 57.31 11.57
C ASP B 776 50.34 57.84 10.52
N ASP B 777 50.88 56.91 9.72
CA ASP B 777 51.80 57.27 8.64
C ASP B 777 51.25 58.40 7.77
N LYS B 778 49.98 58.30 7.41
CA LYS B 778 49.31 59.34 6.60
C LYS B 778 47.79 59.21 6.62
N VAL B 779 47.11 60.34 6.81
CA VAL B 779 45.65 60.41 6.72
C VAL B 779 45.23 61.82 6.32
N THR B 780 44.77 61.99 5.08
CA THR B 780 44.36 63.30 4.59
C THR B 780 42.87 63.35 4.26
N LEU B 781 42.42 64.49 3.74
CA LEU B 781 41.02 64.67 3.38
C LEU B 781 40.66 63.82 2.18
N GLU B 782 41.64 63.60 1.31
CA GLU B 782 41.43 62.83 0.08
C GLU B 782 41.51 61.33 0.34
N GLU B 783 42.38 60.94 1.26
CA GLU B 783 42.57 59.53 1.61
C GLU B 783 41.30 58.94 2.21
N ARG B 784 40.49 59.79 2.82
CA ARG B 784 39.26 59.36 3.46
C ARG B 784 38.09 59.33 2.48
N LEU B 785 37.99 60.37 1.65
CA LEU B 785 36.91 60.47 0.68
C LEU B 785 36.92 59.30 -0.30
N ASP B 786 38.08 58.67 -0.47
CA ASP B 786 38.21 57.54 -1.38
C ASP B 786 37.86 56.22 -0.70
N LYS B 787 38.31 56.06 0.54
CA LYS B 787 38.04 54.83 1.29
C LYS B 787 36.67 54.85 1.94
N ALA B 788 35.99 55.99 1.86
CA ALA B 788 34.66 56.13 2.42
C ALA B 788 33.60 56.12 1.31
N CYS B 789 34.06 55.87 0.08
CA CYS B 789 33.16 55.78 -1.06
C CYS B 789 33.38 54.48 -1.82
N GLU B 790 34.09 53.55 -1.19
CA GLU B 790 34.35 52.24 -1.78
C GLU B 790 33.08 51.42 -1.85
N PRO B 791 33.10 50.33 -2.65
CA PRO B 791 31.92 49.46 -2.82
C PRO B 791 31.28 49.05 -1.49
N GLY B 792 32.03 48.33 -0.66
CA GLY B 792 31.50 47.81 0.58
C GLY B 792 30.99 48.86 1.54
N VAL B 793 31.48 50.09 1.40
CA VAL B 793 31.08 51.19 2.27
C VAL B 793 29.56 51.29 2.39
N ASP B 794 29.05 51.06 3.59
CA ASP B 794 27.62 51.06 3.83
C ASP B 794 27.19 52.13 4.85
N TYR B 795 27.85 52.13 6.00
CA TYR B 795 27.48 53.03 7.09
C TYR B 795 28.63 53.92 7.53
N VAL B 796 28.32 55.17 7.86
CA VAL B 796 29.31 56.11 8.37
C VAL B 796 28.69 56.97 9.46
N TYR B 797 29.19 56.84 10.68
CA TYR B 797 28.64 57.58 11.81
C TYR B 797 29.71 58.24 12.68
N LYS B 798 29.30 59.26 13.42
CA LYS B 798 30.15 59.88 14.43
C LYS B 798 29.60 59.53 15.80
N THR B 799 30.02 58.38 16.32
CA THR B 799 29.44 57.83 17.55
C THR B 799 30.23 58.19 18.80
N ARG B 800 29.58 58.02 19.95
CA ARG B 800 30.22 58.25 21.24
C ARG B 800 30.03 57.02 22.13
N LEU B 801 31.13 56.34 22.45
CA LEU B 801 31.07 55.14 23.28
C LEU B 801 30.51 55.44 24.66
N VAL B 802 29.43 54.75 25.02
CA VAL B 802 28.77 54.97 26.30
C VAL B 802 29.17 53.93 27.33
N LYS B 803 29.05 52.66 26.97
CA LYS B 803 29.37 51.57 27.89
C LYS B 803 30.33 50.56 27.27
N VAL B 804 31.21 50.00 28.10
CA VAL B 804 32.21 49.05 27.63
C VAL B 804 32.16 47.75 28.42
N GLN B 805 31.61 46.71 27.81
CA GLN B 805 31.59 45.38 28.43
C GLN B 805 32.65 44.49 27.80
N LEU B 806 33.07 43.46 28.52
CA LEU B 806 34.14 42.59 28.07
C LEU B 806 33.96 41.18 28.60
N SER B 807 33.94 40.20 27.69
CA SER B 807 33.75 38.81 28.05
C SER B 807 35.04 38.00 27.87
N ASN B 808 34.98 36.72 28.23
CA ASN B 808 36.15 35.85 28.13
C ASN B 808 36.36 35.32 26.72
N ASP B 809 35.38 35.55 25.85
CA ASP B 809 35.47 35.08 24.48
C ASP B 809 35.47 36.22 23.47
N PHE B 810 35.08 37.41 23.92
CA PHE B 810 35.10 38.60 23.07
C PHE B 810 34.60 39.84 23.83
N ASP B 811 34.92 41.00 23.29
CA ASP B 811 34.48 42.26 23.89
C ASP B 811 33.41 42.93 23.05
N GLU B 812 32.91 44.07 23.52
CA GLU B 812 31.86 44.79 22.81
C GLU B 812 31.80 46.25 23.27
N TYR B 813 31.18 47.10 22.46
CA TYR B 813 31.10 48.53 22.76
C TYR B 813 29.74 49.11 22.40
N ILE B 814 29.02 49.58 23.41
CA ILE B 814 27.72 50.20 23.19
C ILE B 814 27.88 51.68 22.89
N MET B 815 27.98 52.02 21.61
CA MET B 815 28.17 53.40 21.18
C MET B 815 26.89 54.02 20.66
N ALA B 816 26.70 55.30 20.97
CA ALA B 816 25.51 56.03 20.50
C ALA B 816 25.84 56.94 19.34
N ILE B 817 25.07 56.85 18.27
CA ILE B 817 25.29 57.66 17.08
C ILE B 817 24.84 59.10 17.30
N GLU B 818 25.76 60.04 17.11
CA GLU B 818 25.46 61.46 17.26
C GLU B 818 25.06 62.09 15.94
N GLN B 819 25.33 61.39 14.85
CA GLN B 819 24.94 61.85 13.52
C GLN B 819 25.15 60.76 12.48
N THR B 820 24.24 60.68 11.52
CA THR B 820 24.33 59.68 10.46
C THR B 820 24.88 60.28 9.18
N ILE B 821 26.21 60.25 9.04
CA ILE B 821 26.87 60.79 7.86
C ILE B 821 26.38 60.08 6.59
N LYS B 822 26.20 58.77 6.69
CA LYS B 822 25.71 57.98 5.57
C LYS B 822 24.84 56.83 6.06
N SER B 823 23.53 56.95 5.87
CA SER B 823 22.60 55.92 6.27
C SER B 823 22.78 54.65 5.43
N GLY B 824 22.93 53.52 6.11
CA GLY B 824 23.10 52.24 5.43
C GLY B 824 21.82 51.43 5.43
N SER B 825 21.97 50.11 5.45
CA SER B 825 20.82 49.22 5.48
C SER B 825 20.08 49.32 6.80
N ASP B 826 20.79 49.75 7.84
CA ASP B 826 20.22 49.85 9.17
C ASP B 826 19.52 51.20 9.38
N GLU B 827 18.21 51.14 9.57
CA GLU B 827 17.42 52.34 9.82
C GLU B 827 17.59 52.80 11.26
N VAL B 828 18.53 53.73 11.48
CA VAL B 828 18.81 54.21 12.83
C VAL B 828 18.79 55.74 12.89
N GLN B 829 18.04 56.28 13.85
CA GLN B 829 17.97 57.72 14.05
C GLN B 829 19.08 58.19 14.99
N VAL B 830 19.35 59.49 14.95
CA VAL B 830 20.39 60.08 15.80
C VAL B 830 20.00 60.03 17.28
N GLY B 831 20.79 59.32 18.06
CA GLY B 831 20.54 59.19 19.49
C GLY B 831 20.52 57.75 19.96
N GLN B 832 20.00 56.87 19.12
CA GLN B 832 19.92 55.45 19.46
C GLN B 832 21.30 54.84 19.60
N GLN B 833 21.36 53.66 20.24
CA GLN B 833 22.64 52.98 20.46
C GLN B 833 22.76 51.71 19.63
N ARG B 834 23.86 51.60 18.91
CA ARG B 834 24.15 50.41 18.11
C ARG B 834 25.33 49.65 18.70
N THR B 835 25.12 48.36 18.98
CA THR B 835 26.15 47.54 19.61
C THR B 835 27.23 47.12 18.62
N PHE B 836 28.48 47.31 19.02
CA PHE B 836 29.63 46.88 18.21
C PHE B 836 30.34 45.71 18.87
N ILE B 837 30.87 44.80 18.06
CA ILE B 837 31.51 43.60 18.57
C ILE B 837 32.90 43.37 17.97
N SER B 838 33.83 42.95 18.82
CA SER B 838 35.21 42.71 18.38
C SER B 838 35.84 41.57 19.19
N PRO B 839 36.76 40.82 18.56
CA PRO B 839 37.48 39.73 19.24
C PRO B 839 38.21 40.22 20.48
N ILE B 840 38.55 39.31 21.38
CA ILE B 840 39.26 39.65 22.60
C ILE B 840 40.72 39.96 22.32
N LYS B 841 41.21 39.53 21.17
CA LYS B 841 42.59 39.77 20.78
C LYS B 841 42.75 41.12 20.10
N CYS B 842 41.66 41.87 20.01
CA CYS B 842 41.67 43.18 19.38
C CYS B 842 41.56 44.29 20.42
N ARG B 843 41.86 43.96 21.67
CA ARG B 843 41.80 44.92 22.76
C ARG B 843 42.90 45.97 22.63
N GLU B 844 43.91 45.66 21.81
CA GLU B 844 45.01 46.58 21.59
C GLU B 844 44.82 47.32 20.28
N ALA B 845 43.83 46.91 19.49
CA ALA B 845 43.54 47.58 18.22
C ALA B 845 43.25 49.07 18.49
N LEU B 846 42.04 49.38 18.98
CA LEU B 846 41.76 50.73 19.48
C LEU B 846 41.13 50.71 20.88
N LYS B 847 41.91 51.10 21.89
CA LYS B 847 41.40 51.18 23.26
C LYS B 847 40.22 52.14 23.35
N LEU B 848 39.06 51.66 22.94
CA LEU B 848 37.85 52.47 22.92
C LEU B 848 37.45 52.87 24.33
N GLU B 849 37.91 54.05 24.75
CA GLU B 849 37.61 54.57 26.07
C GLU B 849 36.19 55.09 26.11
N GLU B 850 35.70 55.39 27.30
CA GLU B 850 34.31 55.82 27.46
C GLU B 850 34.15 57.33 27.28
N LYS B 851 33.00 57.72 26.74
CA LYS B 851 32.67 59.13 26.53
C LYS B 851 33.60 59.81 25.53
N LYS B 852 34.10 59.03 24.57
CA LYS B 852 34.93 59.58 23.50
C LYS B 852 34.29 59.36 22.13
N HIS B 853 34.53 60.29 21.23
CA HIS B 853 33.94 60.23 19.89
C HIS B 853 34.85 59.49 18.91
N TYR B 854 34.24 58.84 17.93
CA TYR B 854 35.00 58.09 16.92
C TYR B 854 34.29 58.09 15.57
N LEU B 855 35.07 58.24 14.50
CA LEU B 855 34.53 58.16 13.15
C LEU B 855 34.75 56.76 12.59
N MET B 856 33.66 56.08 12.25
CA MET B 856 33.75 54.69 11.81
C MET B 856 32.91 54.38 10.58
N TRP B 857 33.38 53.45 9.77
CA TRP B 857 32.63 52.96 8.62
C TRP B 857 33.07 51.55 8.23
N GLY B 858 32.11 50.70 7.91
CA GLY B 858 32.40 49.31 7.55
C GLY B 858 31.55 48.82 6.39
N LEU B 859 31.51 47.51 6.22
CA LEU B 859 30.75 46.90 5.14
C LEU B 859 29.41 46.37 5.64
N SER B 860 28.52 46.02 4.71
CA SER B 860 27.22 45.47 5.06
C SER B 860 27.33 44.00 5.46
N SER B 861 28.48 43.40 5.13
CA SER B 861 28.73 42.01 5.49
C SER B 861 29.18 41.90 6.94
N ASP B 862 29.23 43.03 7.62
CA ASP B 862 29.64 43.07 9.01
C ASP B 862 28.44 43.09 9.96
N PHE B 863 27.25 43.20 9.39
CA PHE B 863 26.03 43.18 10.18
C PHE B 863 25.89 41.83 10.89
N TRP B 864 25.37 41.87 12.11
CA TRP B 864 25.27 40.66 12.93
C TRP B 864 23.95 40.62 13.68
N GLY B 865 23.17 39.59 13.39
CA GLY B 865 21.85 39.45 14.01
C GLY B 865 20.76 39.68 13.00
N GLU B 866 19.65 40.26 13.45
CA GLU B 866 18.50 40.46 12.59
C GLU B 866 17.70 41.69 13.00
N LYS B 867 17.33 42.51 12.03
CA LYS B 867 16.56 43.73 12.27
C LYS B 867 15.33 43.47 13.13
N PRO B 868 14.97 44.44 13.99
CA PRO B 868 15.73 45.67 14.19
C PRO B 868 16.92 45.42 15.12
N ASN B 869 16.94 44.25 15.75
CA ASN B 869 18.00 43.88 16.68
C ASN B 869 19.27 43.43 15.96
N LEU B 870 19.98 44.39 15.36
CA LEU B 870 21.22 44.10 14.66
C LEU B 870 22.43 44.39 15.55
N SER B 871 23.61 44.10 15.03
CA SER B 871 24.86 44.33 15.77
C SER B 871 26.02 44.49 14.79
N TYR B 872 26.79 45.56 14.96
CA TYR B 872 27.93 45.82 14.09
C TYR B 872 29.14 44.99 14.51
N ILE B 873 30.01 44.70 13.54
CA ILE B 873 31.22 43.94 13.80
C ILE B 873 32.46 44.70 13.35
N ILE B 874 33.37 44.95 14.28
CA ILE B 874 34.61 45.63 13.96
C ILE B 874 35.57 44.69 13.25
N GLY B 875 35.38 44.56 11.93
CA GLY B 875 36.20 43.66 11.14
C GLY B 875 37.36 44.35 10.43
N LYS B 876 38.01 43.63 9.53
CA LYS B 876 39.18 44.14 8.83
C LYS B 876 38.85 45.36 7.98
N ASP B 877 37.58 45.53 7.67
CA ASP B 877 37.17 46.62 6.82
C ASP B 877 36.43 47.68 7.62
N THR B 878 36.60 47.65 8.93
CA THR B 878 35.94 48.62 9.78
C THR B 878 36.91 49.71 10.25
N TRP B 879 36.78 50.87 9.61
CA TRP B 879 37.63 52.02 9.86
C TRP B 879 37.32 52.63 11.23
N VAL B 880 38.31 52.63 12.12
CA VAL B 880 38.13 53.18 13.44
C VAL B 880 39.13 54.32 13.66
N GLU B 881 38.63 55.52 13.93
CA GLU B 881 39.49 56.68 14.13
C GLU B 881 39.03 57.49 15.32
N HIS B 882 39.98 58.06 16.06
CA HIS B 882 39.68 58.85 17.24
C HIS B 882 39.26 60.26 16.87
N TRP B 883 38.09 60.68 17.35
CA TRP B 883 37.57 62.01 17.09
C TRP B 883 37.81 62.93 18.29
N PRO B 884 38.69 63.92 18.13
CA PRO B 884 39.02 64.87 19.20
C PRO B 884 37.80 65.57 19.77
N GLU B 885 37.86 65.96 21.03
CA GLU B 885 36.74 66.62 21.69
C GLU B 885 36.63 68.07 21.23
N GLU B 886 35.61 68.78 21.73
CA GLU B 886 35.39 70.17 21.37
C GLU B 886 36.55 71.06 21.81
N ASP B 887 37.00 70.89 23.05
CA ASP B 887 38.06 71.71 23.60
C ASP B 887 39.43 71.06 23.43
N GLU B 888 39.52 70.09 22.52
CA GLU B 888 40.78 69.41 22.23
C GLU B 888 41.35 69.85 20.89
N CYS B 889 40.49 70.35 20.02
CA CYS B 889 40.93 70.84 18.71
C CYS B 889 41.72 72.14 18.86
N GLN B 890 41.72 72.69 20.08
CA GLN B 890 42.45 73.91 20.36
C GLN B 890 43.94 73.63 20.42
N ASP B 891 44.30 72.39 20.76
CA ASP B 891 45.69 71.98 20.83
C ASP B 891 46.35 72.11 19.46
N GLU B 892 47.54 72.70 19.44
CA GLU B 892 48.25 72.95 18.19
C GLU B 892 48.86 71.68 17.60
N GLU B 893 48.36 70.53 18.04
CA GLU B 893 48.84 69.24 17.53
C GLU B 893 47.68 68.39 17.02
N ASN B 894 46.46 68.78 17.38
CA ASN B 894 45.27 68.04 16.96
C ASN B 894 44.47 68.83 15.92
N GLN B 895 44.98 70.00 15.55
CA GLN B 895 44.30 70.86 14.59
C GLN B 895 44.25 70.24 13.20
N LYS B 896 45.36 69.60 12.80
CA LYS B 896 45.47 68.99 11.49
C LYS B 896 44.40 67.93 11.27
N GLN B 897 43.95 67.33 12.37
CA GLN B 897 42.94 66.27 12.29
C GLN B 897 41.53 66.83 12.44
N CYS B 898 41.39 67.88 13.23
CA CYS B 898 40.09 68.52 13.45
C CYS B 898 39.55 69.15 12.18
N GLN B 899 40.45 69.72 11.38
CA GLN B 899 40.07 70.37 10.13
C GLN B 899 39.72 69.33 9.07
N ASP B 900 40.43 68.21 9.08
CA ASP B 900 40.17 67.15 8.12
C ASP B 900 38.85 66.46 8.41
N LEU B 901 38.60 66.16 9.67
CA LEU B 901 37.35 65.53 10.09
C LEU B 901 36.16 66.45 9.85
N GLY B 902 36.33 67.73 10.17
CA GLY B 902 35.29 68.71 9.99
C GLY B 902 34.92 68.90 8.53
N ALA B 903 35.94 68.97 7.68
CA ALA B 903 35.73 69.13 6.24
C ALA B 903 35.16 67.86 5.63
N PHE B 904 35.58 66.71 6.15
CA PHE B 904 35.10 65.42 5.68
C PHE B 904 33.61 65.26 5.97
N THR B 905 33.15 65.93 7.03
CA THR B 905 31.75 65.86 7.42
C THR B 905 30.86 66.57 6.40
N GLU B 906 31.19 67.82 6.10
CA GLU B 906 30.41 68.61 5.15
C GLU B 906 30.52 68.07 3.73
N SER B 907 31.65 67.44 3.44
CA SER B 907 31.89 66.90 2.11
C SER B 907 31.14 65.59 1.87
N MET B 908 30.40 65.14 2.89
CA MET B 908 29.67 63.89 2.80
C MET B 908 28.16 64.10 2.93
N VAL B 909 27.77 64.99 3.85
CA VAL B 909 26.35 65.22 4.14
C VAL B 909 25.60 65.82 2.95
N VAL B 910 26.23 66.76 2.25
CA VAL B 910 25.57 67.46 1.16
C VAL B 910 26.11 67.05 -0.21
N PHE B 911 27.38 66.67 -0.26
CA PHE B 911 28.02 66.36 -1.53
C PHE B 911 27.87 64.88 -1.89
N GLY B 912 28.83 64.06 -1.48
CA GLY B 912 28.76 62.63 -1.72
C GLY B 912 30.01 62.05 -2.33
N CYS B 913 29.95 60.78 -2.72
CA CYS B 913 31.08 60.08 -3.31
C CYS B 913 31.31 60.48 -4.76
N PRO B 914 32.58 60.64 -5.15
CA PRO B 914 33.00 61.08 -6.49
C PRO B 914 32.73 60.06 -7.59
N ASN B 915 32.04 58.97 -7.28
CA ASN B 915 31.77 57.94 -8.28
C ASN B 915 30.30 57.88 -8.68
N THR C 5 50.64 42.24 -53.01
CA THR C 5 49.94 41.05 -52.52
C THR C 5 49.34 40.24 -53.67
N SER C 6 49.51 38.92 -53.63
CA SER C 6 49.09 38.03 -54.70
C SER C 6 47.95 37.07 -54.32
N LEU C 7 48.28 36.00 -53.60
CA LEU C 7 47.27 35.02 -53.14
C LEU C 7 47.79 34.19 -51.96
N PRO C 8 46.90 33.85 -51.02
CA PRO C 8 47.25 33.14 -49.78
C PRO C 8 48.02 31.84 -50.01
N THR C 9 48.50 31.23 -48.93
CA THR C 9 49.24 29.97 -49.04
C THR C 9 48.43 28.78 -48.49
N SER C 10 49.10 27.83 -47.83
CA SER C 10 48.46 26.58 -47.40
C SER C 10 47.65 26.69 -46.09
N ASN C 11 48.33 27.00 -44.99
CA ASN C 11 47.66 27.24 -43.70
C ASN C 11 47.17 28.69 -43.61
N GLU C 12 46.84 29.26 -44.77
CA GLU C 12 46.52 30.68 -44.87
C GLU C 12 45.15 30.95 -45.46
N TYR C 13 44.40 29.88 -45.73
CA TYR C 13 43.06 30.06 -46.29
C TYR C 13 41.99 29.25 -45.55
N GLN C 14 42.41 28.22 -44.82
CA GLN C 14 41.45 27.40 -44.05
C GLN C 14 41.37 27.76 -42.56
N ASN C 15 42.44 28.32 -42.00
CA ASN C 15 42.45 28.74 -40.60
C ASN C 15 41.79 30.11 -40.42
N GLU C 16 41.57 30.81 -41.55
CA GLU C 16 40.98 32.14 -41.53
C GLU C 16 39.49 32.12 -41.84
N LYS C 17 39.06 31.16 -42.66
CA LYS C 17 37.63 30.99 -42.90
C LYS C 17 37.02 30.16 -41.78
N LEU C 18 37.86 29.58 -40.93
CA LEU C 18 37.39 28.88 -39.74
C LEU C 18 37.32 29.86 -38.57
N ALA C 19 37.85 31.06 -38.78
CA ALA C 19 37.77 32.14 -37.79
C ALA C 19 36.79 33.24 -38.22
N ASN C 20 36.27 33.10 -39.44
CA ASN C 20 35.18 33.92 -39.98
C ASN C 20 33.80 33.35 -39.60
N GLU C 21 33.73 32.02 -39.61
CA GLU C 21 32.49 31.27 -39.32
C GLU C 21 32.40 30.92 -37.82
N LEU C 22 33.41 31.36 -37.06
CA LEU C 22 33.37 31.28 -35.60
C LEU C 22 33.31 32.70 -35.03
N LYS C 23 33.27 33.70 -35.93
CA LYS C 23 33.04 35.08 -35.53
C LYS C 23 31.74 35.63 -36.12
N SER C 24 31.10 34.85 -37.00
CA SER C 24 29.73 35.16 -37.48
C SER C 24 28.67 34.66 -36.50
N LEU C 25 29.04 33.69 -35.67
CA LEU C 25 28.20 33.15 -34.61
C LEU C 25 28.64 33.64 -33.20
N LEU C 26 29.71 34.45 -33.17
CA LEU C 26 30.16 35.16 -31.96
C LEU C 26 29.68 36.62 -31.96
N ASP C 27 29.12 37.06 -33.09
CA ASP C 27 28.54 38.40 -33.21
C ASP C 27 27.10 38.43 -32.69
N GLU C 28 26.39 37.31 -32.90
CA GLU C 28 25.03 37.18 -32.40
C GLU C 28 24.94 36.22 -31.23
N LEU C 29 26.06 36.00 -30.52
CA LEU C 29 26.04 35.22 -29.27
C LEU C 29 25.50 36.14 -28.19
N ASN C 30 25.20 37.37 -28.61
CA ASN C 30 24.53 38.33 -27.74
C ASN C 30 23.08 38.45 -28.19
N VAL C 31 22.72 37.66 -29.20
CA VAL C 31 21.37 37.63 -29.76
C VAL C 31 20.62 36.31 -29.47
N ASN C 32 21.38 35.21 -29.30
CA ASN C 32 20.84 33.87 -28.97
C ASN C 32 21.00 33.45 -27.49
N GLU C 33 21.82 34.18 -26.75
CA GLU C 33 22.08 33.91 -25.32
C GLU C 33 21.03 34.59 -24.45
N LEU C 34 20.22 35.43 -25.08
CA LEU C 34 19.22 36.22 -24.38
C LEU C 34 17.80 35.67 -24.58
N ALA C 35 17.62 34.88 -25.62
CA ALA C 35 16.33 34.26 -25.91
C ALA C 35 16.21 32.90 -25.22
N THR C 36 17.14 32.61 -24.32
CA THR C 36 17.08 31.41 -23.49
C THR C 36 16.62 31.80 -22.10
N GLY C 37 15.95 32.95 -22.03
CA GLY C 37 15.20 33.33 -20.85
C GLY C 37 13.79 32.82 -21.01
N SER C 38 13.40 32.50 -22.25
CA SER C 38 12.07 31.97 -22.55
C SER C 38 12.08 30.45 -22.71
N LEU C 39 13.28 29.87 -22.62
CA LEU C 39 13.45 28.42 -22.70
C LEU C 39 13.99 27.86 -21.38
N ASN C 40 14.31 26.57 -21.35
CA ASN C 40 14.54 25.85 -20.09
C ASN C 40 15.86 26.10 -19.36
N THR C 41 16.12 25.29 -18.33
CA THR C 41 17.39 25.32 -17.61
C THR C 41 18.38 24.49 -18.40
N TYR C 42 17.99 24.18 -19.63
CA TYR C 42 18.86 23.50 -20.57
C TYR C 42 19.55 24.51 -21.51
N TYR C 43 18.77 25.37 -22.16
CA TYR C 43 19.33 26.32 -23.12
C TYR C 43 20.07 27.50 -22.46
N LYS C 44 20.32 27.37 -21.16
CA LYS C 44 21.05 28.40 -20.41
C LYS C 44 22.32 27.84 -19.76
N ARG C 45 22.48 26.52 -19.83
CA ARG C 45 23.71 25.85 -19.43
C ARG C 45 24.50 25.41 -20.65
N THR C 46 23.81 25.28 -21.79
CA THR C 46 24.42 24.80 -23.03
C THR C 46 24.83 25.92 -23.99
N ILE C 47 24.48 27.15 -23.67
CA ILE C 47 24.87 28.29 -24.49
C ILE C 47 25.66 29.31 -23.66
N LYS C 48 25.91 28.96 -22.40
CA LYS C 48 26.74 29.78 -21.51
C LYS C 48 28.12 29.12 -21.32
N ILE C 49 28.15 27.79 -21.43
CA ILE C 49 29.40 27.04 -21.35
C ILE C 49 30.02 26.84 -22.74
N SER C 50 29.15 26.68 -23.74
CA SER C 50 29.56 26.52 -25.13
C SER C 50 29.84 27.88 -25.77
N GLY C 51 29.95 28.89 -24.91
CA GLY C 51 30.30 30.23 -25.36
C GLY C 51 31.75 30.55 -25.02
N GLN C 52 32.28 29.87 -24.01
CA GLN C 52 33.67 30.07 -23.60
C GLN C 52 34.65 29.21 -24.41
N LYS C 53 34.10 28.42 -25.34
CA LYS C 53 34.90 27.63 -26.27
C LYS C 53 35.01 28.36 -27.63
N ALA C 54 34.13 29.33 -27.84
CA ALA C 54 34.13 30.09 -29.09
C ALA C 54 34.79 31.49 -28.97
N MET C 55 35.35 31.79 -27.80
CA MET C 55 36.04 33.07 -27.55
C MET C 55 37.52 32.87 -27.21
N TYR C 56 37.82 31.80 -26.47
CA TYR C 56 39.20 31.49 -26.16
C TYR C 56 39.84 30.77 -27.34
N ALA C 57 39.00 30.18 -28.18
CA ALA C 57 39.49 29.40 -29.32
C ALA C 57 39.64 30.23 -30.59
N LEU C 58 38.86 31.31 -30.70
CA LEU C 58 39.02 32.27 -31.80
C LEU C 58 40.22 33.17 -31.53
N LYS C 59 40.63 33.21 -30.27
CA LYS C 59 41.74 34.05 -29.82
C LYS C 59 43.07 33.30 -29.72
N SER C 60 43.04 31.98 -29.93
CA SER C 60 44.25 31.18 -29.98
C SER C 60 44.61 30.80 -31.42
N LYS C 61 43.80 31.29 -32.36
CA LYS C 61 43.97 31.04 -33.80
C LYS C 61 44.43 29.62 -34.15
N ASP C 62 43.92 28.65 -33.39
CA ASP C 62 44.22 27.23 -33.63
C ASP C 62 43.13 26.63 -34.51
N PHE C 63 43.53 25.74 -35.42
CA PHE C 63 42.59 25.13 -36.36
C PHE C 63 41.67 24.10 -35.68
N LYS C 64 42.06 23.62 -34.51
CA LYS C 64 41.32 22.56 -33.82
C LYS C 64 40.26 23.11 -32.85
N LYS C 65 40.61 24.12 -32.07
CA LYS C 65 39.68 24.71 -31.12
C LYS C 65 38.64 25.61 -31.81
N MET C 66 38.87 25.92 -33.09
CA MET C 66 37.95 26.74 -33.88
C MET C 66 36.92 25.91 -34.63
N SER C 67 37.24 24.67 -34.92
CA SER C 67 36.29 23.74 -35.51
C SER C 67 35.70 22.86 -34.40
N GLU C 68 35.92 23.29 -33.15
CA GLU C 68 35.42 22.60 -31.95
C GLU C 68 34.52 23.51 -31.12
N ALA C 69 34.24 24.71 -31.65
CA ALA C 69 33.39 25.69 -30.98
C ALA C 69 32.53 26.47 -31.98
N LYS C 70 32.61 26.08 -33.25
CA LYS C 70 31.76 26.62 -34.30
C LYS C 70 30.59 25.67 -34.54
N TYR C 71 30.73 24.44 -34.04
CA TYR C 71 29.67 23.43 -34.12
C TYR C 71 29.02 23.28 -32.74
N GLN C 72 29.84 23.44 -31.69
CA GLN C 72 29.35 23.44 -30.31
C GLN C 72 28.44 24.65 -30.12
N LEU C 73 28.73 25.69 -30.89
CA LEU C 73 27.95 26.91 -30.86
C LEU C 73 27.03 27.00 -32.08
N GLN C 74 27.00 25.93 -32.88
CA GLN C 74 26.08 25.85 -34.01
C GLN C 74 25.18 24.61 -33.88
N LYS C 75 25.21 23.99 -32.71
CA LYS C 75 24.24 22.96 -32.37
C LYS C 75 23.23 23.53 -31.39
N ILE C 76 23.67 24.55 -30.64
CA ILE C 76 22.83 25.19 -29.63
C ILE C 76 22.14 26.47 -30.14
N TYR C 77 22.13 26.68 -31.47
CA TYR C 77 21.30 27.70 -32.11
C TYR C 77 20.22 27.01 -32.95
N ASN C 78 20.52 25.79 -33.39
CA ASN C 78 19.54 24.94 -34.05
C ASN C 78 18.65 24.27 -33.02
N GLU C 79 19.10 24.29 -31.77
CA GLU C 79 18.33 23.83 -30.64
C GLU C 79 17.44 24.97 -30.10
N ILE C 80 17.85 26.21 -30.36
CA ILE C 80 17.14 27.38 -29.84
C ILE C 80 16.20 28.00 -30.87
N ASP C 81 16.35 27.62 -32.13
CA ASP C 81 15.39 27.97 -33.16
C ASP C 81 14.29 26.90 -33.22
N GLU C 82 14.59 25.72 -32.66
CA GLU C 82 13.68 24.56 -32.60
C GLU C 82 12.66 24.62 -31.45
N ALA C 83 13.11 25.04 -30.28
CA ALA C 83 12.23 25.24 -29.12
C ALA C 83 11.64 26.64 -29.20
N LEU C 84 11.76 27.24 -30.38
CA LEU C 84 11.14 28.53 -30.69
C LEU C 84 10.25 28.41 -31.92
N LYS C 85 9.78 27.18 -32.19
CA LYS C 85 8.76 26.96 -33.20
C LYS C 85 7.62 26.09 -32.69
N SER C 86 7.70 25.74 -31.41
CA SER C 86 6.55 25.28 -30.63
C SER C 86 6.01 26.44 -29.74
N LYS C 87 6.74 27.57 -29.75
CA LYS C 87 6.35 28.80 -29.06
C LYS C 87 5.98 29.91 -30.06
N TYR C 88 5.98 29.55 -31.35
CA TYR C 88 5.61 30.44 -32.46
C TYR C 88 6.42 31.74 -32.52
#